data_7OH5
#
_entry.id   7OH5
#
_cell.length_a   1.00
_cell.length_b   1.00
_cell.length_c   1.00
_cell.angle_alpha   90.00
_cell.angle_beta   90.00
_cell.angle_gamma   90.00
#
_symmetry.space_group_name_H-M   'P 1'
#
loop_
_entity.id
_entity.type
_entity.pdbx_description
1 polymer 'Probable phospholipid-transporting ATPase DRS2,Probable phospholipid-transporting ATPase DRS2'
2 polymer 'Cell division control protein 50'
3 branched 2-acetamido-2-deoxy-beta-D-glucopyranose-(1-4)-2-acetamido-2-deoxy-beta-D-glucopyranose
4 branched beta-D-mannopyranose-(1-3)-beta-D-mannopyranose-(1-4)-2-acetamido-2-deoxy-beta-D-glucopyranose-(1-4)-2-acetamido-2-deoxy-beta-D-glucopyranose
5 non-polymer 'MAGNESIUM ION'
6 non-polymer 'TETRAFLUOROALUMINATE ION'
7 non-polymer "ADENOSINE-5'-DIPHOSPHATE"
8 non-polymer '(2R)-1-{[(R)-hydroxy{[(1R,2R,3R,4R,5S,6R)-2,3,5,6-tetrahydroxy-4-(phosphonooxy)cyclohexyl]oxy}phosphoryl]oxy}-3-(octadecanoyloxy)propan-2-yl (5Z,8Z,11Z,14Z)-icosa-5,8,11,14-tetraenoate'
9 non-polymer 2-acetamido-2-deoxy-beta-D-glucopyranose
10 water water
#
loop_
_entity_poly.entity_id
_entity_poly.type
_entity_poly.pdbx_seq_one_letter_code
_entity_poly.pdbx_strand_id
1 'polypeptide(L)'
;MNDDRETPPKRKPGEDDTLFDIDFLDDTTSHSGSRSKVTNSHANANYIPPSHVLPEETIDLDADDDNIENDVHENLFMSN
NHDDQTSWNANRFDSDAYQPQSLRAVKPPGLFARFGNGLKNAFTFKRKKGPESFEMNHYNAVTNNELDDNYLDSRNKFNI
KILFNRYILRKNVGDAEGNGEPRVIHINDSLANSSFGYSDNHISTTKYNFATFLPKFLFQEFSKYANLFFLCTSAIQQVP
HVSPTNRYTTIGTLLVVLIVSAMKECIEDIKRANSDKELNNSTAEIFSEAHDDFVEKRWIDIRVGDIIRVKSEEPIPADT
IILSSSEPEGLCYIETANLDGETNLKIKQSRVETAKFIDVKTLKNMNGKVVSEQPNSSLYTYEGTMTLNDRQIPLSPDQM
ILRGATLRNTAWIFGLVIFTGHETKLLRNATATPIKRTAVEKIINRQIIALFTVLIVLILISSIGNVIMSTADAKHLSYL
YLEGTNKAGLFFKDFLTFWILFSNLVPISLFVTVELIKYYQAFMIGSDLDLYYEKTDTPTVVRTSSLVEELGQIEYIFSD
KTGTLTRNIMEFKSCSIAGHCYIDKIPEDKTATVEDGIEVGYRKFDDLKKKLNDPSDEDSPIINDFLTLLATCHTVIPEF
QSDGSIKYQAASPDEGALVQGGADLGYKFIIRKPNSVTVLLEETGEEKEYQLLNICEFNSTRKRMSAIFRFPDGSIKLFC
KGADTVILERLDDEANQYVEATMRHLEDYASEGLRTLCLAMRDISEGEYEEWNSIYNEAATTLDNRAEKLDEAANLIEKN
LILIGATAIEDKLQDGVPETIHTLQEAGIKIWVLTGDRQETAINIGMSCRLLSEDMNLLIINEETRDDTERNLLEKINAL
NEHQLSTHDMNTLALVIDGKSLGFALEPELEDYLLTVAKLCKAVICCRVSPLQKALVVKMVKRKSSSLLLAIGDGANDVS
MIQAAHVGVGISGMEGMQAARSADIAVGQFKFLKKLLLVHGSWSYQRISVAILYSFYKNTALYMTQFWYVFANAFSGQSI
MESWTMSFYNLFFTVWPPFVIGVFDQFVSSRLLERYPQLYKLGQKGQFFSVYIFWGWIINGFFHSAIVFIGTILIYRYGF
ALNMHGELADHWSWGVTVYTTSVIIVLGKAALVTNQWTKFTLIAIPGSLLFWLIFFPIYASIFPHANISREYYGVVKHTY
GSGVFWLTLIVLPIFALVRDFLWKYYKRMYEPETYHVIQEMQKYNISLVPRGSDSRPHVQQFQNAIRKVRQVQRMKKQRG
FAFSQAEEGGQEKIVRMYDTTQKRGKYGELQDASANPFNDNNGLGSNDFESAEPFIENPFADGNQNSNRFSSSRDDISFD
IGGGGLVPRGSGGTAAAPGPAPAPAPASAPAAAAPAGAGTPVTAPLAGTIWKVLASEGQTVAAGEVLLILEAMKMETEIR
AAQAGTVRGIAVKAGDAVAVGDTLM
;
A
2 'polypeptide(L)'
;MVSLFKRGKAPPLTKEGPTSKKPPNTAFRQQRLKAWQPILSPQSVLPLLIFVACIFTPIGIGLIVSATKVQDLTIDYSHC
DTKASTTAFEDIPKKYIKYHFKSKVENKPQWRLTENENGEQSCELQFEIPNDIKKSIFIYYKITNFYQNHRRYVQSFDTK
QILGEPIKKDDLDTSCSPIRSREDKIIYPCGLIANSMFNDTFSQVLSGIDDTEDYNLTNKHISWSIDRHRFKTTKYNASD
IVPPPNWMKKYPDGYTDENLPDIHTWEEFQVWMRTAAFPKFYKLTLKNESASLPKGKYQMNIELNYPISLFGGTKSFVLT
TNGAIGGRNMSLGVLYLIVAGLCALFGIIFLVKLIFQPRAMGDHTYLNFDDEENEDYEDVHAENTTLREILGGGGLVPRG
SGGHHHHHHHHHH
;
C
#
# COMPACT_ATOMS: atom_id res chain seq x y z
N PRO A 182 -33.68 -22.56 -29.44
CA PRO A 182 -33.42 -22.61 -30.88
C PRO A 182 -33.28 -21.22 -31.50
N ARG A 183 -32.07 -20.68 -31.49
CA ARG A 183 -31.82 -19.37 -32.06
C ARG A 183 -32.00 -19.42 -33.57
N VAL A 184 -32.84 -18.54 -34.11
CA VAL A 184 -33.15 -18.50 -35.53
C VAL A 184 -32.59 -17.21 -36.10
N ILE A 185 -31.68 -17.33 -37.06
CA ILE A 185 -31.04 -16.19 -37.70
C ILE A 185 -31.38 -16.23 -39.18
N HIS A 186 -31.70 -15.07 -39.75
CA HIS A 186 -32.02 -14.94 -41.16
C HIS A 186 -30.89 -14.20 -41.87
N ILE A 187 -30.49 -14.72 -43.03
CA ILE A 187 -29.45 -14.07 -43.82
C ILE A 187 -30.03 -12.81 -44.43
N ASN A 188 -29.35 -11.68 -44.18
CA ASN A 188 -29.84 -10.35 -44.58
C ASN A 188 -31.20 -10.14 -43.93
N ASP A 189 -32.06 -9.33 -44.57
CA ASP A 189 -33.40 -9.04 -44.07
C ASP A 189 -33.36 -8.55 -42.63
N SER A 190 -32.94 -7.29 -42.43
CA SER A 190 -32.82 -6.76 -41.08
C SER A 190 -34.18 -6.67 -40.38
N LEU A 191 -35.27 -6.53 -41.14
CA LEU A 191 -36.59 -6.45 -40.54
C LEU A 191 -37.06 -7.78 -39.98
N ALA A 192 -36.47 -8.90 -40.42
CA ALA A 192 -36.91 -10.21 -39.95
C ALA A 192 -36.29 -10.55 -38.60
N ASN A 193 -34.97 -10.39 -38.47
CA ASN A 193 -34.28 -10.75 -37.24
C ASN A 193 -34.35 -9.67 -36.18
N SER A 194 -34.89 -8.49 -36.49
CA SER A 194 -35.01 -7.44 -35.49
C SER A 194 -36.14 -7.71 -34.51
N SER A 195 -37.14 -8.49 -34.92
CA SER A 195 -38.27 -8.78 -34.04
C SER A 195 -37.87 -9.69 -32.87
N PHE A 196 -36.78 -10.46 -33.01
CA PHE A 196 -36.36 -11.32 -31.92
C PHE A 196 -35.77 -10.53 -30.76
N GLY A 197 -35.25 -9.33 -31.04
CA GLY A 197 -34.70 -8.49 -30.00
C GLY A 197 -33.32 -8.91 -29.54
N TYR A 198 -32.35 -8.88 -30.45
CA TYR A 198 -30.98 -9.24 -30.13
C TYR A 198 -30.23 -8.05 -29.56
N SER A 199 -29.02 -8.32 -29.08
CA SER A 199 -28.20 -7.29 -28.45
C SER A 199 -27.48 -6.45 -29.52
N ASP A 200 -26.73 -5.46 -29.05
CA ASP A 200 -25.92 -4.62 -29.91
C ASP A 200 -24.45 -4.75 -29.52
N ASN A 201 -23.56 -4.61 -30.51
CA ASN A 201 -22.14 -4.89 -30.32
C ASN A 201 -21.47 -3.72 -29.59
N HIS A 202 -21.79 -3.61 -28.30
CA HIS A 202 -21.18 -2.62 -27.43
C HIS A 202 -20.41 -3.33 -26.34
N ILE A 203 -19.18 -2.89 -26.10
CA ILE A 203 -18.30 -3.47 -25.09
C ILE A 203 -18.00 -2.39 -24.05
N SER A 204 -18.17 -2.73 -22.78
CA SER A 204 -17.92 -1.80 -21.69
C SER A 204 -17.46 -2.58 -20.47
N THR A 205 -16.24 -2.32 -20.02
CA THR A 205 -15.69 -2.96 -18.83
C THR A 205 -15.65 -2.02 -17.63
N THR A 206 -16.39 -0.91 -17.69
CA THR A 206 -16.41 0.06 -16.61
C THR A 206 -17.29 -0.45 -15.47
N LYS A 207 -16.75 -0.42 -14.25
CA LYS A 207 -17.51 -0.86 -13.09
C LYS A 207 -18.40 0.25 -12.54
N TYR A 208 -17.89 1.48 -12.49
CA TYR A 208 -18.62 2.62 -11.97
C TYR A 208 -19.25 3.39 -13.13
N ASN A 209 -20.57 3.58 -13.05
CA ASN A 209 -21.30 4.35 -14.04
C ASN A 209 -22.12 5.42 -13.33
N PHE A 210 -22.57 6.41 -14.11
CA PHE A 210 -23.27 7.56 -13.56
C PHE A 210 -24.68 7.23 -13.06
N ALA A 211 -25.12 5.98 -13.16
CA ALA A 211 -26.45 5.58 -12.72
C ALA A 211 -26.47 4.97 -11.33
N THR A 212 -25.51 4.11 -11.01
CA THR A 212 -25.42 3.43 -9.72
C THR A 212 -24.01 3.53 -9.15
N PHE A 213 -23.46 4.74 -9.17
CA PHE A 213 -22.12 4.95 -8.63
C PHE A 213 -22.11 4.90 -7.11
N LEU A 214 -22.93 5.75 -6.47
CA LEU A 214 -22.97 5.82 -5.02
C LEU A 214 -23.48 4.54 -4.36
N PRO A 215 -24.56 3.89 -4.84
CA PRO A 215 -25.04 2.68 -4.14
C PRO A 215 -24.00 1.57 -4.03
N LYS A 216 -22.97 1.56 -4.87
CA LYS A 216 -21.93 0.54 -4.77
C LYS A 216 -20.59 1.07 -4.28
N PHE A 217 -20.33 2.37 -4.41
CA PHE A 217 -19.07 2.92 -3.91
C PHE A 217 -19.11 3.09 -2.40
N LEU A 218 -20.26 3.53 -1.85
CA LEU A 218 -20.36 3.69 -0.41
C LEU A 218 -20.34 2.35 0.31
N PHE A 219 -20.99 1.34 -0.27
CA PHE A 219 -20.97 0.01 0.34
C PHE A 219 -19.57 -0.60 0.28
N GLN A 220 -18.76 -0.19 -0.68
CA GLN A 220 -17.39 -0.69 -0.78
C GLN A 220 -16.45 0.09 0.14
N GLU A 221 -16.67 1.40 0.28
CA GLU A 221 -15.77 2.22 1.08
C GLU A 221 -16.02 2.05 2.58
N PHE A 222 -17.27 1.83 2.97
CA PHE A 222 -17.61 1.65 4.38
C PHE A 222 -17.44 0.21 4.85
N SER A 223 -16.86 -0.66 4.02
CA SER A 223 -16.62 -2.04 4.44
C SER A 223 -15.33 -2.19 5.24
N LYS A 224 -14.43 -1.22 5.17
CA LYS A 224 -13.18 -1.28 5.92
C LYS A 224 -13.41 -0.90 7.37
N TYR A 225 -12.35 -0.96 8.17
CA TYR A 225 -12.47 -0.72 9.60
C TYR A 225 -12.46 0.78 9.92
N ALA A 226 -11.48 1.51 9.38
CA ALA A 226 -11.33 2.92 9.73
C ALA A 226 -12.51 3.74 9.24
N ASN A 227 -13.05 3.42 8.07
CA ASN A 227 -14.16 4.20 7.52
C ASN A 227 -15.44 3.95 8.30
N LEU A 228 -15.69 2.69 8.68
CA LEU A 228 -16.89 2.37 9.43
C LEU A 228 -16.80 2.89 10.86
N PHE A 229 -15.59 2.99 11.40
CA PHE A 229 -15.41 3.52 12.75
C PHE A 229 -15.74 5.00 12.82
N PHE A 230 -15.24 5.78 11.85
CA PHE A 230 -15.50 7.21 11.87
C PHE A 230 -16.90 7.54 11.37
N LEU A 231 -17.58 6.58 10.75
CA LEU A 231 -18.99 6.79 10.41
C LEU A 231 -19.86 6.75 11.66
N CYS A 232 -19.58 5.81 12.56
CA CYS A 232 -20.33 5.75 13.81
C CYS A 232 -19.92 6.89 14.75
N THR A 233 -18.66 7.34 14.64
CA THR A 233 -18.21 8.46 15.45
C THR A 233 -18.94 9.74 15.08
N SER A 234 -19.13 9.97 13.78
CA SER A 234 -19.85 11.15 13.33
C SER A 234 -21.34 11.07 13.69
N ALA A 235 -21.93 9.88 13.63
CA ALA A 235 -23.32 9.73 14.03
C ALA A 235 -23.50 9.91 15.53
N ILE A 236 -22.48 9.57 16.32
CA ILE A 236 -22.54 9.79 17.76
C ILE A 236 -22.35 11.27 18.07
N GLN A 237 -21.52 11.96 17.28
CA GLN A 237 -21.20 13.37 17.52
C GLN A 237 -22.39 14.29 17.29
N GLN A 238 -23.52 13.77 16.81
CA GLN A 238 -24.70 14.59 16.52
C GLN A 238 -25.71 14.60 17.66
N VAL A 239 -25.27 14.32 18.89
CA VAL A 239 -26.14 14.44 20.05
C VAL A 239 -25.77 15.71 20.80
N PRO A 240 -26.71 16.37 21.47
CA PRO A 240 -26.43 17.67 22.07
C PRO A 240 -25.61 17.57 23.35
N HIS A 241 -24.75 18.59 23.54
CA HIS A 241 -23.97 18.75 24.77
C HIS A 241 -23.07 17.54 25.03
N VAL A 242 -22.43 17.03 23.98
CA VAL A 242 -21.56 15.88 24.10
C VAL A 242 -20.27 16.12 23.33
N SER A 243 -20.40 16.67 22.13
CA SER A 243 -19.24 16.89 21.27
C SER A 243 -18.29 17.92 21.88
N PRO A 244 -17.03 17.57 22.17
CA PRO A 244 -16.09 18.57 22.68
C PRO A 244 -15.57 19.53 21.61
N THR A 245 -15.86 19.27 20.34
CA THR A 245 -15.43 20.16 19.25
C THR A 245 -16.64 20.48 18.40
N ASN A 246 -16.40 20.83 17.14
CA ASN A 246 -17.48 21.17 16.23
C ASN A 246 -18.27 19.92 15.84
N ARG A 247 -19.51 20.14 15.39
CA ARG A 247 -20.36 19.03 14.97
C ARG A 247 -19.90 18.40 13.67
N TYR A 248 -19.09 19.11 12.88
CA TYR A 248 -18.69 18.64 11.56
C TYR A 248 -17.16 18.56 11.44
N THR A 249 -16.47 18.34 12.56
CA THR A 249 -15.01 18.24 12.50
C THR A 249 -14.54 16.85 12.08
N THR A 250 -15.40 15.84 12.17
CA THR A 250 -15.07 14.49 11.75
C THR A 250 -15.70 14.09 10.43
N ILE A 251 -16.96 14.45 10.19
CA ILE A 251 -17.58 14.14 8.91
C ILE A 251 -16.99 15.00 7.81
N GLY A 252 -16.42 16.15 8.16
CA GLY A 252 -15.72 16.94 7.16
C GLY A 252 -14.41 16.29 6.73
N THR A 253 -13.64 15.79 7.70
CA THR A 253 -12.42 15.07 7.37
C THR A 253 -12.72 13.74 6.69
N LEU A 254 -13.84 13.12 7.05
CA LEU A 254 -14.21 11.85 6.44
C LEU A 254 -14.51 12.01 4.95
N LEU A 255 -15.18 13.10 4.58
CA LEU A 255 -15.50 13.33 3.17
C LEU A 255 -14.26 13.70 2.36
N VAL A 256 -13.25 14.30 3.00
CA VAL A 256 -12.04 14.66 2.28
C VAL A 256 -11.29 13.41 1.84
N VAL A 257 -11.07 12.48 2.77
CA VAL A 257 -10.39 11.24 2.40
C VAL A 257 -11.29 10.34 1.56
N LEU A 258 -12.59 10.62 1.56
CA LEU A 258 -13.50 9.81 0.74
C LEU A 258 -13.44 10.23 -0.72
N ILE A 259 -13.33 11.54 -0.99
CA ILE A 259 -13.26 11.99 -2.37
C ILE A 259 -11.87 11.76 -2.96
N VAL A 260 -10.83 11.74 -2.12
CA VAL A 260 -9.50 11.37 -2.61
C VAL A 260 -9.49 9.92 -3.05
N SER A 261 -10.21 9.06 -2.33
CA SER A 261 -10.35 7.67 -2.76
C SER A 261 -11.33 7.56 -3.93
N ALA A 262 -12.31 8.47 -4.00
CA ALA A 262 -13.30 8.41 -5.07
C ALA A 262 -12.71 8.86 -6.40
N MET A 263 -11.81 9.86 -6.39
CA MET A 263 -11.25 10.33 -7.64
C MET A 263 -10.30 9.30 -8.26
N LYS A 264 -9.65 8.50 -7.43
CA LYS A 264 -8.80 7.44 -7.95
C LYS A 264 -9.63 6.27 -8.47
N GLU A 265 -10.77 5.99 -7.83
CA GLU A 265 -11.70 4.99 -8.35
C GLU A 265 -12.37 5.46 -9.63
N CYS A 266 -12.40 6.76 -9.89
CA CYS A 266 -13.00 7.29 -11.11
C CYS A 266 -11.99 7.44 -12.24
N ILE A 267 -10.72 7.72 -11.91
CA ILE A 267 -9.70 7.81 -12.95
C ILE A 267 -9.49 6.47 -13.64
N GLU A 268 -9.50 5.38 -12.86
CA GLU A 268 -9.32 4.07 -13.46
C GLU A 268 -10.49 3.71 -14.37
N ASP A 269 -11.70 4.19 -14.04
CA ASP A 269 -12.85 3.96 -14.91
C ASP A 269 -12.78 4.81 -16.15
N ILE A 270 -12.07 5.94 -16.11
CA ILE A 270 -11.86 6.74 -17.32
C ILE A 270 -10.96 5.99 -18.28
N LYS A 271 -9.89 5.37 -17.78
CA LYS A 271 -9.03 4.57 -18.65
C LYS A 271 -9.75 3.35 -19.20
N ARG A 272 -10.62 2.74 -18.39
CA ARG A 272 -11.43 1.64 -18.89
C ARG A 272 -12.42 2.11 -19.94
N ALA A 273 -13.05 3.27 -19.71
CA ALA A 273 -13.97 3.82 -20.71
C ALA A 273 -13.22 4.29 -21.95
N ASN A 274 -11.99 4.77 -21.79
CA ASN A 274 -11.19 5.16 -22.94
C ASN A 274 -10.78 3.95 -23.77
N SER A 275 -10.48 2.83 -23.10
CA SER A 275 -10.11 1.63 -23.83
C SER A 275 -11.32 1.02 -24.55
N ASP A 276 -12.50 1.08 -23.93
CA ASP A 276 -13.71 0.58 -24.57
C ASP A 276 -14.16 1.46 -25.71
N LYS A 277 -13.75 2.74 -25.73
CA LYS A 277 -14.13 3.63 -26.83
C LYS A 277 -13.42 3.24 -28.12
N GLU A 278 -12.17 2.79 -28.03
CA GLU A 278 -11.45 2.37 -29.23
C GLU A 278 -12.08 1.14 -29.86
N LEU A 279 -12.51 0.18 -29.04
CA LEU A 279 -13.14 -1.01 -29.57
C LEU A 279 -14.48 -0.72 -30.23
N ASN A 280 -15.10 0.41 -29.91
CA ASN A 280 -16.32 0.84 -30.56
C ASN A 280 -16.09 1.90 -31.62
N ASN A 281 -14.83 2.23 -31.91
CA ASN A 281 -14.48 3.25 -32.89
C ASN A 281 -13.89 2.68 -34.17
N SER A 282 -13.41 1.44 -34.16
CA SER A 282 -12.81 0.84 -35.34
C SER A 282 -13.87 0.62 -36.41
N THR A 283 -13.39 0.42 -37.65
CA THR A 283 -14.26 0.35 -38.81
C THR A 283 -14.69 -1.09 -39.09
N ALA A 284 -15.89 -1.23 -39.65
CA ALA A 284 -16.44 -2.54 -40.00
C ALA A 284 -17.45 -2.33 -41.12
N GLU A 285 -17.08 -2.75 -42.33
CA GLU A 285 -17.93 -2.54 -43.50
C GLU A 285 -18.99 -3.62 -43.58
N ILE A 286 -20.25 -3.20 -43.64
CA ILE A 286 -21.40 -4.09 -43.63
C ILE A 286 -22.06 -4.05 -45.00
N PHE A 287 -22.38 -5.24 -45.53
CA PHE A 287 -23.04 -5.33 -46.83
C PHE A 287 -24.47 -4.78 -46.71
N SER A 288 -24.73 -3.68 -47.41
CA SER A 288 -26.05 -3.06 -47.43
C SER A 288 -26.76 -3.49 -48.71
N GLU A 289 -27.89 -4.19 -48.55
CA GLU A 289 -28.65 -4.66 -49.70
C GLU A 289 -29.25 -3.52 -50.52
N ALA A 290 -29.48 -2.37 -49.91
CA ALA A 290 -30.02 -1.22 -50.63
C ALA A 290 -28.97 -0.55 -51.51
N HIS A 291 -27.68 -0.76 -51.23
CA HIS A 291 -26.61 -0.18 -52.02
C HIS A 291 -25.85 -1.20 -52.85
N ASP A 292 -26.04 -2.49 -52.60
CA ASP A 292 -25.38 -3.57 -53.35
C ASP A 292 -23.87 -3.45 -53.25
N ASP A 293 -23.38 -3.05 -52.08
CA ASP A 293 -21.95 -2.89 -51.84
C ASP A 293 -21.73 -2.74 -50.33
N PHE A 294 -20.51 -3.02 -49.90
CA PHE A 294 -20.17 -2.92 -48.49
C PHE A 294 -20.08 -1.44 -48.08
N VAL A 295 -20.91 -1.04 -47.12
CA VAL A 295 -20.91 0.32 -46.60
C VAL A 295 -20.21 0.30 -45.25
N GLU A 296 -19.23 1.19 -45.07
CA GLU A 296 -18.47 1.21 -43.83
C GLU A 296 -19.32 1.75 -42.69
N LYS A 297 -19.27 1.07 -41.55
CA LYS A 297 -19.99 1.47 -40.35
C LYS A 297 -19.08 1.23 -39.15
N ARG A 298 -19.66 1.28 -37.96
CA ARG A 298 -18.94 1.04 -36.71
C ARG A 298 -19.35 -0.32 -36.14
N TRP A 299 -18.55 -0.80 -35.18
CA TRP A 299 -18.86 -2.08 -34.54
C TRP A 299 -20.20 -2.04 -33.84
N ILE A 300 -20.51 -0.92 -33.16
CA ILE A 300 -21.79 -0.79 -32.47
C ILE A 300 -22.98 -0.78 -33.42
N ASP A 301 -22.74 -0.66 -34.72
CA ASP A 301 -23.80 -0.71 -35.72
C ASP A 301 -23.97 -2.10 -36.33
N ILE A 302 -23.14 -3.06 -35.93
CA ILE A 302 -23.23 -4.41 -36.47
C ILE A 302 -24.42 -5.13 -35.85
N ARG A 303 -25.26 -5.70 -36.69
CA ARG A 303 -26.47 -6.40 -36.25
C ARG A 303 -26.38 -7.87 -36.63
N VAL A 304 -27.08 -8.71 -35.88
CA VAL A 304 -27.08 -10.14 -36.13
C VAL A 304 -27.74 -10.40 -37.49
N GLY A 305 -27.00 -11.05 -38.39
CA GLY A 305 -27.48 -11.35 -39.73
C GLY A 305 -26.88 -10.51 -40.82
N ASP A 306 -25.99 -9.57 -40.49
CA ASP A 306 -25.37 -8.71 -41.48
C ASP A 306 -24.06 -9.33 -41.98
N ILE A 307 -23.90 -9.39 -43.29
CA ILE A 307 -22.69 -9.95 -43.89
C ILE A 307 -21.60 -8.90 -43.83
N ILE A 308 -20.48 -9.23 -43.18
CA ILE A 308 -19.36 -8.32 -43.02
C ILE A 308 -18.18 -8.83 -43.83
N ARG A 309 -17.30 -7.91 -44.21
CA ARG A 309 -16.07 -8.23 -44.94
C ARG A 309 -14.88 -7.84 -44.07
N VAL A 310 -14.14 -8.83 -43.58
CA VAL A 310 -12.99 -8.62 -42.72
C VAL A 310 -11.73 -8.76 -43.57
N LYS A 311 -10.85 -7.76 -43.49
CA LYS A 311 -9.61 -7.77 -44.25
C LYS A 311 -8.52 -8.47 -43.45
N SER A 312 -7.28 -8.40 -43.92
CA SER A 312 -6.17 -9.09 -43.28
C SER A 312 -5.59 -8.28 -42.13
N GLU A 313 -5.09 -9.00 -41.13
CA GLU A 313 -4.40 -8.42 -39.98
C GLU A 313 -5.30 -7.46 -39.19
N GLU A 314 -6.60 -7.72 -39.20
CA GLU A 314 -7.53 -6.94 -38.39
C GLU A 314 -8.45 -7.88 -37.62
N PRO A 315 -8.77 -7.55 -36.38
CA PRO A 315 -9.52 -8.50 -35.54
C PRO A 315 -10.97 -8.65 -35.98
N ILE A 316 -11.58 -9.72 -35.51
CA ILE A 316 -12.97 -10.06 -35.82
C ILE A 316 -13.88 -9.32 -34.85
N PRO A 317 -14.96 -8.69 -35.32
CA PRO A 317 -15.81 -7.92 -34.40
C PRO A 317 -16.79 -8.78 -33.61
N ALA A 318 -17.21 -9.91 -34.16
CA ALA A 318 -18.22 -10.73 -33.52
C ALA A 318 -18.07 -12.17 -34.01
N ASP A 319 -18.90 -13.05 -33.45
CA ASP A 319 -18.89 -14.47 -33.82
C ASP A 319 -19.51 -14.62 -35.20
N THR A 320 -18.65 -14.80 -36.21
CA THR A 320 -19.08 -14.88 -37.60
C THR A 320 -18.64 -16.20 -38.22
N ILE A 321 -19.53 -16.81 -38.99
CA ILE A 321 -19.18 -17.99 -39.76
C ILE A 321 -18.54 -17.58 -41.07
N ILE A 322 -17.63 -18.40 -41.57
CA ILE A 322 -16.88 -18.09 -42.78
C ILE A 322 -17.70 -18.55 -43.98
N LEU A 323 -18.08 -17.60 -44.84
CA LEU A 323 -18.83 -17.92 -46.04
C LEU A 323 -17.91 -18.15 -47.24
N SER A 324 -16.96 -17.24 -47.46
CA SER A 324 -16.01 -17.37 -48.55
C SER A 324 -14.82 -16.47 -48.26
N SER A 325 -13.73 -16.72 -48.98
CA SER A 325 -12.50 -15.95 -48.79
C SER A 325 -11.72 -15.97 -50.10
N SER A 326 -10.49 -15.45 -50.05
CA SER A 326 -9.66 -15.38 -51.25
C SER A 326 -9.15 -16.75 -51.68
N GLU A 327 -9.06 -17.70 -50.75
CA GLU A 327 -8.52 -19.01 -51.08
C GLU A 327 -9.49 -19.77 -52.00
N PRO A 328 -8.98 -20.68 -52.82
CA PRO A 328 -9.86 -21.41 -53.75
C PRO A 328 -10.91 -22.26 -53.05
N GLU A 329 -10.61 -22.77 -51.87
CA GLU A 329 -11.56 -23.59 -51.13
C GLU A 329 -12.40 -22.78 -50.15
N GLY A 330 -11.92 -21.63 -49.71
CA GLY A 330 -12.64 -20.82 -48.76
C GLY A 330 -12.13 -20.89 -47.34
N LEU A 331 -10.87 -21.27 -47.14
CA LEU A 331 -10.30 -21.39 -45.82
C LEU A 331 -9.59 -20.09 -45.41
N CYS A 332 -9.23 -20.02 -44.14
CA CYS A 332 -8.57 -18.83 -43.62
C CYS A 332 -7.69 -19.22 -42.44
N TYR A 333 -6.71 -18.36 -42.15
CA TYR A 333 -5.76 -18.57 -41.05
C TYR A 333 -5.99 -17.49 -40.01
N ILE A 334 -6.55 -17.88 -38.86
CA ILE A 334 -6.87 -16.95 -37.80
C ILE A 334 -5.95 -17.23 -36.61
N GLU A 335 -5.70 -16.18 -35.82
CA GLU A 335 -4.87 -16.27 -34.62
C GLU A 335 -5.79 -16.00 -33.42
N THR A 336 -6.28 -17.06 -32.79
CA THR A 336 -7.24 -16.95 -31.69
C THR A 336 -6.48 -16.71 -30.38
N ALA A 337 -5.89 -15.53 -30.28
CA ALA A 337 -5.26 -15.09 -29.05
C ALA A 337 -6.31 -14.38 -28.19
N ASN A 338 -5.88 -13.51 -27.27
CA ASN A 338 -6.79 -12.71 -26.44
C ASN A 338 -7.67 -13.60 -25.58
N LEU A 339 -8.58 -14.36 -26.21
CA LEU A 339 -9.39 -15.30 -25.46
C LEU A 339 -8.57 -16.44 -24.90
N ASP A 340 -7.48 -16.80 -25.58
CA ASP A 340 -6.55 -17.83 -25.14
C ASP A 340 -5.14 -17.26 -25.15
N GLY A 341 -4.17 -18.10 -24.81
CA GLY A 341 -2.77 -17.71 -24.83
C GLY A 341 -1.98 -18.18 -26.03
N GLU A 342 -2.64 -18.77 -27.03
CA GLU A 342 -1.92 -19.28 -28.19
C GLU A 342 -1.39 -18.14 -29.05
N THR A 343 -0.37 -18.46 -29.85
CA THR A 343 0.22 -17.50 -30.77
C THR A 343 0.24 -18.07 -32.18
N ASN A 344 0.21 -19.40 -32.27
CA ASN A 344 0.23 -20.07 -33.57
C ASN A 344 -1.09 -19.82 -34.31
N LEU A 345 -1.13 -20.27 -35.56
CA LEU A 345 -2.26 -20.07 -36.44
C LEU A 345 -3.15 -21.30 -36.48
N LYS A 346 -4.40 -21.08 -36.89
CA LYS A 346 -5.39 -22.13 -37.05
C LYS A 346 -5.91 -22.11 -38.49
N ILE A 347 -6.81 -23.02 -38.81
CA ILE A 347 -7.37 -23.15 -40.15
C ILE A 347 -8.86 -23.41 -40.03
N LYS A 348 -9.67 -22.51 -40.60
CA LYS A 348 -11.12 -22.65 -40.61
C LYS A 348 -11.58 -22.76 -42.05
N GLN A 349 -12.17 -23.90 -42.40
CA GLN A 349 -12.62 -24.16 -43.76
C GLN A 349 -14.11 -23.83 -43.90
N SER A 350 -14.50 -23.53 -45.14
CA SER A 350 -15.86 -23.14 -45.45
C SER A 350 -16.59 -24.28 -46.17
N ARG A 351 -17.92 -24.29 -46.04
CA ARG A 351 -18.72 -25.30 -46.71
C ARG A 351 -18.64 -25.11 -48.22
N VAL A 352 -18.79 -26.22 -48.95
CA VAL A 352 -18.71 -26.18 -50.40
C VAL A 352 -19.91 -25.47 -51.00
N GLU A 353 -21.05 -25.42 -50.30
CA GLU A 353 -22.22 -24.74 -50.82
C GLU A 353 -22.07 -23.23 -50.71
N THR A 354 -21.47 -22.74 -49.63
CA THR A 354 -21.34 -21.30 -49.41
C THR A 354 -20.06 -20.72 -49.98
N ALA A 355 -19.07 -21.55 -50.33
CA ALA A 355 -17.83 -21.04 -50.89
C ALA A 355 -17.98 -20.60 -52.34
N LYS A 356 -19.15 -20.80 -52.94
CA LYS A 356 -19.36 -20.37 -54.33
C LYS A 356 -19.55 -18.87 -54.42
N PHE A 357 -20.23 -18.26 -53.45
CA PHE A 357 -20.51 -16.82 -53.45
C PHE A 357 -19.23 -16.08 -53.09
N ILE A 358 -18.44 -15.76 -54.11
CA ILE A 358 -17.20 -15.03 -53.93
C ILE A 358 -17.32 -13.58 -54.37
N ASP A 359 -18.11 -13.32 -55.41
CA ASP A 359 -18.27 -11.96 -55.91
C ASP A 359 -19.11 -11.13 -54.95
N VAL A 360 -18.83 -9.82 -54.95
CA VAL A 360 -19.56 -8.92 -54.06
C VAL A 360 -20.98 -8.69 -54.55
N LYS A 361 -21.17 -8.63 -55.87
CA LYS A 361 -22.47 -8.31 -56.43
C LYS A 361 -23.46 -9.47 -56.30
N THR A 362 -22.96 -10.71 -56.27
CA THR A 362 -23.84 -11.87 -56.18
C THR A 362 -24.24 -12.20 -54.75
N LEU A 363 -23.81 -11.41 -53.77
CA LEU A 363 -24.21 -11.68 -52.38
C LEU A 363 -25.70 -11.45 -52.15
N LYS A 364 -26.36 -10.66 -53.00
CA LYS A 364 -27.78 -10.41 -52.85
C LYS A 364 -28.64 -11.63 -53.15
N ASN A 365 -28.07 -12.66 -53.78
CA ASN A 365 -28.81 -13.88 -54.08
C ASN A 365 -28.82 -14.88 -52.94
N MET A 366 -27.94 -14.71 -51.95
CA MET A 366 -27.89 -15.63 -50.81
C MET A 366 -29.05 -15.34 -49.87
N ASN A 367 -29.79 -16.39 -49.52
CA ASN A 367 -30.92 -16.26 -48.61
C ASN A 367 -31.20 -17.61 -47.98
N GLY A 368 -31.84 -17.57 -46.81
CA GLY A 368 -32.20 -18.75 -46.08
C GLY A 368 -32.10 -18.51 -44.59
N LYS A 369 -32.38 -19.57 -43.82
CA LYS A 369 -32.35 -19.51 -42.37
C LYS A 369 -31.04 -20.09 -41.84
N VAL A 370 -30.60 -19.58 -40.70
CA VAL A 370 -29.39 -20.05 -40.03
C VAL A 370 -29.79 -20.38 -38.58
N VAL A 371 -30.11 -21.64 -38.34
CA VAL A 371 -30.47 -22.09 -37.00
C VAL A 371 -29.19 -22.35 -36.20
N SER A 372 -29.03 -21.64 -35.10
CA SER A 372 -27.83 -21.73 -34.28
C SER A 372 -28.22 -22.02 -32.83
N GLU A 373 -27.21 -22.34 -32.03
CA GLU A 373 -27.42 -22.61 -30.61
C GLU A 373 -27.51 -21.30 -29.84
N GLN A 374 -27.94 -21.41 -28.58
CA GLN A 374 -28.01 -20.24 -27.72
C GLN A 374 -26.60 -19.83 -27.31
N PRO A 375 -26.42 -18.56 -26.93
CA PRO A 375 -25.09 -18.08 -26.52
C PRO A 375 -24.54 -18.89 -25.36
N ASN A 376 -23.40 -19.53 -25.59
CA ASN A 376 -22.74 -20.38 -24.60
C ASN A 376 -21.35 -19.83 -24.31
N SER A 377 -20.55 -20.60 -23.57
CA SER A 377 -19.19 -20.23 -23.24
C SER A 377 -18.16 -21.22 -23.75
N SER A 378 -18.56 -22.28 -24.43
CA SER A 378 -17.63 -23.28 -24.95
C SER A 378 -16.87 -22.69 -26.14
N LEU A 379 -15.58 -22.45 -25.96
CA LEU A 379 -14.76 -21.85 -27.02
C LEU A 379 -14.47 -22.81 -28.17
N TYR A 380 -14.72 -24.10 -28.00
CA TYR A 380 -14.36 -25.10 -29.00
C TYR A 380 -15.56 -25.99 -29.36
N THR A 381 -16.77 -25.45 -29.32
CA THR A 381 -17.96 -26.24 -29.62
C THR A 381 -18.98 -25.37 -30.32
N TYR A 382 -19.60 -25.91 -31.37
CA TYR A 382 -20.65 -25.21 -32.10
C TYR A 382 -21.43 -26.24 -32.91
N GLU A 383 -22.76 -26.10 -32.89
CA GLU A 383 -23.63 -27.06 -33.55
C GLU A 383 -24.75 -26.34 -34.30
N GLY A 384 -24.38 -25.32 -35.06
CA GLY A 384 -25.34 -24.55 -35.82
C GLY A 384 -25.85 -25.31 -37.04
N THR A 385 -26.74 -24.66 -37.77
CA THR A 385 -27.33 -25.23 -38.98
C THR A 385 -27.70 -24.10 -39.92
N MET A 386 -27.09 -24.08 -41.10
CA MET A 386 -27.33 -23.04 -42.10
C MET A 386 -28.07 -23.65 -43.28
N THR A 387 -29.19 -23.03 -43.65
CA THR A 387 -30.00 -23.49 -44.78
C THR A 387 -29.75 -22.54 -45.95
N LEU A 388 -28.72 -22.84 -46.72
CA LEU A 388 -28.40 -22.04 -47.89
C LEU A 388 -29.44 -22.27 -48.99
N ASN A 389 -29.87 -21.18 -49.62
CA ASN A 389 -30.89 -21.22 -50.65
C ASN A 389 -32.15 -21.90 -50.15
N ASP A 390 -32.31 -23.19 -50.45
CA ASP A 390 -33.47 -23.93 -49.98
C ASP A 390 -33.10 -25.32 -49.45
N ARG A 391 -31.83 -25.62 -49.25
CA ARG A 391 -31.38 -26.90 -48.73
C ARG A 391 -30.41 -26.66 -47.59
N GLN A 392 -30.62 -27.36 -46.48
CA GLN A 392 -29.80 -27.16 -45.29
C GLN A 392 -28.50 -27.95 -45.38
N ILE A 393 -27.45 -27.41 -44.76
CA ILE A 393 -26.16 -28.07 -44.69
C ILE A 393 -25.68 -28.07 -43.24
N PRO A 394 -25.01 -29.11 -42.77
CA PRO A 394 -24.57 -29.13 -41.38
C PRO A 394 -23.37 -28.22 -41.15
N LEU A 395 -23.25 -27.74 -39.92
CA LEU A 395 -22.17 -26.86 -39.51
C LEU A 395 -21.22 -27.63 -38.57
N SER A 396 -20.22 -26.92 -38.07
CA SER A 396 -19.19 -27.51 -37.23
C SER A 396 -18.43 -26.37 -36.54
N PRO A 397 -17.75 -26.65 -35.43
CA PRO A 397 -16.93 -25.61 -34.79
C PRO A 397 -15.76 -25.16 -35.63
N ASP A 398 -15.49 -25.82 -36.76
CA ASP A 398 -14.45 -25.39 -37.69
C ASP A 398 -14.90 -24.24 -38.58
N GLN A 399 -16.15 -23.82 -38.47
CA GLN A 399 -16.72 -22.72 -39.26
C GLN A 399 -17.24 -21.62 -38.35
N MET A 400 -16.53 -21.36 -37.25
CA MET A 400 -16.91 -20.34 -36.29
C MET A 400 -15.65 -19.64 -35.79
N ILE A 401 -15.61 -18.32 -35.94
CA ILE A 401 -14.49 -17.51 -35.48
C ILE A 401 -14.94 -16.69 -34.28
N LEU A 402 -14.13 -16.71 -33.22
CA LEU A 402 -14.46 -15.98 -32.02
C LEU A 402 -14.14 -14.50 -32.18
N ARG A 403 -14.69 -13.69 -31.27
CA ARG A 403 -14.49 -12.24 -31.35
C ARG A 403 -13.04 -11.87 -31.08
N GLY A 404 -12.40 -12.54 -30.13
CA GLY A 404 -11.01 -12.23 -29.80
C GLY A 404 -10.00 -12.69 -30.81
N ALA A 405 -10.42 -13.37 -31.88
CA ALA A 405 -9.49 -13.88 -32.88
C ALA A 405 -8.95 -12.73 -33.73
N THR A 406 -8.12 -13.09 -34.71
CA THR A 406 -7.51 -12.11 -35.60
C THR A 406 -7.11 -12.81 -36.88
N LEU A 407 -7.58 -12.31 -38.02
CA LEU A 407 -7.18 -12.85 -39.30
C LEU A 407 -5.71 -12.52 -39.56
N ARG A 408 -4.98 -13.49 -40.11
CA ARG A 408 -3.53 -13.40 -40.20
C ARG A 408 -3.01 -13.30 -41.62
N ASN A 409 -3.36 -14.24 -42.49
CA ASN A 409 -2.78 -14.30 -43.83
C ASN A 409 -3.78 -14.10 -44.96
N THR A 410 -5.01 -14.56 -44.83
CA THR A 410 -5.97 -14.44 -45.92
C THR A 410 -6.32 -12.96 -46.15
N ALA A 411 -6.54 -12.62 -47.42
CA ALA A 411 -6.76 -11.22 -47.79
C ALA A 411 -8.08 -10.70 -47.23
N TRP A 412 -9.18 -11.37 -47.53
CA TRP A 412 -10.48 -10.91 -47.07
C TRP A 412 -11.38 -12.11 -46.80
N ILE A 413 -12.31 -11.92 -45.85
CA ILE A 413 -13.26 -12.96 -45.43
C ILE A 413 -14.66 -12.36 -45.44
N PHE A 414 -15.63 -13.14 -45.93
CA PHE A 414 -17.03 -12.78 -45.84
C PHE A 414 -17.66 -13.56 -44.70
N GLY A 415 -18.13 -12.85 -43.67
CA GLY A 415 -18.66 -13.48 -42.48
C GLY A 415 -20.10 -13.10 -42.22
N LEU A 416 -20.83 -14.02 -41.58
CA LEU A 416 -22.23 -13.80 -41.20
C LEU A 416 -22.31 -13.79 -39.68
N VAL A 417 -22.68 -12.64 -39.12
CA VAL A 417 -22.69 -12.48 -37.67
C VAL A 417 -23.83 -13.29 -37.06
N ILE A 418 -23.53 -14.00 -35.97
CA ILE A 418 -24.50 -14.80 -35.24
C ILE A 418 -24.66 -14.31 -33.81
N PHE A 419 -23.56 -14.16 -33.09
CA PHE A 419 -23.55 -13.64 -31.73
C PHE A 419 -22.89 -12.27 -31.71
N THR A 420 -23.50 -11.33 -30.99
CA THR A 420 -23.02 -9.96 -30.98
C THR A 420 -23.04 -9.41 -29.56
N GLY A 421 -22.24 -8.37 -29.33
CA GLY A 421 -22.22 -7.72 -28.03
C GLY A 421 -21.58 -8.59 -26.98
N HIS A 422 -22.17 -8.59 -25.78
CA HIS A 422 -21.70 -9.43 -24.70
C HIS A 422 -22.14 -10.88 -24.83
N GLU A 423 -23.03 -11.20 -25.78
CA GLU A 423 -23.43 -12.57 -26.01
C GLU A 423 -22.35 -13.39 -26.69
N THR A 424 -21.29 -12.75 -27.19
CA THR A 424 -20.20 -13.48 -27.81
C THR A 424 -19.42 -14.27 -26.78
N LYS A 425 -18.78 -15.35 -27.24
CA LYS A 425 -18.04 -16.24 -26.36
C LYS A 425 -16.75 -15.62 -25.82
N LEU A 426 -16.48 -14.35 -26.11
CA LEU A 426 -15.30 -13.68 -25.57
C LEU A 426 -15.60 -12.99 -24.24
N LEU A 427 -16.76 -12.34 -24.12
CA LEU A 427 -17.13 -11.65 -22.90
C LEU A 427 -18.19 -12.38 -22.09
N ARG A 428 -18.99 -13.24 -22.72
CA ARG A 428 -19.98 -14.02 -21.97
C ARG A 428 -19.30 -14.99 -21.01
N ASN A 429 -18.11 -15.48 -21.36
CA ASN A 429 -17.33 -16.36 -20.50
C ASN A 429 -16.40 -15.50 -19.65
N ALA A 430 -17.00 -14.84 -18.66
CA ALA A 430 -16.25 -13.94 -17.78
C ALA A 430 -15.36 -14.72 -16.83
N THR A 431 -14.39 -14.03 -16.26
CA THR A 431 -13.43 -14.61 -15.33
C THR A 431 -13.49 -13.88 -14.00
N ALA A 432 -12.84 -14.49 -13.00
CA ALA A 432 -12.76 -13.92 -11.66
C ALA A 432 -11.30 -13.85 -11.23
N THR A 433 -10.99 -12.86 -10.39
CA THR A 433 -9.65 -12.64 -9.91
C THR A 433 -9.60 -12.77 -8.40
N PRO A 434 -8.67 -13.56 -7.86
CA PRO A 434 -8.57 -13.70 -6.40
C PRO A 434 -7.88 -12.51 -5.76
N ILE A 435 -8.10 -12.38 -4.46
CA ILE A 435 -7.52 -11.31 -3.66
C ILE A 435 -6.45 -11.91 -2.75
N LYS A 436 -5.25 -11.35 -2.80
CA LYS A 436 -4.11 -11.84 -2.02
C LYS A 436 -3.77 -10.82 -0.94
N ARG A 437 -3.65 -11.30 0.29
CA ARG A 437 -3.22 -10.48 1.42
C ARG A 437 -1.72 -10.67 1.65
N THR A 438 -1.10 -9.65 2.24
CA THR A 438 0.34 -9.62 2.43
C THR A 438 0.67 -9.74 3.91
N ALA A 439 1.97 -9.87 4.19
CA ALA A 439 2.42 -9.98 5.58
C ALA A 439 2.30 -8.65 6.31
N VAL A 440 2.67 -7.55 5.65
CA VAL A 440 2.58 -6.24 6.28
C VAL A 440 1.12 -5.87 6.53
N GLU A 441 0.21 -6.31 5.66
CA GLU A 441 -1.20 -6.04 5.86
C GLU A 441 -1.71 -6.70 7.14
N LYS A 442 -1.18 -7.88 7.48
CA LYS A 442 -1.62 -8.56 8.69
C LYS A 442 -0.99 -7.93 9.93
N ILE A 443 0.24 -7.45 9.82
CA ILE A 443 0.86 -6.76 10.95
C ILE A 443 0.15 -5.43 11.22
N ILE A 444 -0.30 -4.76 10.16
CA ILE A 444 -1.07 -3.53 10.34
C ILE A 444 -2.36 -3.82 11.08
N ASN A 445 -3.02 -4.94 10.75
CA ASN A 445 -4.25 -5.30 11.42
C ASN A 445 -4.03 -5.53 12.91
N ARG A 446 -2.86 -6.04 13.28
CA ARG A 446 -2.55 -6.22 14.70
C ARG A 446 -2.21 -4.89 15.37
N GLN A 447 -1.59 -3.98 14.61
CA GLN A 447 -1.24 -2.67 15.18
C GLN A 447 -2.48 -1.80 15.38
N ILE A 448 -3.52 -2.03 14.59
CA ILE A 448 -4.76 -1.29 14.77
C ILE A 448 -5.48 -1.74 16.03
N ILE A 449 -5.49 -3.06 16.28
CA ILE A 449 -6.09 -3.57 17.51
C ILE A 449 -5.32 -3.08 18.73
N ALA A 450 -4.00 -2.93 18.60
CA ALA A 450 -3.20 -2.41 19.70
C ALA A 450 -3.60 -0.97 20.04
N LEU A 451 -3.85 -0.15 19.02
CA LEU A 451 -4.29 1.22 19.29
C LEU A 451 -5.72 1.27 19.77
N PHE A 452 -6.54 0.31 19.33
CA PHE A 452 -7.95 0.29 19.75
C PHE A 452 -8.07 -0.09 21.21
N THR A 453 -7.14 -0.91 21.72
CA THR A 453 -7.17 -1.28 23.14
C THR A 453 -6.70 -0.13 24.01
N VAL A 454 -5.61 0.53 23.61
CA VAL A 454 -5.13 1.69 24.38
C VAL A 454 -6.12 2.84 24.27
N LEU A 455 -6.99 2.83 23.26
CA LEU A 455 -8.03 3.83 23.17
C LEU A 455 -9.07 3.65 24.26
N ILE A 456 -9.55 2.42 24.45
CA ILE A 456 -10.56 2.14 25.46
C ILE A 456 -9.98 2.36 26.86
N VAL A 457 -8.68 2.12 27.02
CA VAL A 457 -8.04 2.34 28.32
C VAL A 457 -8.04 3.83 28.65
N LEU A 458 -7.64 4.67 27.69
CA LEU A 458 -7.63 6.11 27.92
C LEU A 458 -9.04 6.65 28.14
N ILE A 459 -10.03 6.03 27.48
CA ILE A 459 -11.41 6.47 27.66
C ILE A 459 -11.92 6.08 29.04
N LEU A 460 -11.63 4.87 29.49
CA LEU A 460 -12.13 4.41 30.78
C LEU A 460 -11.44 5.11 31.94
N ILE A 461 -10.15 5.41 31.80
CA ILE A 461 -9.44 6.12 32.85
C ILE A 461 -10.05 7.50 33.07
N SER A 462 -10.34 8.21 31.97
CA SER A 462 -10.89 9.55 32.08
C SER A 462 -12.36 9.53 32.49
N SER A 463 -13.12 8.55 32.01
CA SER A 463 -14.54 8.48 32.33
C SER A 463 -14.76 8.11 33.79
N ILE A 464 -13.87 7.29 34.35
CA ILE A 464 -13.99 6.93 35.77
C ILE A 464 -13.54 8.09 36.65
N GLY A 465 -12.44 8.74 36.29
CA GLY A 465 -11.97 9.88 37.07
C GLY A 465 -12.96 11.04 37.04
N ASN A 466 -13.77 11.12 35.99
CA ASN A 466 -14.78 12.18 35.91
C ASN A 466 -15.94 11.91 36.85
N VAL A 467 -16.41 10.66 36.89
CA VAL A 467 -17.60 10.36 37.70
C VAL A 467 -17.28 10.33 39.18
N ILE A 468 -16.00 10.21 39.56
CA ILE A 468 -15.66 10.25 40.98
C ILE A 468 -15.33 11.65 41.46
N MET A 469 -14.91 12.55 40.56
CA MET A 469 -14.64 13.92 40.97
C MET A 469 -15.91 14.76 41.04
N SER A 470 -16.87 14.51 40.14
CA SER A 470 -18.15 15.20 40.21
C SER A 470 -19.00 14.75 41.39
N THR A 471 -18.59 13.69 42.08
CA THR A 471 -19.29 13.20 43.27
C THR A 471 -18.55 13.55 44.56
N ALA A 472 -17.21 13.46 44.56
CA ALA A 472 -16.45 13.86 45.74
C ALA A 472 -16.49 15.36 45.94
N ASP A 473 -16.05 16.12 44.93
CA ASP A 473 -16.05 17.58 45.01
C ASP A 473 -17.33 18.15 44.42
N ALA A 474 -18.44 17.81 45.10
CA ALA A 474 -19.74 18.31 44.68
C ALA A 474 -20.05 19.70 45.22
N LYS A 475 -19.32 20.14 46.25
CA LYS A 475 -19.51 21.47 46.81
C LYS A 475 -18.61 22.51 46.15
N HIS A 476 -17.40 22.13 45.80
CA HIS A 476 -16.46 23.05 45.14
C HIS A 476 -16.75 23.22 43.66
N LEU A 477 -17.78 22.56 43.14
CA LEU A 477 -18.19 22.68 41.74
C LEU A 477 -19.66 23.10 41.66
N SER A 478 -20.06 24.03 42.53
CA SER A 478 -21.44 24.51 42.53
C SER A 478 -21.69 25.55 41.44
N TYR A 479 -20.64 26.18 40.92
CA TYR A 479 -20.77 27.18 39.87
C TYR A 479 -20.94 26.55 38.49
N LEU A 480 -21.21 25.25 38.40
CA LEU A 480 -21.42 24.57 37.14
C LEU A 480 -22.84 24.07 36.95
N TYR A 481 -23.65 24.03 38.02
CA TYR A 481 -25.04 23.58 37.94
C TYR A 481 -25.16 22.19 37.32
N LEU A 482 -24.46 21.25 37.94
CA LEU A 482 -24.47 19.88 37.46
C LEU A 482 -25.84 19.24 37.69
N GLU A 483 -26.03 18.06 37.09
CA GLU A 483 -27.32 17.38 37.16
C GLU A 483 -27.63 16.93 38.59
N GLY A 484 -26.67 16.26 39.23
CA GLY A 484 -26.87 15.80 40.59
C GLY A 484 -27.37 14.37 40.68
N THR A 485 -28.68 14.21 40.86
CA THR A 485 -29.25 12.87 41.04
C THR A 485 -29.18 12.03 39.78
N ASN A 486 -28.97 12.65 38.61
CA ASN A 486 -28.91 11.93 37.35
C ASN A 486 -27.45 11.61 37.05
N LYS A 487 -26.97 10.48 37.58
CA LYS A 487 -25.62 10.03 37.36
C LYS A 487 -25.54 8.67 36.68
N ALA A 488 -26.68 8.02 36.40
CA ALA A 488 -26.65 6.79 35.63
C ALA A 488 -26.31 7.07 34.17
N GLY A 489 -26.93 8.10 33.60
CA GLY A 489 -26.61 8.54 32.25
C GLY A 489 -25.39 9.43 32.14
N LEU A 490 -24.84 9.87 33.27
CA LEU A 490 -23.65 10.71 33.23
C LEU A 490 -22.44 9.93 32.71
N PHE A 491 -22.32 8.67 33.11
CA PHE A 491 -21.22 7.84 32.61
C PHE A 491 -21.34 7.61 31.12
N PHE A 492 -22.56 7.40 30.63
CA PHE A 492 -22.76 7.17 29.20
C PHE A 492 -22.48 8.43 28.39
N LYS A 493 -22.97 9.58 28.87
CA LYS A 493 -22.71 10.84 28.16
C LYS A 493 -21.23 11.19 28.21
N ASP A 494 -20.56 10.91 29.33
CA ASP A 494 -19.13 11.17 29.41
C ASP A 494 -18.32 10.14 28.65
N PHE A 495 -18.90 8.95 28.42
CA PHE A 495 -18.22 7.96 27.58
C PHE A 495 -18.21 8.41 26.12
N LEU A 496 -19.32 9.00 25.66
CA LEU A 496 -19.38 9.46 24.28
C LEU A 496 -18.47 10.67 24.07
N THR A 497 -18.28 11.48 25.12
CA THR A 497 -17.46 12.68 24.98
C THR A 497 -15.99 12.31 24.75
N PHE A 498 -15.44 11.42 25.58
CA PHE A 498 -14.04 11.05 25.42
C PHE A 498 -13.85 10.12 24.23
N TRP A 499 -14.92 9.48 23.75
CA TRP A 499 -14.85 8.75 22.50
C TRP A 499 -14.55 9.70 21.34
N ILE A 500 -15.30 10.81 21.26
CA ILE A 500 -15.09 11.77 20.19
C ILE A 500 -13.76 12.50 20.35
N LEU A 501 -13.34 12.71 21.59
CA LEU A 501 -12.11 13.46 21.84
C LEU A 501 -10.88 12.67 21.41
N PHE A 502 -10.79 11.41 21.82
CA PHE A 502 -9.63 10.58 21.54
C PHE A 502 -9.76 9.75 20.28
N SER A 503 -10.81 9.97 19.48
CA SER A 503 -10.98 9.20 18.25
C SER A 503 -9.93 9.52 17.20
N ASN A 504 -9.22 10.65 17.36
CA ASN A 504 -8.19 11.03 16.41
C ASN A 504 -6.92 10.20 16.54
N LEU A 505 -6.83 9.31 17.53
CA LEU A 505 -5.65 8.46 17.67
C LEU A 505 -5.58 7.40 16.58
N VAL A 506 -6.69 7.10 15.91
CA VAL A 506 -6.70 6.18 14.79
C VAL A 506 -6.70 6.99 13.50
N PRO A 507 -5.56 7.14 12.83
CA PRO A 507 -5.51 8.04 11.67
C PRO A 507 -6.19 7.42 10.45
N ILE A 508 -7.15 8.17 9.89
CA ILE A 508 -7.78 7.75 8.65
C ILE A 508 -6.92 8.06 7.43
N SER A 509 -5.99 9.01 7.56
CA SER A 509 -5.09 9.33 6.45
C SER A 509 -4.08 8.23 6.18
N LEU A 510 -4.00 7.21 7.05
CA LEU A 510 -3.00 6.17 6.87
C LEU A 510 -3.38 5.22 5.73
N PHE A 511 -4.62 4.75 5.71
CA PHE A 511 -5.03 3.77 4.70
C PHE A 511 -4.94 4.35 3.30
N VAL A 512 -5.29 5.63 3.16
CA VAL A 512 -5.23 6.26 1.84
C VAL A 512 -3.77 6.54 1.46
N THR A 513 -2.95 6.91 2.45
CA THR A 513 -1.54 7.18 2.16
C THR A 513 -0.81 5.91 1.75
N VAL A 514 -1.01 4.82 2.50
CA VAL A 514 -0.29 3.58 2.21
C VAL A 514 -0.76 2.98 0.89
N GLU A 515 -2.00 3.26 0.49
CA GLU A 515 -2.49 2.74 -0.79
C GLU A 515 -1.87 3.51 -1.95
N LEU A 516 -1.73 4.83 -1.81
CA LEU A 516 -1.11 5.62 -2.86
C LEU A 516 0.40 5.43 -2.90
N ILE A 517 1.02 5.08 -1.77
CA ILE A 517 2.46 4.85 -1.76
C ILE A 517 2.79 3.59 -2.55
N LYS A 518 2.04 2.51 -2.34
CA LYS A 518 2.27 1.28 -3.10
C LYS A 518 1.93 1.47 -4.57
N TYR A 519 0.87 2.24 -4.85
CA TYR A 519 0.49 2.50 -6.24
C TYR A 519 1.57 3.32 -6.95
N TYR A 520 2.20 4.24 -6.22
CA TYR A 520 3.25 5.06 -6.82
C TYR A 520 4.57 4.31 -6.93
N GLN A 521 4.83 3.37 -6.01
CA GLN A 521 6.06 2.59 -6.09
C GLN A 521 6.02 1.61 -7.24
N ALA A 522 4.83 1.06 -7.55
CA ALA A 522 4.70 0.20 -8.72
C ALA A 522 4.97 0.98 -10.01
N PHE A 523 4.64 2.27 -10.02
CA PHE A 523 4.93 3.11 -11.18
C PHE A 523 6.43 3.30 -11.35
N MET A 524 7.16 3.49 -10.25
CA MET A 524 8.60 3.69 -10.34
C MET A 524 9.34 2.38 -10.62
N ILE A 525 8.70 1.24 -10.34
CA ILE A 525 9.32 -0.04 -10.66
C ILE A 525 9.12 -0.37 -12.12
N GLY A 526 7.90 -0.21 -12.63
CA GLY A 526 7.61 -0.51 -14.02
C GLY A 526 8.00 0.57 -15.00
N SER A 527 9.05 1.32 -14.66
CA SER A 527 9.53 2.40 -15.53
C SER A 527 11.04 2.55 -15.35
N ASP A 528 11.75 1.42 -15.31
CA ASP A 528 13.20 1.40 -15.13
C ASP A 528 13.86 0.86 -16.39
N LEU A 529 15.07 1.36 -16.66
CA LEU A 529 15.80 0.91 -17.85
C LEU A 529 16.45 -0.45 -17.62
N ASP A 530 16.94 -0.71 -16.41
CA ASP A 530 17.58 -1.99 -16.12
C ASP A 530 16.58 -3.13 -16.09
N LEU A 531 15.28 -2.85 -16.00
CA LEU A 531 14.25 -3.86 -16.06
C LEU A 531 13.48 -3.84 -17.37
N TYR A 532 14.08 -3.28 -18.42
CA TYR A 532 13.47 -3.20 -19.74
C TYR A 532 14.25 -4.07 -20.71
N TYR A 533 13.54 -4.91 -21.44
CA TYR A 533 14.16 -5.83 -22.39
C TYR A 533 14.31 -5.15 -23.75
N GLU A 534 15.53 -5.15 -24.28
CA GLU A 534 15.81 -4.42 -25.52
C GLU A 534 15.37 -5.19 -26.75
N LYS A 535 15.62 -6.51 -26.79
CA LYS A 535 15.31 -7.30 -27.97
C LYS A 535 13.81 -7.27 -28.27
N THR A 536 12.98 -7.33 -27.24
CA THR A 536 11.54 -7.24 -27.39
C THR A 536 11.02 -6.15 -26.46
N ASP A 537 10.28 -5.20 -27.02
CA ASP A 537 9.77 -4.06 -26.26
C ASP A 537 8.74 -4.56 -25.25
N THR A 538 9.24 -5.10 -24.14
CA THR A 538 8.39 -5.61 -23.07
C THR A 538 8.98 -5.16 -21.74
N PRO A 539 8.52 -4.02 -21.22
CA PRO A 539 8.99 -3.57 -19.91
C PRO A 539 8.27 -4.27 -18.78
N THR A 540 8.85 -4.17 -17.59
CA THR A 540 8.24 -4.76 -16.41
C THR A 540 6.95 -4.02 -16.06
N VAL A 541 5.90 -4.78 -15.78
CA VAL A 541 4.62 -4.22 -15.37
C VAL A 541 4.13 -4.94 -14.13
N VAL A 542 3.61 -4.20 -13.17
CA VAL A 542 3.09 -4.74 -11.92
C VAL A 542 1.57 -4.67 -12.01
N ARG A 543 0.95 -5.81 -12.35
CA ARG A 543 -0.50 -5.82 -12.51
C ARG A 543 -1.23 -5.68 -11.19
N THR A 544 -0.61 -6.10 -10.09
CA THR A 544 -1.20 -5.99 -8.75
C THR A 544 -0.22 -5.24 -7.87
N SER A 545 -0.52 -3.97 -7.59
CA SER A 545 0.37 -3.12 -6.81
C SER A 545 0.21 -3.32 -5.31
N SER A 546 -0.60 -4.28 -4.87
CA SER A 546 -0.76 -4.56 -3.46
C SER A 546 0.33 -5.46 -2.90
N LEU A 547 1.21 -6.00 -3.75
CA LEU A 547 2.24 -6.95 -3.36
C LEU A 547 3.64 -6.43 -3.70
N VAL A 548 3.88 -5.15 -3.43
CA VAL A 548 5.17 -4.54 -3.76
C VAL A 548 6.16 -4.69 -2.60
N GLU A 549 5.67 -4.62 -1.36
CA GLU A 549 6.57 -4.73 -0.22
C GLU A 549 7.03 -6.16 0.02
N GLU A 550 6.35 -7.14 -0.55
CA GLU A 550 6.74 -8.54 -0.38
C GLU A 550 8.01 -8.90 -1.13
N LEU A 551 8.47 -8.04 -2.05
CA LEU A 551 9.68 -8.33 -2.81
C LEU A 551 10.93 -8.26 -1.95
N GLY A 552 10.88 -7.57 -0.82
CA GLY A 552 12.05 -7.44 0.04
C GLY A 552 12.11 -8.49 1.12
N GLN A 553 11.31 -9.55 0.98
CA GLN A 553 11.28 -10.61 1.98
C GLN A 553 10.83 -11.93 1.37
N ILE A 554 11.52 -12.38 0.31
CA ILE A 554 11.24 -13.65 -0.34
C ILE A 554 12.30 -14.65 0.05
N GLU A 555 11.88 -15.88 0.34
CA GLU A 555 12.78 -16.94 0.75
C GLU A 555 12.80 -18.13 -0.19
N TYR A 556 11.68 -18.47 -0.82
CA TYR A 556 11.61 -19.60 -1.74
C TYR A 556 11.24 -19.11 -3.13
N ILE A 557 11.83 -19.74 -4.14
CA ILE A 557 11.56 -19.43 -5.54
C ILE A 557 11.25 -20.74 -6.26
N PHE A 558 10.03 -20.88 -6.74
CA PHE A 558 9.60 -22.07 -7.48
C PHE A 558 9.72 -21.75 -8.97
N SER A 559 10.83 -22.14 -9.57
CA SER A 559 11.18 -21.74 -10.93
C SER A 559 10.75 -22.81 -11.93
N ASP A 560 11.39 -22.79 -13.10
CA ASP A 560 11.07 -23.69 -14.20
C ASP A 560 12.26 -23.69 -15.15
N LYS A 561 12.44 -24.79 -15.88
CA LYS A 561 13.62 -24.95 -16.74
C LYS A 561 13.38 -24.36 -18.13
N THR A 562 12.48 -24.97 -18.90
CA THR A 562 12.29 -24.61 -20.29
C THR A 562 11.68 -23.22 -20.41
N GLY A 563 12.40 -22.30 -21.02
CA GLY A 563 11.93 -20.94 -21.21
C GLY A 563 12.30 -19.98 -20.10
N THR A 564 12.12 -20.40 -18.85
CA THR A 564 12.47 -19.56 -17.72
C THR A 564 13.98 -19.53 -17.50
N LEU A 565 14.63 -20.70 -17.54
CA LEU A 565 16.07 -20.77 -17.39
C LEU A 565 16.80 -20.88 -18.72
N THR A 566 16.14 -21.31 -19.79
CA THR A 566 16.74 -21.46 -21.08
C THR A 566 16.10 -20.51 -22.08
N ARG A 567 16.80 -20.29 -23.20
CA ARG A 567 16.31 -19.37 -24.23
C ARG A 567 15.10 -19.94 -24.97
N ASN A 568 14.84 -21.23 -24.85
CA ASN A 568 13.72 -21.91 -25.49
C ASN A 568 13.79 -21.84 -27.01
N ILE A 569 14.99 -21.69 -27.58
CA ILE A 569 15.22 -21.78 -29.00
C ILE A 569 15.90 -23.12 -29.26
N MET A 570 15.20 -24.01 -29.96
CA MET A 570 15.64 -25.38 -30.12
C MET A 570 16.46 -25.56 -31.40
N GLU A 571 17.35 -26.55 -31.39
CA GLU A 571 18.20 -26.84 -32.54
C GLU A 571 18.47 -28.34 -32.57
N PHE A 572 18.01 -28.99 -33.63
CA PHE A 572 18.24 -30.42 -33.79
C PHE A 572 19.73 -30.71 -33.96
N LYS A 573 20.26 -31.61 -33.14
CA LYS A 573 21.69 -31.88 -33.14
C LYS A 573 22.00 -33.37 -33.32
N SER A 574 21.20 -34.23 -32.72
CA SER A 574 21.51 -35.66 -32.73
C SER A 574 20.22 -36.46 -32.93
N CYS A 575 20.38 -37.75 -33.18
CA CYS A 575 19.26 -38.64 -33.40
C CYS A 575 19.72 -40.08 -33.15
N SER A 576 18.74 -40.98 -33.07
CA SER A 576 19.02 -42.40 -32.86
C SER A 576 17.88 -43.20 -33.44
N ILE A 577 18.18 -44.07 -34.41
CA ILE A 577 17.18 -44.89 -35.08
C ILE A 577 17.62 -46.35 -34.99
N ALA A 578 16.71 -47.22 -34.56
CA ALA A 578 16.92 -48.66 -34.54
C ALA A 578 18.16 -49.05 -33.73
N GLY A 579 18.45 -48.28 -32.68
CA GLY A 579 19.59 -48.58 -31.83
C GLY A 579 20.92 -48.08 -32.33
N HIS A 580 20.94 -47.26 -33.38
CA HIS A 580 22.17 -46.70 -33.92
C HIS A 580 22.10 -45.18 -33.81
N CYS A 581 23.19 -44.57 -33.34
CA CYS A 581 23.25 -43.13 -33.15
C CYS A 581 23.95 -42.46 -34.33
N TYR A 582 23.42 -41.33 -34.77
CA TYR A 582 23.95 -40.60 -35.91
C TYR A 582 24.00 -39.12 -35.59
N ILE A 583 25.15 -38.49 -35.83
CA ILE A 583 25.30 -37.04 -35.72
C ILE A 583 26.06 -36.53 -36.93
N ASP A 584 26.44 -35.25 -36.91
CA ASP A 584 27.29 -34.65 -37.92
C ASP A 584 28.59 -34.20 -37.28
N LYS A 585 29.71 -34.60 -37.88
CA LYS A 585 31.04 -34.27 -37.37
C LYS A 585 31.25 -34.84 -35.96
N ILE A 586 31.76 -36.06 -35.89
CA ILE A 586 32.04 -36.69 -34.58
C ILE A 586 33.03 -35.81 -33.82
N PRO A 587 32.80 -35.52 -32.53
CA PRO A 587 33.64 -34.55 -31.82
C PRO A 587 35.13 -34.89 -31.83
N GLU A 588 35.52 -35.99 -31.19
CA GLU A 588 36.94 -36.33 -31.11
C GLU A 588 37.18 -37.80 -30.78
N ASP A 589 37.01 -38.16 -29.51
CA ASP A 589 37.46 -39.47 -29.03
C ASP A 589 36.51 -40.59 -29.47
N LYS A 590 35.24 -40.50 -29.08
CA LYS A 590 34.28 -41.58 -29.32
C LYS A 590 33.84 -41.57 -30.78
N THR A 591 34.80 -41.89 -31.66
CA THR A 591 34.55 -42.00 -33.09
C THR A 591 34.23 -43.44 -33.48
N ALA A 592 35.16 -44.36 -33.21
CA ALA A 592 34.92 -45.76 -33.50
C ALA A 592 33.99 -46.38 -32.47
N THR A 593 33.27 -47.41 -32.89
CA THR A 593 32.31 -48.10 -32.03
C THR A 593 32.86 -49.48 -31.67
N VAL A 594 32.96 -49.75 -30.37
CA VAL A 594 33.46 -51.04 -29.91
C VAL A 594 32.41 -52.13 -30.01
N GLU A 595 31.13 -51.76 -30.08
CA GLU A 595 30.02 -52.70 -30.19
C GLU A 595 30.01 -53.71 -29.03
N ASP A 596 30.04 -53.18 -27.81
CA ASP A 596 29.98 -54.01 -26.61
C ASP A 596 28.51 -54.23 -26.23
N GLY A 597 27.82 -54.96 -27.11
CA GLY A 597 26.40 -55.19 -26.96
C GLY A 597 25.59 -54.10 -27.61
N ILE A 598 25.11 -53.14 -26.82
CA ILE A 598 24.40 -51.98 -27.36
C ILE A 598 25.42 -51.03 -27.97
N GLU A 599 25.15 -50.56 -29.18
CA GLU A 599 26.07 -49.68 -29.87
C GLU A 599 26.26 -48.38 -29.11
N VAL A 600 27.52 -48.04 -28.84
CA VAL A 600 27.87 -46.80 -28.15
C VAL A 600 28.87 -46.05 -29.02
N GLY A 601 28.61 -44.76 -29.22
CA GLY A 601 29.45 -43.92 -30.04
C GLY A 601 28.60 -43.08 -30.96
N TYR A 602 29.22 -42.56 -32.02
CA TYR A 602 28.54 -41.69 -32.97
C TYR A 602 28.92 -42.09 -34.38
N ARG A 603 28.05 -41.74 -35.34
CA ARG A 603 28.32 -41.96 -36.75
C ARG A 603 28.12 -40.67 -37.52
N LYS A 604 27.98 -40.76 -38.83
CA LYS A 604 27.73 -39.61 -39.68
C LYS A 604 26.33 -39.67 -40.27
N PHE A 605 25.80 -38.49 -40.60
CA PHE A 605 24.49 -38.42 -41.26
C PHE A 605 24.55 -39.02 -42.66
N ASP A 606 25.72 -38.99 -43.30
CA ASP A 606 25.86 -39.62 -44.61
C ASP A 606 25.70 -41.14 -44.51
N ASP A 607 26.18 -41.72 -43.41
CA ASP A 607 25.99 -43.16 -43.21
C ASP A 607 24.52 -43.49 -42.99
N LEU A 608 23.75 -42.56 -42.46
CA LEU A 608 22.31 -42.77 -42.29
C LEU A 608 21.62 -42.79 -43.65
N LYS A 609 22.04 -41.92 -44.57
CA LYS A 609 21.43 -41.89 -45.90
C LYS A 609 21.81 -43.14 -46.69
N LYS A 610 23.06 -43.58 -46.60
CA LYS A 610 23.47 -44.81 -47.28
C LYS A 610 22.73 -46.02 -46.74
N LYS A 611 22.54 -46.07 -45.41
CA LYS A 611 21.75 -47.14 -44.82
C LYS A 611 20.27 -47.04 -45.20
N LEU A 612 19.83 -45.86 -45.63
CA LEU A 612 18.43 -45.64 -45.95
C LEU A 612 18.10 -46.10 -47.37
N ASN A 613 18.82 -45.60 -48.36
CA ASN A 613 18.50 -45.89 -49.76
C ASN A 613 18.82 -47.32 -50.15
N ASP A 614 19.49 -48.08 -49.31
CA ASP A 614 19.83 -49.47 -49.63
C ASP A 614 18.62 -50.35 -49.36
N PRO A 615 18.02 -50.97 -50.38
CA PRO A 615 16.85 -51.82 -50.16
C PRO A 615 17.16 -53.17 -49.56
N SER A 616 18.44 -53.57 -49.50
CA SER A 616 18.80 -54.87 -48.94
C SER A 616 18.82 -54.87 -47.43
N ASP A 617 18.86 -53.70 -46.80
CA ASP A 617 18.90 -53.63 -45.34
C ASP A 617 17.52 -53.93 -44.76
N GLU A 618 17.53 -54.44 -43.53
CA GLU A 618 16.30 -54.77 -42.83
C GLU A 618 15.72 -53.58 -42.07
N ASP A 619 16.57 -52.70 -41.54
CA ASP A 619 16.13 -51.52 -40.81
C ASP A 619 15.83 -50.34 -41.71
N SER A 620 15.85 -50.54 -43.03
CA SER A 620 15.56 -49.46 -43.97
C SER A 620 14.11 -48.98 -43.85
N PRO A 621 13.11 -49.88 -43.79
CA PRO A 621 11.74 -49.40 -43.54
C PRO A 621 11.58 -48.71 -42.20
N ILE A 622 12.41 -49.06 -41.21
CA ILE A 622 12.34 -48.39 -39.92
C ILE A 622 12.79 -46.94 -40.04
N ILE A 623 13.86 -46.71 -40.81
CA ILE A 623 14.35 -45.34 -41.01
C ILE A 623 13.35 -44.53 -41.80
N ASN A 624 12.67 -45.15 -42.77
CA ASN A 624 11.66 -44.44 -43.54
C ASN A 624 10.48 -44.04 -42.66
N ASP A 625 10.01 -44.97 -41.81
CA ASP A 625 8.89 -44.65 -40.92
C ASP A 625 9.30 -43.62 -39.87
N PHE A 626 10.60 -43.56 -39.56
CA PHE A 626 11.06 -42.56 -38.59
C PHE A 626 11.09 -41.17 -39.21
N LEU A 627 11.64 -41.05 -40.42
CA LEU A 627 11.75 -39.73 -41.05
C LEU A 627 10.39 -39.16 -41.41
N THR A 628 9.43 -40.02 -41.80
CA THR A 628 8.08 -39.54 -42.04
C THR A 628 7.41 -39.09 -40.74
N LEU A 629 7.88 -39.59 -39.60
CA LEU A 629 7.32 -39.16 -38.32
C LEU A 629 7.74 -37.74 -37.99
N LEU A 630 8.95 -37.34 -38.39
CA LEU A 630 9.45 -36.02 -38.06
C LEU A 630 8.76 -34.91 -38.85
N ALA A 631 8.07 -35.24 -39.93
CA ALA A 631 7.48 -34.23 -40.81
C ALA A 631 6.08 -34.62 -41.23
N THR A 632 5.28 -35.11 -40.28
CA THR A 632 3.89 -35.44 -40.57
C THR A 632 3.04 -35.42 -39.29
N CYS A 633 3.51 -36.10 -38.25
CA CYS A 633 2.76 -36.21 -37.00
C CYS A 633 2.55 -34.87 -36.32
N HIS A 634 3.43 -33.90 -36.55
CA HIS A 634 3.36 -32.62 -35.89
C HIS A 634 2.14 -31.82 -36.39
N THR A 635 1.97 -30.63 -35.81
CA THR A 635 0.92 -29.69 -36.20
C THR A 635 1.57 -28.32 -36.38
N VAL A 636 2.25 -28.15 -37.51
CA VAL A 636 2.94 -26.92 -37.85
C VAL A 636 2.43 -26.42 -39.19
N ILE A 637 2.23 -25.11 -39.30
CA ILE A 637 1.73 -24.48 -40.52
C ILE A 637 2.91 -23.86 -41.25
N PRO A 638 3.18 -24.25 -42.50
CA PRO A 638 4.31 -23.68 -43.22
C PRO A 638 3.97 -22.34 -43.85
N GLU A 639 5.02 -21.55 -44.06
CA GLU A 639 4.89 -20.23 -44.67
C GLU A 639 5.92 -20.08 -45.78
N PHE A 640 5.48 -19.63 -46.94
CA PHE A 640 6.35 -19.41 -48.09
C PHE A 640 6.70 -17.93 -48.20
N GLN A 641 7.95 -17.65 -48.56
CA GLN A 641 8.44 -16.29 -48.71
C GLN A 641 8.81 -16.03 -50.16
N SER A 642 9.10 -14.76 -50.45
CA SER A 642 9.45 -14.35 -51.81
C SER A 642 10.83 -14.84 -52.22
N ASP A 643 11.72 -15.10 -51.26
CA ASP A 643 13.07 -15.55 -51.54
C ASP A 643 13.14 -17.03 -51.90
N GLY A 644 12.00 -17.70 -52.06
CA GLY A 644 11.96 -19.10 -52.39
C GLY A 644 12.06 -20.04 -51.20
N SER A 645 12.53 -19.56 -50.06
CA SER A 645 12.63 -20.40 -48.87
C SER A 645 11.26 -20.63 -48.25
N ILE A 646 11.23 -21.50 -47.25
CA ILE A 646 10.01 -21.85 -46.54
C ILE A 646 10.27 -21.76 -45.04
N LYS A 647 9.32 -21.17 -44.31
CA LYS A 647 9.44 -20.98 -42.87
C LYS A 647 8.30 -21.69 -42.17
N TYR A 648 8.61 -22.37 -41.07
CA TYR A 648 7.63 -23.11 -40.28
C TYR A 648 7.31 -22.32 -39.02
N GLN A 649 6.04 -21.98 -38.84
CA GLN A 649 5.57 -21.29 -37.64
C GLN A 649 4.98 -22.34 -36.71
N ALA A 650 5.81 -22.84 -35.81
CA ALA A 650 5.42 -23.89 -34.88
C ALA A 650 5.05 -23.29 -33.53
N ALA A 651 3.98 -23.84 -32.92
CA ALA A 651 3.57 -23.38 -31.60
C ALA A 651 4.61 -23.74 -30.54
N SER A 652 5.12 -24.97 -30.59
CA SER A 652 6.15 -25.41 -29.68
C SER A 652 7.51 -25.31 -30.35
N PRO A 653 8.52 -24.73 -29.69
CA PRO A 653 9.81 -24.54 -30.36
C PRO A 653 10.53 -25.84 -30.69
N ASP A 654 10.22 -26.93 -29.98
CA ASP A 654 10.83 -28.21 -30.33
C ASP A 654 10.12 -28.87 -31.52
N GLU A 655 8.88 -28.48 -31.79
CA GLU A 655 8.21 -28.95 -32.99
C GLU A 655 8.94 -28.46 -34.25
N GLY A 656 9.26 -27.17 -34.29
CA GLY A 656 10.01 -26.64 -35.41
C GLY A 656 11.39 -27.24 -35.54
N ALA A 657 11.97 -27.70 -34.42
CA ALA A 657 13.26 -28.37 -34.48
C ALA A 657 13.14 -29.73 -35.14
N LEU A 658 12.03 -30.43 -34.91
CA LEU A 658 11.84 -31.74 -35.52
C LEU A 658 11.52 -31.61 -37.01
N VAL A 659 10.73 -30.60 -37.38
CA VAL A 659 10.39 -30.42 -38.79
C VAL A 659 11.61 -29.97 -39.58
N GLN A 660 12.28 -28.91 -39.10
CA GLN A 660 13.47 -28.43 -39.79
C GLN A 660 14.62 -29.41 -39.67
N GLY A 661 14.69 -30.15 -38.56
CA GLY A 661 15.76 -31.13 -38.42
C GLY A 661 15.54 -32.35 -39.31
N GLY A 662 14.28 -32.73 -39.54
CA GLY A 662 13.98 -33.83 -40.44
C GLY A 662 13.92 -33.43 -41.89
N ALA A 663 13.93 -32.13 -42.19
CA ALA A 663 13.84 -31.64 -43.56
C ALA A 663 15.20 -31.44 -44.20
N ASP A 664 16.18 -30.94 -43.45
CA ASP A 664 17.48 -30.63 -44.02
C ASP A 664 18.34 -31.88 -44.17
N LEU A 665 17.71 -33.03 -44.44
CA LEU A 665 18.46 -34.24 -44.75
C LEU A 665 17.68 -35.22 -45.61
N GLY A 666 16.45 -34.90 -46.02
CA GLY A 666 15.69 -35.80 -46.86
C GLY A 666 14.23 -35.45 -47.04
N TYR A 667 13.44 -35.63 -45.98
CA TYR A 667 11.99 -35.49 -46.06
C TYR A 667 11.61 -34.08 -45.60
N LYS A 668 11.26 -33.23 -46.56
CA LYS A 668 10.86 -31.86 -46.27
C LYS A 668 9.34 -31.75 -46.22
N PHE A 669 8.85 -30.90 -45.33
CA PHE A 669 7.43 -30.62 -45.20
C PHE A 669 7.09 -29.40 -46.05
N ILE A 670 6.25 -29.59 -47.06
CA ILE A 670 5.97 -28.54 -48.03
C ILE A 670 4.75 -27.71 -47.61
N ILE A 671 3.56 -28.18 -47.98
CA ILE A 671 2.33 -27.41 -47.81
C ILE A 671 1.36 -28.20 -46.97
N ARG A 672 0.62 -27.50 -46.11
CA ARG A 672 -0.41 -28.09 -45.27
C ARG A 672 -1.78 -27.55 -45.66
N LYS A 673 -2.76 -28.43 -45.74
CA LYS A 673 -4.14 -28.07 -46.03
C LYS A 673 -5.04 -28.97 -45.20
N PRO A 674 -6.30 -28.57 -45.00
CA PRO A 674 -7.20 -29.39 -44.19
C PRO A 674 -7.33 -30.81 -44.71
N ASN A 675 -7.25 -31.77 -43.80
CA ASN A 675 -7.43 -33.19 -44.11
C ASN A 675 -6.38 -33.71 -45.07
N SER A 676 -5.15 -33.18 -44.99
CA SER A 676 -4.07 -33.64 -45.85
C SER A 676 -2.75 -33.09 -45.33
N VAL A 677 -1.70 -33.90 -45.46
CA VAL A 677 -0.34 -33.49 -45.14
C VAL A 677 0.58 -34.07 -46.22
N THR A 678 1.30 -33.20 -46.93
CA THR A 678 2.15 -33.60 -48.03
C THR A 678 3.62 -33.35 -47.69
N VAL A 679 4.48 -34.28 -48.10
CA VAL A 679 5.92 -34.15 -47.92
C VAL A 679 6.58 -34.35 -49.27
N LEU A 680 7.81 -33.82 -49.39
CA LEU A 680 8.59 -33.91 -50.62
C LEU A 680 9.93 -34.54 -50.29
N LEU A 681 10.24 -35.64 -50.97
CA LEU A 681 11.51 -36.35 -50.77
C LEU A 681 12.56 -35.71 -51.67
N GLU A 682 13.51 -35.01 -51.06
CA GLU A 682 14.55 -34.32 -51.82
C GLU A 682 15.52 -35.27 -52.51
N GLU A 683 15.51 -36.55 -52.16
CA GLU A 683 16.41 -37.51 -52.80
C GLU A 683 15.92 -37.90 -54.19
N THR A 684 14.65 -38.25 -54.31
CA THR A 684 14.08 -38.68 -55.58
C THR A 684 13.19 -37.62 -56.23
N GLY A 685 12.78 -36.59 -55.50
CA GLY A 685 11.96 -35.54 -56.05
C GLY A 685 10.47 -35.82 -56.08
N GLU A 686 10.02 -36.95 -55.52
CA GLU A 686 8.61 -37.28 -55.53
C GLU A 686 7.88 -36.55 -54.41
N GLU A 687 6.56 -36.52 -54.52
CA GLU A 687 5.70 -35.87 -53.53
C GLU A 687 4.65 -36.87 -53.07
N LYS A 688 4.56 -37.05 -51.75
CA LYS A 688 3.61 -37.96 -51.14
C LYS A 688 2.51 -37.18 -50.44
N GLU A 689 1.28 -37.69 -50.50
CA GLU A 689 0.12 -37.07 -49.88
C GLU A 689 -0.43 -38.01 -48.82
N TYR A 690 -0.32 -37.60 -47.56
CA TYR A 690 -0.81 -38.38 -46.43
C TYR A 690 -2.13 -37.78 -45.96
N GLN A 691 -3.19 -38.57 -46.03
CA GLN A 691 -4.52 -38.12 -45.61
C GLN A 691 -4.57 -38.07 -44.09
N LEU A 692 -4.45 -36.86 -43.53
CA LEU A 692 -4.55 -36.68 -42.09
C LEU A 692 -5.96 -37.05 -41.63
N LEU A 693 -6.11 -38.25 -41.09
CA LEU A 693 -7.44 -38.75 -40.74
C LEU A 693 -7.91 -38.21 -39.39
N ASN A 694 -7.00 -38.11 -38.42
CA ASN A 694 -7.33 -37.62 -37.09
C ASN A 694 -6.04 -37.32 -36.34
N ILE A 695 -6.13 -36.41 -35.38
CA ILE A 695 -4.99 -36.01 -34.57
C ILE A 695 -5.42 -35.86 -33.12
N CYS A 696 -4.44 -35.77 -32.23
CA CYS A 696 -4.68 -35.56 -30.81
C CYS A 696 -3.71 -34.51 -30.29
N GLU A 697 -4.24 -33.46 -29.68
CA GLU A 697 -3.42 -32.33 -29.25
C GLU A 697 -2.52 -32.74 -28.09
N PHE A 698 -1.35 -32.12 -28.03
CA PHE A 698 -0.40 -32.35 -26.94
C PHE A 698 -0.81 -31.55 -25.72
N ASN A 699 -1.12 -32.24 -24.64
CA ASN A 699 -1.45 -31.61 -23.37
C ASN A 699 -0.27 -31.71 -22.41
N SER A 700 -0.09 -30.67 -21.59
CA SER A 700 1.02 -30.66 -20.66
C SER A 700 0.87 -31.75 -19.60
N THR A 701 -0.36 -32.18 -19.32
CA THR A 701 -0.57 -33.33 -18.43
C THR A 701 -0.43 -34.63 -19.19
N ARG A 702 -0.89 -34.66 -20.45
CA ARG A 702 -0.77 -35.86 -21.27
C ARG A 702 0.69 -36.17 -21.59
N LYS A 703 1.50 -35.13 -21.81
CA LYS A 703 2.94 -35.27 -22.08
C LYS A 703 3.22 -36.17 -23.27
N ARG A 704 2.32 -36.19 -24.25
CA ARG A 704 2.42 -37.13 -25.36
C ARG A 704 1.51 -36.67 -26.49
N MET A 705 2.03 -36.70 -27.72
CA MET A 705 1.28 -36.32 -28.90
C MET A 705 1.13 -37.51 -29.83
N SER A 706 -0.06 -37.68 -30.39
CA SER A 706 -0.33 -38.76 -31.32
C SER A 706 -1.12 -38.22 -32.51
N ALA A 707 -0.92 -38.86 -33.67
CA ALA A 707 -1.61 -38.46 -34.88
C ALA A 707 -1.74 -39.68 -35.79
N ILE A 708 -2.96 -39.99 -36.19
CA ILE A 708 -3.26 -41.18 -37.00
C ILE A 708 -3.56 -40.73 -38.43
N PHE A 709 -2.83 -41.29 -39.38
CA PHE A 709 -2.94 -40.94 -40.79
C PHE A 709 -3.37 -42.17 -41.59
N ARG A 710 -3.60 -41.96 -42.89
CA ARG A 710 -3.89 -43.02 -43.83
C ARG A 710 -2.89 -42.91 -44.98
N PHE A 711 -1.95 -43.85 -45.04
CA PHE A 711 -0.92 -43.82 -46.06
C PHE A 711 -1.52 -44.06 -47.45
N PRO A 712 -0.87 -43.57 -48.50
CA PRO A 712 -1.41 -43.77 -49.85
C PRO A 712 -1.53 -45.23 -50.26
N ASP A 713 -0.82 -46.13 -49.59
CA ASP A 713 -0.91 -47.55 -49.91
C ASP A 713 -2.23 -48.17 -49.47
N GLY A 714 -3.05 -47.45 -48.72
CA GLY A 714 -4.31 -47.94 -48.22
C GLY A 714 -4.31 -48.28 -46.75
N SER A 715 -3.13 -48.39 -46.13
CA SER A 715 -3.04 -48.70 -44.72
C SER A 715 -3.33 -47.46 -43.88
N ILE A 716 -3.62 -47.70 -42.61
CA ILE A 716 -3.96 -46.63 -41.65
C ILE A 716 -2.97 -46.76 -40.50
N LYS A 717 -1.86 -46.01 -40.59
CA LYS A 717 -0.78 -46.10 -39.63
C LYS A 717 -0.82 -44.95 -38.65
N LEU A 718 -0.59 -45.25 -37.38
CA LEU A 718 -0.62 -44.26 -36.31
C LEU A 718 0.80 -43.88 -35.90
N PHE A 719 0.99 -42.61 -35.59
CA PHE A 719 2.26 -42.10 -35.09
C PHE A 719 2.08 -41.52 -33.70
N CYS A 720 3.12 -41.65 -32.88
CA CYS A 720 3.08 -41.14 -31.52
C CYS A 720 4.47 -40.67 -31.11
N LYS A 721 4.51 -39.63 -30.28
CA LYS A 721 5.76 -39.11 -29.78
C LYS A 721 5.52 -38.39 -28.46
N GLY A 722 6.55 -38.34 -27.63
CA GLY A 722 6.42 -37.74 -26.31
C GLY A 722 7.61 -38.07 -25.44
N ALA A 723 7.37 -38.08 -24.14
CA ALA A 723 8.41 -38.38 -23.17
C ALA A 723 8.54 -39.90 -22.98
N ASP A 724 9.72 -40.32 -22.52
CA ASP A 724 9.95 -41.75 -22.30
C ASP A 724 9.16 -42.27 -21.11
N THR A 725 8.88 -41.41 -20.12
CA THR A 725 8.14 -41.82 -18.95
C THR A 725 6.66 -42.06 -19.24
N VAL A 726 6.20 -41.77 -20.45
CA VAL A 726 4.79 -41.96 -20.81
C VAL A 726 4.61 -42.84 -22.03
N ILE A 727 5.63 -43.09 -22.84
CA ILE A 727 5.49 -43.95 -24.01
C ILE A 727 5.84 -45.39 -23.69
N LEU A 728 6.90 -45.61 -22.89
CA LEU A 728 7.34 -46.97 -22.58
C LEU A 728 6.27 -47.78 -21.85
N GLU A 729 5.29 -47.12 -21.23
CA GLU A 729 4.18 -47.83 -20.61
C GLU A 729 3.19 -48.38 -21.62
N ARG A 730 3.23 -47.89 -22.86
CA ARG A 730 2.33 -48.34 -23.92
C ARG A 730 2.96 -49.32 -24.88
N LEU A 731 4.25 -49.63 -24.72
CA LEU A 731 4.93 -50.54 -25.62
C LEU A 731 4.48 -51.97 -25.38
N ASP A 732 5.04 -52.90 -26.16
CA ASP A 732 4.78 -54.32 -26.02
C ASP A 732 6.11 -55.06 -25.96
N ASP A 733 6.03 -56.37 -25.77
CA ASP A 733 7.22 -57.21 -25.69
C ASP A 733 7.21 -58.37 -26.69
N GLU A 734 6.14 -58.52 -27.48
CA GLU A 734 6.09 -59.63 -28.44
C GLU A 734 7.01 -59.37 -29.62
N ALA A 735 7.01 -58.14 -30.15
CA ALA A 735 7.83 -57.76 -31.30
C ALA A 735 8.36 -56.35 -31.08
N ASN A 736 9.26 -56.20 -30.11
CA ASN A 736 9.87 -54.90 -29.82
C ASN A 736 11.24 -55.18 -29.19
N GLN A 737 12.29 -55.00 -29.98
CA GLN A 737 13.65 -55.28 -29.53
C GLN A 737 14.54 -54.05 -29.54
N TYR A 738 13.98 -52.88 -29.80
CA TYR A 738 14.75 -51.63 -29.79
C TYR A 738 14.60 -50.86 -28.47
N VAL A 739 14.03 -51.50 -27.45
CA VAL A 739 13.80 -50.81 -26.18
C VAL A 739 15.10 -50.65 -25.41
N GLU A 740 15.86 -51.73 -25.25
CA GLU A 740 17.09 -51.66 -24.47
C GLU A 740 18.15 -50.82 -25.16
N ALA A 741 18.03 -50.61 -26.47
CA ALA A 741 19.01 -49.81 -27.19
C ALA A 741 18.72 -48.32 -27.09
N THR A 742 17.46 -47.94 -27.26
CA THR A 742 17.11 -46.52 -27.21
C THR A 742 17.17 -45.98 -25.78
N MET A 743 16.90 -46.82 -24.78
CA MET A 743 16.94 -46.36 -23.39
C MET A 743 18.35 -45.95 -22.99
N ARG A 744 19.37 -46.69 -23.46
CA ARG A 744 20.74 -46.32 -23.16
C ARG A 744 21.16 -45.07 -23.89
N HIS A 745 20.59 -44.82 -25.07
CA HIS A 745 20.92 -43.62 -25.82
C HIS A 745 20.29 -42.38 -25.19
N LEU A 746 19.15 -42.54 -24.53
CA LEU A 746 18.54 -41.41 -23.82
C LEU A 746 19.40 -40.99 -22.64
N GLU A 747 20.18 -41.93 -22.09
CA GLU A 747 21.01 -41.59 -20.92
C GLU A 747 22.20 -40.73 -21.33
N ASP A 748 22.90 -41.09 -22.41
CA ASP A 748 24.04 -40.30 -22.85
C ASP A 748 23.64 -38.99 -23.50
N TYR A 749 22.44 -38.90 -24.06
CA TYR A 749 21.95 -37.62 -24.57
C TYR A 749 21.64 -36.67 -23.41
N ALA A 750 20.86 -37.14 -22.43
CA ALA A 750 20.50 -36.30 -21.31
C ALA A 750 21.70 -35.93 -20.46
N SER A 751 22.75 -36.76 -20.48
CA SER A 751 23.96 -36.45 -19.72
C SER A 751 24.73 -35.27 -20.30
N GLU A 752 24.37 -34.80 -21.49
CA GLU A 752 24.99 -33.62 -22.08
C GLU A 752 24.11 -32.38 -22.00
N GLY A 753 22.85 -32.53 -21.58
CA GLY A 753 21.93 -31.43 -21.52
C GLY A 753 20.97 -31.30 -22.68
N LEU A 754 20.80 -32.36 -23.47
CA LEU A 754 19.95 -32.31 -24.64
C LEU A 754 18.51 -32.70 -24.29
N ARG A 755 17.56 -31.95 -24.83
CA ARG A 755 16.15 -32.23 -24.62
C ARG A 755 15.73 -33.36 -25.55
N THR A 756 15.36 -34.50 -24.99
CA THR A 756 15.12 -35.72 -25.74
C THR A 756 13.64 -36.05 -25.82
N LEU A 757 13.28 -36.82 -26.84
CA LEU A 757 11.92 -37.31 -27.03
C LEU A 757 11.99 -38.77 -27.48
N CYS A 758 10.82 -39.38 -27.64
CA CYS A 758 10.72 -40.75 -28.12
C CYS A 758 9.73 -40.81 -29.27
N LEU A 759 9.88 -41.84 -30.10
CA LEU A 759 9.05 -42.03 -31.28
C LEU A 759 8.47 -43.44 -31.27
N ALA A 760 7.23 -43.57 -31.73
CA ALA A 760 6.56 -44.86 -31.75
C ALA A 760 5.56 -44.88 -32.89
N MET A 761 5.02 -46.06 -33.17
CA MET A 761 4.08 -46.23 -34.26
C MET A 761 3.26 -47.49 -34.03
N ARG A 762 2.13 -47.58 -34.74
CA ARG A 762 1.25 -48.74 -34.66
C ARG A 762 0.31 -48.73 -35.84
N ASP A 763 0.20 -49.85 -36.54
CA ASP A 763 -0.71 -50.00 -37.67
C ASP A 763 -2.06 -50.47 -37.17
N ILE A 764 -3.12 -49.72 -37.49
CA ILE A 764 -4.46 -50.07 -37.08
C ILE A 764 -5.25 -50.54 -38.30
N SER A 765 -6.40 -51.14 -38.04
CA SER A 765 -7.27 -51.68 -39.07
C SER A 765 -8.54 -50.83 -39.20
N GLU A 766 -9.39 -51.22 -40.13
CA GLU A 766 -10.66 -50.52 -40.35
C GLU A 766 -11.79 -51.07 -39.49
N GLY A 767 -11.68 -52.32 -39.04
CA GLY A 767 -12.72 -52.88 -38.20
C GLY A 767 -12.83 -52.19 -36.85
N GLU A 768 -11.69 -51.81 -36.28
CA GLU A 768 -11.69 -51.12 -34.99
C GLU A 768 -11.84 -49.61 -35.14
N TYR A 769 -11.36 -49.02 -36.24
CA TYR A 769 -11.49 -47.58 -36.42
C TYR A 769 -12.94 -47.20 -36.72
N GLU A 770 -13.73 -48.12 -37.27
CA GLU A 770 -15.14 -47.83 -37.51
C GLU A 770 -15.89 -47.51 -36.23
N GLU A 771 -15.47 -48.11 -35.11
CA GLU A 771 -16.07 -47.82 -33.82
C GLU A 771 -15.31 -46.76 -33.03
N TRP A 772 -13.98 -46.73 -33.12
CA TRP A 772 -13.22 -45.73 -32.38
C TRP A 772 -13.45 -44.33 -32.91
N ASN A 773 -13.73 -44.20 -34.22
CA ASN A 773 -14.03 -42.88 -34.78
C ASN A 773 -15.32 -42.33 -34.20
N SER A 774 -16.33 -43.19 -34.02
CA SER A 774 -17.58 -42.75 -33.41
C SER A 774 -17.37 -42.33 -31.96
N ILE A 775 -16.42 -42.96 -31.28
CA ILE A 775 -16.12 -42.60 -29.89
C ILE A 775 -15.47 -41.22 -29.84
N TYR A 776 -14.56 -40.94 -30.79
CA TYR A 776 -13.89 -39.64 -30.80
C TYR A 776 -14.86 -38.53 -31.19
N ASN A 777 -15.81 -38.83 -32.06
CA ASN A 777 -16.79 -37.81 -32.46
C ASN A 777 -17.70 -37.45 -31.30
N GLU A 778 -18.12 -38.44 -30.51
CA GLU A 778 -18.96 -38.16 -29.35
C GLU A 778 -18.19 -37.38 -28.29
N ALA A 779 -16.88 -37.67 -28.15
CA ALA A 779 -16.08 -36.94 -27.18
C ALA A 779 -15.78 -35.52 -27.63
N ALA A 780 -15.82 -35.27 -28.94
CA ALA A 780 -15.55 -33.93 -29.45
C ALA A 780 -16.76 -33.01 -29.37
N THR A 781 -17.96 -33.56 -29.55
CA THR A 781 -19.19 -32.78 -29.53
C THR A 781 -19.93 -32.87 -28.21
N THR A 782 -19.25 -33.25 -27.13
CA THR A 782 -19.88 -33.37 -25.82
C THR A 782 -19.95 -32.01 -25.15
N LEU A 783 -21.13 -31.64 -24.67
CA LEU A 783 -21.33 -30.38 -23.97
C LEU A 783 -20.92 -30.43 -22.51
N ASP A 784 -20.76 -31.63 -21.95
CA ASP A 784 -20.39 -31.78 -20.54
C ASP A 784 -18.96 -31.32 -20.30
N ASN A 785 -17.99 -32.09 -20.79
CA ASN A 785 -16.58 -31.76 -20.60
C ASN A 785 -15.81 -32.28 -21.80
N ARG A 786 -14.83 -31.50 -22.24
CA ARG A 786 -14.00 -31.88 -23.39
C ARG A 786 -12.50 -31.86 -23.11
N ALA A 787 -12.03 -31.12 -22.09
CA ALA A 787 -10.61 -31.09 -21.80
C ALA A 787 -10.09 -32.43 -21.28
N GLU A 788 -10.97 -33.28 -20.76
CA GLU A 788 -10.59 -34.59 -20.25
C GLU A 788 -11.28 -35.75 -20.94
N LYS A 789 -12.40 -35.52 -21.63
CA LYS A 789 -13.13 -36.62 -22.26
C LYS A 789 -12.38 -37.16 -23.46
N LEU A 790 -11.83 -36.29 -24.31
CA LEU A 790 -11.11 -36.77 -25.48
C LEU A 790 -9.73 -37.29 -25.12
N ASP A 791 -9.20 -36.91 -23.95
CA ASP A 791 -7.94 -37.48 -23.49
C ASP A 791 -8.10 -38.96 -23.16
N GLU A 792 -9.26 -39.32 -22.59
CA GLU A 792 -9.52 -40.72 -22.28
C GLU A 792 -9.79 -41.52 -23.54
N ALA A 793 -10.50 -40.93 -24.51
CA ALA A 793 -10.77 -41.62 -25.77
C ALA A 793 -9.52 -41.73 -26.62
N ALA A 794 -8.52 -40.90 -26.36
CA ALA A 794 -7.29 -40.96 -27.14
C ALA A 794 -6.39 -42.11 -26.68
N ASN A 795 -6.28 -42.32 -25.37
CA ASN A 795 -5.51 -43.45 -24.86
C ASN A 795 -6.21 -44.78 -25.09
N LEU A 796 -7.45 -44.78 -25.55
CA LEU A 796 -8.14 -46.03 -25.86
C LEU A 796 -7.59 -46.70 -27.11
N ILE A 797 -6.98 -45.92 -28.01
CA ILE A 797 -6.40 -46.49 -29.22
C ILE A 797 -4.89 -46.68 -29.11
N GLU A 798 -4.22 -45.99 -28.19
CA GLU A 798 -2.77 -46.12 -28.01
C GLU A 798 -2.44 -47.30 -27.11
N LYS A 799 -2.96 -48.47 -27.49
CA LYS A 799 -2.71 -49.68 -26.71
C LYS A 799 -1.28 -50.16 -26.89
N ASN A 800 -0.88 -50.46 -28.12
CA ASN A 800 0.45 -50.94 -28.43
C ASN A 800 1.25 -49.86 -29.14
N LEU A 801 2.56 -49.91 -28.96
CA LEU A 801 3.47 -48.96 -29.61
C LEU A 801 4.80 -49.65 -29.88
N ILE A 802 5.31 -49.45 -31.09
CA ILE A 802 6.60 -50.01 -31.49
C ILE A 802 7.60 -48.86 -31.48
N LEU A 803 8.52 -48.88 -30.51
CA LEU A 803 9.50 -47.81 -30.37
C LEU A 803 10.47 -47.86 -31.54
N ILE A 804 10.58 -46.76 -32.27
CA ILE A 804 11.46 -46.66 -33.43
C ILE A 804 12.81 -46.07 -33.06
N GLY A 805 12.80 -44.96 -32.32
CA GLY A 805 14.04 -44.35 -31.92
C GLY A 805 13.81 -43.16 -31.02
N ALA A 806 14.83 -42.31 -30.91
CA ALA A 806 14.78 -41.14 -30.06
C ALA A 806 15.55 -40.00 -30.71
N THR A 807 15.26 -38.79 -30.25
CA THR A 807 15.87 -37.58 -30.78
C THR A 807 16.58 -36.82 -29.66
N ALA A 808 17.40 -35.85 -30.05
CA ALA A 808 18.12 -35.01 -29.11
C ALA A 808 18.19 -33.59 -29.66
N ILE A 809 17.79 -32.62 -28.85
CA ILE A 809 17.71 -31.22 -29.27
C ILE A 809 18.53 -30.37 -28.32
N GLU A 810 19.19 -29.35 -28.87
CA GLU A 810 20.01 -28.44 -28.09
C GLU A 810 19.18 -27.28 -27.57
N ASP A 811 19.48 -26.85 -26.34
CA ASP A 811 18.83 -25.69 -25.74
C ASP A 811 19.80 -25.04 -24.78
N LYS A 812 20.12 -23.77 -25.00
CA LYS A 812 21.09 -23.04 -24.21
C LYS A 812 20.39 -22.17 -23.17
N LEU A 813 21.15 -21.81 -22.13
CA LEU A 813 20.62 -20.95 -21.09
C LEU A 813 20.57 -19.49 -21.56
N GLN A 814 19.73 -18.71 -20.89
CA GLN A 814 19.64 -17.29 -21.18
C GLN A 814 20.90 -16.57 -20.71
N ASP A 815 20.97 -15.28 -21.02
CA ASP A 815 22.12 -14.47 -20.66
C ASP A 815 21.96 -13.93 -19.25
N GLY A 816 23.06 -13.96 -18.49
CA GLY A 816 23.07 -13.45 -17.13
C GLY A 816 22.40 -14.32 -16.09
N VAL A 817 21.82 -15.46 -16.49
CA VAL A 817 21.16 -16.33 -15.52
C VAL A 817 22.14 -16.97 -14.56
N PRO A 818 23.31 -17.47 -14.98
CA PRO A 818 24.27 -17.98 -14.00
C PRO A 818 24.68 -16.97 -12.94
N GLU A 819 24.64 -15.68 -13.28
CA GLU A 819 25.06 -14.65 -12.32
C GLU A 819 23.94 -14.33 -11.33
N THR A 820 22.69 -14.36 -11.79
CA THR A 820 21.57 -14.03 -10.90
C THR A 820 21.33 -15.12 -9.87
N ILE A 821 21.37 -16.39 -10.31
CA ILE A 821 21.15 -17.49 -9.38
C ILE A 821 22.25 -17.57 -8.34
N HIS A 822 23.49 -17.29 -8.75
CA HIS A 822 24.60 -17.24 -7.79
C HIS A 822 24.39 -16.12 -6.78
N THR A 823 23.81 -15.01 -7.21
CA THR A 823 23.60 -13.88 -6.31
C THR A 823 22.36 -14.09 -5.45
N LEU A 824 21.31 -14.69 -6.01
CA LEU A 824 20.10 -14.96 -5.22
C LEU A 824 20.40 -15.96 -4.10
N GLN A 825 21.22 -16.97 -4.37
CA GLN A 825 21.59 -17.91 -3.33
C GLN A 825 22.57 -17.30 -2.34
N GLU A 826 23.37 -16.32 -2.79
CA GLU A 826 24.27 -15.63 -1.88
C GLU A 826 23.52 -14.70 -0.94
N ALA A 827 22.29 -14.31 -1.28
CA ALA A 827 21.45 -13.51 -0.42
C ALA A 827 20.58 -14.36 0.50
N GLY A 828 20.72 -15.67 0.45
CA GLY A 828 19.97 -16.54 1.34
C GLY A 828 18.63 -17.00 0.83
N ILE A 829 18.46 -17.08 -0.49
CA ILE A 829 17.20 -17.52 -1.09
C ILE A 829 17.40 -18.93 -1.62
N LYS A 830 16.43 -19.80 -1.36
CA LYS A 830 16.46 -21.17 -1.83
C LYS A 830 15.59 -21.29 -3.07
N ILE A 831 16.13 -21.93 -4.11
CA ILE A 831 15.49 -22.02 -5.42
C ILE A 831 15.09 -23.46 -5.67
N TRP A 832 13.80 -23.68 -5.90
CA TRP A 832 13.27 -24.98 -6.28
C TRP A 832 12.90 -24.97 -7.75
N VAL A 833 13.27 -26.03 -8.46
CA VAL A 833 13.02 -26.15 -9.89
C VAL A 833 11.98 -27.25 -10.10
N LEU A 834 10.86 -26.89 -10.72
CA LEU A 834 9.76 -27.81 -10.99
C LEU A 834 9.67 -27.99 -12.51
N THR A 835 10.41 -28.98 -13.02
CA THR A 835 10.50 -29.24 -14.44
C THR A 835 9.67 -30.47 -14.80
N GLY A 836 9.01 -30.41 -15.95
CA GLY A 836 8.27 -31.54 -16.48
C GLY A 836 9.06 -32.42 -17.43
N ASP A 837 10.37 -32.22 -17.54
CA ASP A 837 11.22 -32.95 -18.45
C ASP A 837 11.94 -34.08 -17.70
N ARG A 838 13.02 -34.60 -18.28
CA ARG A 838 13.76 -35.69 -17.67
C ARG A 838 14.56 -35.20 -16.47
N GLN A 839 15.28 -36.13 -15.84
CA GLN A 839 16.03 -35.84 -14.61
C GLN A 839 17.46 -35.42 -14.89
N GLU A 840 18.17 -36.17 -15.73
CA GLU A 840 19.58 -35.89 -15.97
C GLU A 840 19.76 -34.58 -16.74
N THR A 841 18.76 -34.16 -17.51
CA THR A 841 18.85 -32.89 -18.22
C THR A 841 18.90 -31.72 -17.24
N ALA A 842 18.01 -31.72 -16.25
CA ALA A 842 17.98 -30.61 -15.29
C ALA A 842 19.23 -30.57 -14.44
N ILE A 843 19.84 -31.73 -14.19
CA ILE A 843 21.05 -31.76 -13.37
C ILE A 843 22.24 -31.17 -14.13
N ASN A 844 22.32 -31.45 -15.43
CA ASN A 844 23.43 -30.91 -16.22
C ASN A 844 23.30 -29.42 -16.43
N ILE A 845 22.09 -28.93 -16.75
CA ILE A 845 21.90 -27.50 -16.89
C ILE A 845 21.96 -26.81 -15.54
N GLY A 846 21.80 -27.55 -14.45
CA GLY A 846 21.89 -26.98 -13.12
C GLY A 846 23.32 -26.72 -12.69
N MET A 847 24.25 -27.58 -13.12
CA MET A 847 25.66 -27.37 -12.80
C MET A 847 26.24 -26.23 -13.62
N SER A 848 25.79 -26.08 -14.87
CA SER A 848 26.25 -24.98 -15.71
C SER A 848 25.64 -23.65 -15.29
N CYS A 849 24.42 -23.68 -14.75
CA CYS A 849 23.74 -22.48 -14.25
C CYS A 849 24.25 -22.06 -12.88
N ARG A 850 25.28 -22.72 -12.37
CA ARG A 850 25.84 -22.43 -11.04
C ARG A 850 24.79 -22.61 -9.94
N LEU A 851 23.80 -23.47 -10.19
CA LEU A 851 22.84 -23.82 -9.15
C LEU A 851 23.39 -24.91 -8.24
N LEU A 852 23.89 -25.99 -8.81
CA LEU A 852 24.55 -27.04 -8.07
C LEU A 852 26.06 -26.78 -8.09
N SER A 853 26.87 -27.80 -7.77
CA SER A 853 28.32 -27.65 -7.76
C SER A 853 28.94 -29.01 -7.97
N GLU A 854 30.26 -29.01 -8.16
CA GLU A 854 31.00 -30.25 -8.33
C GLU A 854 31.27 -30.96 -7.01
N ASP A 855 31.24 -30.24 -5.89
CA ASP A 855 31.44 -30.82 -4.57
C ASP A 855 30.15 -30.92 -3.77
N MET A 856 29.01 -30.67 -4.40
CA MET A 856 27.73 -30.73 -3.71
C MET A 856 27.23 -32.18 -3.68
N ASN A 857 26.76 -32.61 -2.52
CA ASN A 857 26.29 -33.98 -2.33
C ASN A 857 24.84 -34.07 -2.78
N LEU A 858 24.58 -34.73 -3.90
CA LEU A 858 23.23 -34.91 -4.38
C LEU A 858 22.55 -36.07 -3.65
N LEU A 859 21.31 -35.85 -3.25
CA LEU A 859 20.52 -36.84 -2.52
C LEU A 859 19.34 -37.25 -3.40
N ILE A 860 19.53 -38.28 -4.21
CA ILE A 860 18.54 -38.71 -5.19
C ILE A 860 17.46 -39.52 -4.49
N ILE A 861 16.22 -39.36 -4.95
CA ILE A 861 15.09 -40.16 -4.49
C ILE A 861 14.32 -40.60 -5.73
N ASN A 862 14.59 -41.81 -6.20
CA ASN A 862 13.92 -42.39 -7.37
C ASN A 862 13.31 -43.72 -6.95
N GLU A 863 12.07 -43.68 -6.46
CA GLU A 863 11.38 -44.88 -5.99
C GLU A 863 10.23 -45.22 -6.93
N GLU A 864 9.74 -46.46 -6.80
CA GLU A 864 8.73 -46.98 -7.70
C GLU A 864 7.39 -47.25 -7.02
N THR A 865 7.37 -47.42 -5.70
CA THR A 865 6.14 -47.71 -4.96
C THR A 865 6.07 -46.79 -3.74
N ARG A 866 4.85 -46.68 -3.18
CA ARG A 866 4.65 -45.82 -2.02
C ARG A 866 5.45 -46.30 -0.82
N ASP A 867 5.49 -47.62 -0.59
CA ASP A 867 6.25 -48.16 0.52
C ASP A 867 7.75 -47.94 0.34
N ASP A 868 8.24 -47.96 -0.91
CA ASP A 868 9.65 -47.72 -1.15
C ASP A 868 10.03 -46.28 -0.87
N THR A 869 9.10 -45.34 -1.09
CA THR A 869 9.39 -43.94 -0.80
C THR A 869 9.47 -43.69 0.69
N GLU A 870 8.68 -44.41 1.50
CA GLU A 870 8.72 -44.25 2.94
C GLU A 870 10.09 -44.62 3.48
N ARG A 871 10.62 -45.78 3.09
CA ARG A 871 11.93 -46.21 3.56
C ARG A 871 13.01 -45.25 3.07
N ASN A 872 12.89 -44.74 1.85
CA ASN A 872 13.89 -43.81 1.34
C ASN A 872 13.86 -42.49 2.10
N LEU A 873 12.67 -41.98 2.40
CA LEU A 873 12.57 -40.75 3.17
C LEU A 873 13.09 -40.95 4.59
N LEU A 874 12.79 -42.10 5.18
CA LEU A 874 13.30 -42.38 6.53
C LEU A 874 14.82 -42.54 6.52
N GLU A 875 15.36 -43.21 5.50
CA GLU A 875 16.81 -43.35 5.40
C GLU A 875 17.48 -42.01 5.14
N LYS A 876 16.76 -41.06 4.56
CA LYS A 876 17.33 -39.74 4.33
C LYS A 876 17.39 -38.94 5.62
N ILE A 877 16.29 -38.91 6.38
CA ILE A 877 16.20 -38.01 7.53
C ILE A 877 17.10 -38.48 8.66
N ASN A 878 17.21 -39.80 8.88
CA ASN A 878 18.02 -40.28 9.97
C ASN A 878 19.51 -40.14 9.69
N ALA A 879 19.94 -40.33 8.44
CA ALA A 879 21.34 -40.13 8.10
C ALA A 879 21.76 -38.67 8.24
N LEU A 880 20.79 -37.76 8.24
CA LEU A 880 21.10 -36.34 8.39
C LEU A 880 21.26 -35.95 9.85
N ASN A 881 20.39 -36.48 10.72
CA ASN A 881 20.43 -36.11 12.13
C ASN A 881 21.38 -36.97 12.95
N GLU A 882 21.97 -38.01 12.37
CA GLU A 882 22.97 -38.80 13.10
C GLU A 882 24.25 -38.02 13.36
N HIS A 883 24.48 -36.93 12.62
CA HIS A 883 25.67 -36.12 12.79
C HIS A 883 25.28 -34.65 12.62
N GLN A 884 26.10 -33.77 13.20
CA GLN A 884 25.85 -32.35 13.09
C GLN A 884 26.10 -31.87 11.67
N LEU A 885 25.42 -30.78 11.31
CA LEU A 885 25.52 -30.18 9.98
C LEU A 885 26.36 -28.92 10.07
N SER A 886 27.59 -29.00 9.57
CA SER A 886 28.47 -27.85 9.55
C SER A 886 28.04 -26.88 8.44
N THR A 887 28.70 -25.72 8.41
CA THR A 887 28.39 -24.72 7.39
C THR A 887 28.72 -25.25 5.99
N HIS A 888 29.84 -25.95 5.85
CA HIS A 888 30.21 -26.53 4.57
C HIS A 888 29.37 -27.75 4.22
N ASP A 889 28.76 -28.40 5.22
CA ASP A 889 27.96 -29.59 4.97
C ASP A 889 26.52 -29.25 4.58
N MET A 890 25.89 -28.32 5.29
CA MET A 890 24.51 -27.94 4.96
C MET A 890 24.45 -27.19 3.63
N ASN A 891 25.53 -26.48 3.27
CA ASN A 891 25.57 -25.77 2.00
C ASN A 891 25.68 -26.71 0.81
N THR A 892 26.22 -27.91 1.01
CA THR A 892 26.43 -28.88 -0.06
C THR A 892 25.41 -30.01 -0.01
N LEU A 893 24.13 -29.65 0.00
CA LEU A 893 23.05 -30.62 -0.05
C LEU A 893 22.07 -30.22 -1.15
N ALA A 894 21.58 -31.20 -1.89
CA ALA A 894 20.61 -30.97 -2.95
C ALA A 894 19.71 -32.19 -3.08
N LEU A 895 18.41 -31.95 -3.17
CA LEU A 895 17.42 -33.00 -3.29
C LEU A 895 16.95 -33.11 -4.73
N VAL A 896 16.99 -34.33 -5.28
CA VAL A 896 16.51 -34.60 -6.63
C VAL A 896 15.46 -35.69 -6.51
N ILE A 897 14.21 -35.35 -6.81
CA ILE A 897 13.09 -36.28 -6.71
C ILE A 897 12.25 -36.15 -7.97
N ASP A 898 11.94 -37.28 -8.60
CA ASP A 898 11.22 -37.28 -9.86
C ASP A 898 9.72 -37.08 -9.64
N GLY A 899 8.92 -37.28 -10.69
CA GLY A 899 7.49 -37.05 -10.62
C GLY A 899 6.72 -38.17 -9.95
N LYS A 900 7.07 -39.42 -10.27
CA LYS A 900 6.40 -40.56 -9.64
C LYS A 900 6.71 -40.62 -8.15
N SER A 901 7.97 -40.36 -7.77
CA SER A 901 8.33 -40.35 -6.36
C SER A 901 7.69 -39.19 -5.63
N LEU A 902 7.48 -38.07 -6.32
CA LEU A 902 6.85 -36.91 -5.68
C LEU A 902 5.35 -37.12 -5.48
N GLY A 903 4.74 -37.93 -6.35
CA GLY A 903 3.31 -38.21 -6.19
C GLY A 903 3.00 -38.98 -4.91
N PHE A 904 3.96 -39.78 -4.44
CA PHE A 904 3.74 -40.52 -3.20
C PHE A 904 4.08 -39.67 -1.98
N ALA A 905 5.15 -38.87 -2.07
CA ALA A 905 5.60 -38.06 -0.95
C ALA A 905 4.74 -36.82 -0.71
N LEU A 906 3.63 -36.68 -1.42
CA LEU A 906 2.69 -35.58 -1.18
C LEU A 906 1.44 -36.04 -0.45
N GLU A 907 1.35 -37.31 -0.08
CA GLU A 907 0.23 -37.79 0.71
C GLU A 907 0.32 -37.22 2.13
N PRO A 908 -0.82 -37.16 2.84
CA PRO A 908 -0.79 -36.60 4.20
C PRO A 908 0.18 -37.31 5.13
N GLU A 909 0.43 -38.60 4.92
CA GLU A 909 1.35 -39.33 5.79
C GLU A 909 2.80 -39.02 5.48
N LEU A 910 3.13 -38.80 4.21
CA LEU A 910 4.52 -38.61 3.80
C LEU A 910 4.88 -37.15 3.52
N GLU A 911 3.90 -36.24 3.49
CA GLU A 911 4.20 -34.85 3.20
C GLU A 911 5.05 -34.22 4.29
N ASP A 912 4.96 -34.74 5.53
CA ASP A 912 5.78 -34.21 6.61
C ASP A 912 7.21 -34.71 6.50
N TYR A 913 7.40 -35.93 5.99
CA TYR A 913 8.75 -36.46 5.80
C TYR A 913 9.46 -35.75 4.64
N LEU A 914 8.70 -35.40 3.60
CA LEU A 914 9.31 -34.72 2.46
C LEU A 914 9.72 -33.30 2.80
N LEU A 915 8.91 -32.62 3.63
CA LEU A 915 9.17 -31.20 3.91
C LEU A 915 10.35 -31.04 4.86
N THR A 916 10.53 -31.97 5.79
CA THR A 916 11.60 -31.86 6.77
C THR A 916 12.97 -32.16 6.18
N VAL A 917 13.03 -32.85 5.04
CA VAL A 917 14.31 -33.13 4.40
C VAL A 917 14.66 -32.11 3.33
N ALA A 918 13.68 -31.41 2.78
CA ALA A 918 13.92 -30.40 1.76
C ALA A 918 14.38 -29.06 2.34
N LYS A 919 14.13 -28.82 3.62
CA LYS A 919 14.55 -27.57 4.25
C LYS A 919 16.03 -27.55 4.59
N LEU A 920 16.73 -28.68 4.48
CA LEU A 920 18.15 -28.75 4.80
C LEU A 920 19.04 -28.56 3.58
N CYS A 921 18.52 -28.76 2.38
CA CYS A 921 19.31 -28.66 1.15
C CYS A 921 19.14 -27.28 0.53
N LYS A 922 20.24 -26.76 -0.03
CA LYS A 922 20.23 -25.42 -0.60
C LYS A 922 19.49 -25.35 -1.94
N ALA A 923 19.34 -26.48 -2.62
CA ALA A 923 18.66 -26.52 -3.92
C ALA A 923 17.84 -27.79 -4.02
N VAL A 924 16.68 -27.67 -4.67
CA VAL A 924 15.79 -28.80 -4.93
C VAL A 924 15.47 -28.81 -6.41
N ILE A 925 15.49 -30.01 -7.02
CA ILE A 925 15.24 -30.17 -8.44
C ILE A 925 14.18 -31.25 -8.61
N CYS A 926 12.94 -30.84 -8.85
CA CYS A 926 11.87 -31.78 -9.14
C CYS A 926 11.80 -32.00 -10.65
N CYS A 927 11.50 -33.24 -11.05
CA CYS A 927 11.50 -33.63 -12.45
C CYS A 927 10.22 -34.37 -12.79
N ARG A 928 9.83 -34.30 -14.07
CA ARG A 928 8.64 -34.99 -14.57
C ARG A 928 7.39 -34.60 -13.79
N VAL A 929 7.27 -33.32 -13.46
CA VAL A 929 6.19 -32.82 -12.63
C VAL A 929 4.98 -32.53 -13.50
N SER A 930 3.81 -32.99 -13.07
CA SER A 930 2.57 -32.70 -13.76
C SER A 930 2.20 -31.23 -13.57
N PRO A 931 1.38 -30.68 -14.47
CA PRO A 931 0.94 -29.27 -14.27
C PRO A 931 0.23 -29.06 -12.95
N LEU A 932 -0.74 -29.90 -12.60
CA LEU A 932 -1.44 -29.75 -11.33
C LEU A 932 -0.55 -30.11 -10.14
N GLN A 933 0.46 -30.94 -10.34
CA GLN A 933 1.40 -31.24 -9.27
C GLN A 933 2.33 -30.06 -8.99
N LYS A 934 2.45 -29.12 -9.92
CA LYS A 934 3.23 -27.91 -9.66
C LYS A 934 2.54 -27.01 -8.66
N ALA A 935 1.21 -27.12 -8.54
CA ALA A 935 0.48 -26.33 -7.56
C ALA A 935 0.47 -26.98 -6.19
N LEU A 936 0.40 -28.31 -6.13
CA LEU A 936 0.40 -29.00 -4.85
C LEU A 936 1.70 -28.79 -4.10
N VAL A 937 2.81 -28.66 -4.82
CA VAL A 937 4.10 -28.42 -4.17
C VAL A 937 4.14 -27.02 -3.58
N VAL A 938 3.60 -26.03 -4.30
CA VAL A 938 3.63 -24.66 -3.82
C VAL A 938 2.67 -24.48 -2.65
N LYS A 939 1.48 -25.09 -2.73
CA LYS A 939 0.51 -24.95 -1.65
C LYS A 939 0.94 -25.71 -0.40
N MET A 940 1.68 -26.81 -0.56
CA MET A 940 2.10 -27.58 0.60
C MET A 940 3.16 -26.84 1.41
N VAL A 941 4.03 -26.09 0.72
CA VAL A 941 5.10 -25.39 1.43
C VAL A 941 4.56 -24.16 2.15
N LYS A 942 3.54 -23.50 1.57
CA LYS A 942 3.02 -22.29 2.17
C LYS A 942 2.02 -22.55 3.29
N ARG A 943 1.36 -23.71 3.28
CA ARG A 943 0.40 -24.05 4.32
C ARG A 943 1.05 -24.78 5.50
N LYS A 944 2.35 -25.03 5.44
CA LYS A 944 3.08 -25.67 6.54
C LYS A 944 4.36 -24.91 6.86
N SER A 945 4.36 -23.60 6.64
CA SER A 945 5.51 -22.76 6.93
C SER A 945 5.03 -21.32 7.06
N SER A 946 5.98 -20.40 7.25
CA SER A 946 5.68 -18.99 7.41
C SER A 946 6.39 -18.11 6.41
N SER A 947 7.26 -18.66 5.57
CA SER A 947 8.02 -17.86 4.63
C SER A 947 7.13 -17.46 3.44
N LEU A 948 7.62 -16.48 2.67
CA LEU A 948 6.94 -16.00 1.49
C LEU A 948 7.47 -16.71 0.25
N LEU A 949 6.56 -17.06 -0.66
CA LEU A 949 6.87 -17.87 -1.82
C LEU A 949 6.76 -17.04 -3.09
N LEU A 950 7.66 -17.31 -4.04
CA LEU A 950 7.66 -16.66 -5.35
C LEU A 950 7.68 -17.74 -6.42
N ALA A 951 6.82 -17.60 -7.41
CA ALA A 951 6.71 -18.57 -8.51
C ALA A 951 6.87 -17.84 -9.82
N ILE A 952 7.88 -18.24 -10.60
CA ILE A 952 8.15 -17.63 -11.90
C ILE A 952 8.18 -18.74 -12.94
N GLY A 953 7.53 -18.49 -14.07
CA GLY A 953 7.48 -19.48 -15.13
C GLY A 953 6.83 -18.92 -16.37
N ASP A 954 6.76 -19.76 -17.40
CA ASP A 954 6.18 -19.39 -18.69
C ASP A 954 5.37 -20.55 -19.23
N GLY A 955 4.31 -20.23 -19.96
CA GLY A 955 3.46 -21.23 -20.56
C GLY A 955 2.25 -21.56 -19.70
N ALA A 956 1.35 -22.35 -20.30
CA ALA A 956 0.11 -22.72 -19.64
C ALA A 956 0.26 -23.88 -18.66
N ASN A 957 1.47 -24.42 -18.50
CA ASN A 957 1.67 -25.53 -17.59
C ASN A 957 1.94 -25.07 -16.16
N ASP A 958 2.53 -23.90 -15.98
CA ASP A 958 2.80 -23.34 -14.66
C ASP A 958 1.97 -22.08 -14.40
N VAL A 959 0.71 -22.10 -14.84
CA VAL A 959 -0.20 -21.00 -14.51
C VAL A 959 -0.80 -21.19 -13.13
N SER A 960 -1.05 -22.44 -12.74
CA SER A 960 -1.53 -22.71 -11.39
C SER A 960 -0.43 -22.51 -10.35
N MET A 961 0.83 -22.69 -10.75
CA MET A 961 1.94 -22.42 -9.84
C MET A 961 2.01 -20.94 -9.50
N ILE A 962 1.67 -20.08 -10.45
CA ILE A 962 1.73 -18.64 -10.22
C ILE A 962 0.55 -18.17 -9.38
N GLN A 963 -0.64 -18.71 -9.65
CA GLN A 963 -1.83 -18.30 -8.89
C GLN A 963 -1.82 -18.83 -7.46
N ALA A 964 -1.03 -19.85 -7.17
CA ALA A 964 -1.01 -20.45 -5.83
C ALA A 964 0.01 -19.80 -4.91
N ALA A 965 1.08 -19.24 -5.46
CA ALA A 965 2.12 -18.63 -4.64
C ALA A 965 1.70 -17.23 -4.21
N HIS A 966 2.62 -16.53 -3.55
CA HIS A 966 2.36 -15.16 -3.12
C HIS A 966 2.65 -14.18 -4.24
N VAL A 967 3.93 -13.90 -4.48
CA VAL A 967 4.35 -13.02 -5.56
C VAL A 967 4.56 -13.88 -6.80
N GLY A 968 3.60 -13.84 -7.71
CA GLY A 968 3.70 -14.61 -8.95
C GLY A 968 4.27 -13.77 -10.07
N VAL A 969 5.29 -14.31 -10.73
CA VAL A 969 5.98 -13.63 -11.82
C VAL A 969 5.78 -14.42 -13.11
N GLY A 970 5.46 -13.72 -14.19
CA GLY A 970 5.26 -14.37 -15.47
C GLY A 970 6.26 -13.93 -16.52
N ILE A 971 6.83 -14.91 -17.24
CA ILE A 971 7.80 -14.64 -18.30
C ILE A 971 7.08 -14.68 -19.64
N SER A 972 7.31 -13.66 -20.46
CA SER A 972 6.75 -13.60 -21.81
C SER A 972 7.77 -14.19 -22.77
N GLY A 973 7.55 -15.42 -23.20
CA GLY A 973 8.48 -16.13 -24.06
C GLY A 973 7.79 -16.61 -25.33
N MET A 974 8.37 -17.66 -25.92
CA MET A 974 7.87 -18.21 -27.17
C MET A 974 6.65 -19.10 -26.98
N GLU A 975 6.38 -19.55 -25.75
CA GLU A 975 5.24 -20.44 -25.52
C GLU A 975 3.90 -19.74 -25.61
N GLY A 976 3.87 -18.40 -25.59
CA GLY A 976 2.65 -17.65 -25.69
C GLY A 976 2.57 -16.60 -24.60
N MET A 977 1.37 -16.09 -24.38
CA MET A 977 1.11 -15.07 -23.39
C MET A 977 0.09 -15.53 -22.35
N GLN A 978 0.08 -16.83 -22.06
CA GLN A 978 -0.90 -17.38 -21.12
C GLN A 978 -0.49 -17.12 -19.67
N ALA A 979 0.80 -17.23 -19.37
CA ALA A 979 1.28 -17.05 -18.00
C ALA A 979 1.64 -15.60 -17.69
N ALA A 980 1.93 -14.78 -18.70
CA ALA A 980 2.29 -13.39 -18.46
C ALA A 980 1.10 -12.52 -18.10
N ARG A 981 -0.13 -12.98 -18.40
CA ARG A 981 -1.32 -12.21 -18.08
C ARG A 981 -1.92 -12.58 -16.73
N SER A 982 -1.83 -13.85 -16.33
CA SER A 982 -2.39 -14.29 -15.05
C SER A 982 -1.44 -14.06 -13.88
N ALA A 983 -0.27 -13.48 -14.12
CA ALA A 983 0.69 -13.23 -13.05
C ALA A 983 0.50 -11.83 -12.47
N ASP A 984 1.24 -11.55 -11.40
CA ASP A 984 1.20 -10.24 -10.78
C ASP A 984 2.28 -9.31 -11.32
N ILE A 985 3.39 -9.86 -11.80
CA ILE A 985 4.47 -9.08 -12.40
C ILE A 985 4.89 -9.79 -13.67
N ALA A 986 4.86 -9.06 -14.79
CA ALA A 986 5.29 -9.60 -16.07
C ALA A 986 6.68 -9.07 -16.39
N VAL A 987 7.65 -9.97 -16.48
CA VAL A 987 9.05 -9.60 -16.70
C VAL A 987 9.50 -10.15 -18.04
N GLY A 988 10.41 -9.43 -18.69
CA GLY A 988 10.89 -9.86 -19.99
C GLY A 988 11.65 -11.17 -19.94
N GLN A 989 12.54 -11.33 -18.96
CA GLN A 989 13.36 -12.52 -18.85
C GLN A 989 13.73 -12.75 -17.40
N PHE A 990 14.59 -13.76 -17.17
CA PHE A 990 14.96 -14.18 -15.82
C PHE A 990 16.07 -13.31 -15.21
N LYS A 991 16.82 -12.60 -16.04
CA LYS A 991 17.94 -11.81 -15.53
C LYS A 991 17.47 -10.71 -14.58
N PHE A 992 16.26 -10.21 -14.76
CA PHE A 992 15.78 -9.02 -14.05
C PHE A 992 15.35 -9.30 -12.62
N LEU A 993 15.44 -10.54 -12.14
CA LEU A 993 15.11 -10.83 -10.75
C LEU A 993 16.22 -10.41 -9.78
N LYS A 994 17.45 -10.24 -10.27
CA LYS A 994 18.55 -9.85 -9.40
C LYS A 994 18.43 -8.40 -8.94
N LYS A 995 17.67 -7.57 -9.66
CA LYS A 995 17.45 -6.19 -9.28
C LYS A 995 16.04 -5.92 -8.78
N LEU A 996 15.05 -6.69 -9.28
CA LEU A 996 13.68 -6.52 -8.81
C LEU A 996 13.55 -6.90 -7.34
N LEU A 997 14.40 -7.79 -6.85
CA LEU A 997 14.33 -8.24 -5.46
C LEU A 997 15.37 -7.55 -4.57
N LEU A 998 16.60 -7.41 -5.06
CA LEU A 998 17.65 -6.85 -4.20
C LEU A 998 17.50 -5.34 -4.04
N VAL A 999 17.32 -4.61 -5.14
CA VAL A 999 17.24 -3.16 -5.07
C VAL A 999 15.80 -2.70 -4.88
N HIS A 1000 14.91 -3.04 -5.81
CA HIS A 1000 13.53 -2.58 -5.71
C HIS A 1000 12.76 -3.28 -4.60
N GLY A 1001 13.28 -4.41 -4.12
CA GLY A 1001 12.63 -5.10 -3.03
C GLY A 1001 13.02 -4.56 -1.67
N SER A 1002 14.33 -4.38 -1.45
CA SER A 1002 14.80 -3.85 -0.17
C SER A 1002 14.33 -2.43 0.05
N TRP A 1003 14.23 -1.64 -1.03
CA TRP A 1003 13.74 -0.28 -0.91
C TRP A 1003 12.25 -0.26 -0.57
N SER A 1004 11.45 -1.04 -1.32
CA SER A 1004 10.01 -1.03 -1.11
C SER A 1004 9.64 -1.45 0.30
N TYR A 1005 10.39 -2.39 0.88
CA TYR A 1005 10.10 -2.84 2.23
C TYR A 1005 10.49 -1.78 3.26
N GLN A 1006 11.68 -1.21 3.11
CA GLN A 1006 12.16 -0.24 4.09
C GLN A 1006 11.37 1.07 4.00
N ARG A 1007 10.87 1.40 2.81
CA ARG A 1007 10.14 2.65 2.64
C ARG A 1007 8.76 2.57 3.28
N ILE A 1008 7.99 1.53 2.96
CA ILE A 1008 6.63 1.42 3.45
C ILE A 1008 6.61 1.12 4.94
N SER A 1009 7.70 0.55 5.47
CA SER A 1009 7.75 0.24 6.89
C SER A 1009 7.87 1.50 7.73
N VAL A 1010 8.83 2.36 7.39
CA VAL A 1010 9.05 3.58 8.16
C VAL A 1010 7.91 4.56 7.95
N ALA A 1011 7.31 4.56 6.76
CA ALA A 1011 6.23 5.48 6.46
C ALA A 1011 5.02 5.23 7.36
N ILE A 1012 4.76 3.96 7.68
CA ILE A 1012 3.63 3.63 8.55
C ILE A 1012 3.98 3.88 10.00
N LEU A 1013 5.23 3.60 10.39
CA LEU A 1013 5.65 3.86 11.77
C LEU A 1013 5.67 5.35 12.07
N TYR A 1014 6.01 6.17 11.07
CA TYR A 1014 6.00 7.62 11.27
C TYR A 1014 4.57 8.15 11.32
N SER A 1015 3.66 7.54 10.55
CA SER A 1015 2.27 7.98 10.56
C SER A 1015 1.61 7.73 11.90
N PHE A 1016 2.02 6.67 12.62
CA PHE A 1016 1.48 6.42 13.94
C PHE A 1016 2.12 7.33 14.98
N TYR A 1017 3.38 7.73 14.76
CA TYR A 1017 4.07 8.57 15.73
C TYR A 1017 3.59 10.02 15.65
N LYS A 1018 3.47 10.56 14.43
CA LYS A 1018 3.07 11.96 14.28
C LYS A 1018 1.66 12.20 14.80
N ASN A 1019 0.78 11.19 14.72
CA ASN A 1019 -0.59 11.34 15.18
C ASN A 1019 -0.70 11.18 16.68
N THR A 1020 0.19 10.40 17.29
CA THR A 1020 0.17 10.23 18.75
C THR A 1020 0.86 11.38 19.47
N ALA A 1021 1.87 11.99 18.84
CA ALA A 1021 2.63 13.04 19.51
C ALA A 1021 1.79 14.30 19.73
N LEU A 1022 0.67 14.43 19.03
CA LEU A 1022 -0.18 15.61 19.17
C LEU A 1022 -1.41 15.33 20.03
N TYR A 1023 -2.26 14.40 19.60
CA TYR A 1023 -3.53 14.16 20.28
C TYR A 1023 -3.36 13.47 21.63
N MET A 1024 -2.14 13.22 22.08
CA MET A 1024 -1.93 12.71 23.43
C MET A 1024 -1.92 13.82 24.47
N THR A 1025 -1.61 15.06 24.05
CA THR A 1025 -1.75 16.19 24.97
C THR A 1025 -3.20 16.40 25.40
N GLN A 1026 -4.15 15.87 24.64
CA GLN A 1026 -5.54 15.88 25.08
C GLN A 1026 -5.77 15.00 26.31
N PHE A 1027 -4.87 14.05 26.57
CA PHE A 1027 -4.99 13.18 27.73
C PHE A 1027 -4.30 13.74 28.95
N TRP A 1028 -3.12 14.35 28.78
CA TRP A 1028 -2.46 14.99 29.92
C TRP A 1028 -3.20 16.23 30.39
N TYR A 1029 -4.23 16.66 29.67
CA TYR A 1029 -4.98 17.86 30.03
C TYR A 1029 -6.22 17.56 30.85
N VAL A 1030 -6.68 16.30 30.86
CA VAL A 1030 -7.84 15.96 31.68
C VAL A 1030 -7.50 16.01 33.17
N PHE A 1031 -6.22 16.03 33.51
CA PHE A 1031 -5.79 16.19 34.90
C PHE A 1031 -5.78 17.65 35.34
N ALA A 1032 -6.16 18.57 34.45
CA ALA A 1032 -6.17 20.00 34.77
C ALA A 1032 -7.48 20.69 34.47
N ASN A 1033 -8.49 19.96 33.97
CA ASN A 1033 -9.81 20.53 33.74
C ASN A 1033 -10.90 19.70 34.40
N ALA A 1034 -10.56 19.04 35.52
CA ALA A 1034 -11.51 18.26 36.31
C ALA A 1034 -12.13 17.12 35.50
N PHE A 1035 -11.32 16.53 34.62
CA PHE A 1035 -11.74 15.38 33.81
C PHE A 1035 -13.02 15.68 33.03
N SER A 1036 -13.09 16.88 32.46
CA SER A 1036 -14.29 17.30 31.74
C SER A 1036 -14.26 16.92 30.27
N GLY A 1037 -13.09 16.92 29.64
CA GLY A 1037 -12.99 16.61 28.23
C GLY A 1037 -12.94 17.86 27.37
N GLN A 1038 -12.17 18.85 27.82
CA GLN A 1038 -12.06 20.13 27.12
C GLN A 1038 -10.92 20.07 26.12
N SER A 1039 -11.20 20.52 24.90
CA SER A 1039 -10.18 20.54 23.86
C SER A 1039 -9.14 21.62 24.15
N ILE A 1040 -7.87 21.26 23.97
CA ILE A 1040 -6.78 22.22 24.19
C ILE A 1040 -6.58 23.10 22.97
N MET A 1041 -6.87 22.59 21.77
CA MET A 1041 -6.67 23.31 20.52
C MET A 1041 -7.99 23.51 19.80
N GLU A 1042 -7.94 24.31 18.74
CA GLU A 1042 -9.14 24.65 17.98
C GLU A 1042 -9.69 23.42 17.27
N SER A 1043 -11.00 23.45 17.00
CA SER A 1043 -11.65 22.31 16.36
C SER A 1043 -11.16 22.10 14.92
N TRP A 1044 -11.03 23.18 14.16
CA TRP A 1044 -10.61 23.06 12.76
C TRP A 1044 -9.10 23.05 12.60
N THR A 1045 -8.35 23.67 13.51
CA THR A 1045 -6.90 23.61 13.43
C THR A 1045 -6.38 22.19 13.63
N MET A 1046 -7.11 21.38 14.40
CA MET A 1046 -6.73 19.97 14.57
C MET A 1046 -7.06 19.15 13.34
N SER A 1047 -8.13 19.49 12.60
CA SER A 1047 -8.49 18.74 11.42
C SER A 1047 -7.51 19.00 10.27
N PHE A 1048 -6.86 20.16 10.26
CA PHE A 1048 -5.86 20.45 9.24
C PHE A 1048 -4.53 19.76 9.52
N TYR A 1049 -4.39 19.11 10.68
CA TYR A 1049 -3.13 18.45 11.02
C TYR A 1049 -2.90 17.22 10.15
N ASN A 1050 -3.94 16.38 9.99
CA ASN A 1050 -3.83 15.15 9.22
C ASN A 1050 -4.16 15.36 7.75
N LEU A 1051 -4.29 16.60 7.29
CA LEU A 1051 -4.70 16.88 5.92
C LEU A 1051 -3.73 17.78 5.17
N PHE A 1052 -3.13 18.77 5.82
CA PHE A 1052 -2.32 19.76 5.12
C PHE A 1052 -0.86 19.76 5.55
N PHE A 1053 -0.58 19.74 6.85
CA PHE A 1053 0.76 20.04 7.34
C PHE A 1053 1.60 18.81 7.62
N THR A 1054 1.00 17.63 7.75
CA THR A 1054 1.73 16.40 8.06
C THR A 1054 1.30 15.28 7.12
N VAL A 1055 1.23 15.58 5.82
CA VAL A 1055 0.86 14.58 4.82
C VAL A 1055 1.90 14.44 3.72
N TRP A 1056 3.02 15.15 3.81
CA TRP A 1056 4.04 15.09 2.76
C TRP A 1056 5.33 14.42 3.21
N PRO A 1057 5.79 14.60 4.45
CA PRO A 1057 6.94 13.82 4.93
C PRO A 1057 6.72 12.32 4.82
N PRO A 1058 5.51 11.80 5.08
CA PRO A 1058 5.29 10.35 4.82
C PRO A 1058 5.50 9.97 3.37
N PHE A 1059 5.04 10.79 2.43
CA PHE A 1059 5.16 10.44 1.02
C PHE A 1059 6.61 10.47 0.55
N VAL A 1060 7.41 11.39 1.08
CA VAL A 1060 8.80 11.50 0.65
C VAL A 1060 9.61 10.32 1.17
N ILE A 1061 9.52 10.03 2.46
CA ILE A 1061 10.26 8.91 3.04
C ILE A 1061 9.71 7.56 2.63
N GLY A 1062 8.52 7.53 2.03
CA GLY A 1062 7.90 6.28 1.65
C GLY A 1062 7.98 5.98 0.16
N VAL A 1063 8.53 6.92 -0.62
CA VAL A 1063 8.63 6.78 -2.07
C VAL A 1063 10.02 7.14 -2.57
N PHE A 1064 10.56 8.27 -2.10
CA PHE A 1064 11.81 8.81 -2.63
C PHE A 1064 12.97 8.67 -1.63
N ASP A 1065 12.93 7.66 -0.77
CA ASP A 1065 13.95 7.45 0.24
C ASP A 1065 14.78 6.22 -0.10
N GLN A 1066 16.10 6.36 -0.01
CA GLN A 1066 17.05 5.29 -0.30
C GLN A 1066 18.04 5.19 0.85
N PHE A 1067 17.90 4.17 1.69
CA PHE A 1067 18.77 4.02 2.84
C PHE A 1067 20.18 3.53 2.48
N VAL A 1068 20.37 3.04 1.26
CA VAL A 1068 21.69 2.61 0.81
C VAL A 1068 21.71 2.69 -0.70
N SER A 1069 22.88 2.99 -1.27
CA SER A 1069 23.01 3.17 -2.70
C SER A 1069 22.69 1.87 -3.44
N SER A 1070 22.09 2.01 -4.62
CA SER A 1070 21.75 0.85 -5.42
C SER A 1070 23.00 0.14 -5.94
N ARG A 1071 24.10 0.87 -6.09
CA ARG A 1071 25.34 0.24 -6.55
C ARG A 1071 25.91 -0.69 -5.48
N LEU A 1072 25.73 -0.34 -4.20
CA LEU A 1072 26.19 -1.18 -3.10
C LEU A 1072 25.12 -2.16 -2.62
N LEU A 1073 23.86 -1.97 -3.01
CA LEU A 1073 22.83 -2.93 -2.65
C LEU A 1073 23.01 -4.25 -3.39
N GLU A 1074 23.62 -4.21 -4.57
CA GLU A 1074 23.90 -5.42 -5.33
C GLU A 1074 25.30 -5.98 -5.09
N ARG A 1075 26.24 -5.13 -4.69
CA ARG A 1075 27.59 -5.62 -4.40
C ARG A 1075 27.60 -6.48 -3.14
N TYR A 1076 26.78 -6.12 -2.16
CA TYR A 1076 26.65 -6.86 -0.90
C TYR A 1076 25.23 -7.40 -0.80
N PRO A 1077 24.97 -8.58 -1.36
CA PRO A 1077 23.61 -9.13 -1.30
C PRO A 1077 23.18 -9.60 0.08
N GLN A 1078 24.05 -9.50 1.09
CA GLN A 1078 23.67 -9.89 2.44
C GLN A 1078 22.63 -8.96 3.04
N LEU A 1079 22.50 -7.73 2.52
CA LEU A 1079 21.52 -6.79 3.05
C LEU A 1079 20.09 -7.25 2.83
N TYR A 1080 19.86 -8.20 1.92
CA TYR A 1080 18.51 -8.70 1.69
C TYR A 1080 17.97 -9.47 2.89
N LYS A 1081 18.84 -9.96 3.77
CA LYS A 1081 18.40 -10.69 4.93
C LYS A 1081 17.77 -9.79 5.99
N LEU A 1082 18.02 -8.48 5.92
CA LEU A 1082 17.41 -7.55 6.87
C LEU A 1082 15.89 -7.57 6.76
N GLY A 1083 15.38 -7.31 5.57
CA GLY A 1083 13.94 -7.37 5.35
C GLY A 1083 13.39 -8.77 5.32
N GLN A 1084 14.23 -9.76 5.02
CA GLN A 1084 13.77 -11.15 4.97
C GLN A 1084 13.36 -11.65 6.35
N LYS A 1085 14.03 -11.18 7.41
CA LYS A 1085 13.69 -11.56 8.77
C LYS A 1085 12.62 -10.68 9.38
N GLY A 1086 12.48 -9.44 8.92
CA GLY A 1086 11.52 -8.52 9.48
C GLY A 1086 12.13 -7.59 10.50
N GLN A 1087 13.29 -7.01 10.16
CA GLN A 1087 14.03 -6.15 11.07
C GLN A 1087 13.63 -4.68 10.96
N PHE A 1088 12.63 -4.36 10.14
CA PHE A 1088 12.21 -2.98 9.94
C PHE A 1088 10.76 -2.71 10.28
N PHE A 1089 9.94 -3.75 10.52
CA PHE A 1089 8.52 -3.54 10.74
C PHE A 1089 7.98 -4.70 11.57
N SER A 1090 7.60 -4.41 12.81
CA SER A 1090 7.05 -5.41 13.72
C SER A 1090 6.28 -4.70 14.81
N VAL A 1091 5.57 -5.50 15.63
CA VAL A 1091 4.81 -4.93 16.73
C VAL A 1091 5.73 -4.46 17.84
N TYR A 1092 6.87 -5.13 18.03
CA TYR A 1092 7.82 -4.68 19.04
C TYR A 1092 8.39 -3.32 18.69
N ILE A 1093 8.63 -3.07 17.40
CA ILE A 1093 9.10 -1.74 16.99
C ILE A 1093 7.93 -0.76 16.95
N PHE A 1094 6.70 -1.26 16.75
CA PHE A 1094 5.54 -0.40 16.76
C PHE A 1094 5.36 0.29 18.11
N TRP A 1095 5.50 -0.46 19.20
CA TRP A 1095 5.39 0.13 20.53
C TRP A 1095 6.54 1.08 20.81
N GLY A 1096 7.68 0.91 20.14
CA GLY A 1096 8.79 1.81 20.34
C GLY A 1096 8.49 3.21 19.83
N TRP A 1097 7.77 3.31 18.72
CA TRP A 1097 7.39 4.61 18.20
C TRP A 1097 6.21 5.19 18.96
N ILE A 1098 5.34 4.33 19.50
CA ILE A 1098 4.19 4.81 20.26
C ILE A 1098 4.64 5.48 21.55
N ILE A 1099 5.45 4.78 22.34
CA ILE A 1099 5.91 5.35 23.61
C ILE A 1099 6.88 6.50 23.35
N ASN A 1100 7.42 6.60 22.13
CA ASN A 1100 8.20 7.79 21.79
C ASN A 1100 7.29 8.99 21.57
N GLY A 1101 6.05 8.74 21.12
CA GLY A 1101 5.09 9.83 21.02
C GLY A 1101 4.60 10.30 22.37
N PHE A 1102 4.38 9.37 23.30
CA PHE A 1102 4.03 9.75 24.66
C PHE A 1102 5.11 10.60 25.30
N PHE A 1103 6.38 10.25 25.05
CA PHE A 1103 7.48 11.00 25.64
C PHE A 1103 7.53 12.43 25.11
N HIS A 1104 7.37 12.59 23.79
CA HIS A 1104 7.39 13.94 23.21
C HIS A 1104 6.12 14.69 23.53
N SER A 1105 5.01 13.99 23.76
CA SER A 1105 3.77 14.65 24.13
C SER A 1105 3.87 15.27 25.51
N ALA A 1106 4.57 14.59 26.43
CA ALA A 1106 4.68 15.09 27.79
C ALA A 1106 5.67 16.24 27.89
N ILE A 1107 6.71 16.22 27.03
CA ILE A 1107 7.73 17.28 27.08
C ILE A 1107 7.11 18.63 26.72
N VAL A 1108 6.28 18.65 25.67
CA VAL A 1108 5.69 19.91 25.24
C VAL A 1108 4.58 20.34 26.19
N PHE A 1109 3.98 19.39 26.91
CA PHE A 1109 2.87 19.73 27.80
C PHE A 1109 3.38 20.36 29.08
N ILE A 1110 4.23 19.63 29.83
CA ILE A 1110 4.73 20.15 31.10
C ILE A 1110 5.70 21.29 30.85
N GLY A 1111 6.22 21.41 29.62
CA GLY A 1111 7.14 22.49 29.32
C GLY A 1111 6.43 23.83 29.18
N THR A 1112 5.25 23.82 28.57
CA THR A 1112 4.50 25.06 28.35
C THR A 1112 3.79 25.52 29.61
N ILE A 1113 3.28 24.59 30.41
CA ILE A 1113 2.55 24.98 31.62
C ILE A 1113 3.48 25.60 32.67
N LEU A 1114 4.79 25.37 32.57
CA LEU A 1114 5.71 26.05 33.45
C LEU A 1114 6.06 27.44 32.94
N ILE A 1115 5.96 27.66 31.63
CA ILE A 1115 6.24 28.97 31.07
C ILE A 1115 5.00 29.86 31.14
N TYR A 1116 3.84 29.32 30.77
CA TYR A 1116 2.57 30.05 30.87
C TYR A 1116 1.93 29.64 32.19
N ARG A 1117 2.57 30.02 33.29
CA ARG A 1117 2.17 29.58 34.61
C ARG A 1117 0.77 30.09 34.97
N TYR A 1118 0.67 31.38 35.30
CA TYR A 1118 -0.61 32.01 35.55
C TYR A 1118 -1.13 32.76 34.34
N GLY A 1119 -0.60 32.48 33.15
CA GLY A 1119 -0.82 33.32 32.00
C GLY A 1119 0.02 34.57 31.96
N PHE A 1120 0.74 34.88 33.04
CA PHE A 1120 1.56 36.09 33.14
C PHE A 1120 2.92 35.82 32.47
N ALA A 1121 2.87 35.69 31.14
CA ALA A 1121 4.06 35.46 30.34
C ALA A 1121 4.25 36.48 29.23
N LEU A 1122 3.37 37.47 29.13
CA LEU A 1122 3.43 38.47 28.08
C LEU A 1122 3.97 39.78 28.62
N ASN A 1123 4.53 40.58 27.71
CA ASN A 1123 5.08 41.91 28.03
C ASN A 1123 4.42 42.94 27.13
N MET A 1124 3.12 43.17 27.35
CA MET A 1124 2.34 44.13 26.57
C MET A 1124 1.31 44.79 27.48
N HIS A 1125 1.80 45.70 28.33
CA HIS A 1125 0.94 46.52 29.21
C HIS A 1125 0.11 45.66 30.16
N GLY A 1126 0.74 44.62 30.71
CA GLY A 1126 0.10 43.82 31.74
C GLY A 1126 -0.99 42.90 31.27
N GLU A 1127 -1.16 42.70 29.96
CA GLU A 1127 -2.18 41.78 29.49
C GLU A 1127 -1.69 40.34 29.65
N LEU A 1128 -2.65 39.42 29.68
CA LEU A 1128 -2.39 38.01 29.93
C LEU A 1128 -2.92 37.16 28.78
N ALA A 1129 -2.27 36.02 28.56
CA ALA A 1129 -2.75 35.05 27.60
C ALA A 1129 -3.96 34.31 28.17
N ASP A 1130 -4.46 33.32 27.42
CA ASP A 1130 -5.61 32.57 27.88
C ASP A 1130 -5.59 31.14 27.35
N HIS A 1131 -6.78 30.54 27.22
CA HIS A 1131 -6.88 29.15 26.82
C HIS A 1131 -6.40 28.95 25.38
N TRP A 1132 -6.88 29.80 24.46
CA TRP A 1132 -6.59 29.61 23.05
C TRP A 1132 -5.23 30.16 22.66
N SER A 1133 -4.75 31.20 23.36
CA SER A 1133 -3.41 31.71 23.08
C SER A 1133 -2.32 30.76 23.52
N TRP A 1134 -2.65 29.80 24.39
CA TRP A 1134 -1.72 28.78 24.84
C TRP A 1134 -1.82 27.50 24.03
N GLY A 1135 -3.01 27.16 23.54
CA GLY A 1135 -3.15 25.98 22.71
C GLY A 1135 -2.43 26.10 21.38
N VAL A 1136 -2.22 27.34 20.91
CA VAL A 1136 -1.48 27.54 19.67
C VAL A 1136 -0.01 27.20 19.87
N THR A 1137 0.56 27.59 21.02
CA THR A 1137 1.95 27.27 21.30
C THR A 1137 2.15 25.76 21.40
N VAL A 1138 1.15 25.04 21.91
CA VAL A 1138 1.23 23.58 21.95
C VAL A 1138 1.17 23.01 20.55
N TYR A 1139 0.25 23.52 19.72
CA TYR A 1139 0.11 23.04 18.36
C TYR A 1139 1.35 23.35 17.53
N THR A 1140 1.93 24.54 17.72
CA THR A 1140 3.09 24.93 16.93
C THR A 1140 4.33 24.15 17.34
N THR A 1141 4.56 24.01 18.65
CA THR A 1141 5.73 23.28 19.11
C THR A 1141 5.64 21.80 18.74
N SER A 1142 4.42 21.28 18.59
CA SER A 1142 4.24 19.87 18.26
C SER A 1142 4.71 19.58 16.84
N VAL A 1143 4.35 20.44 15.89
CA VAL A 1143 4.70 20.16 14.49
C VAL A 1143 6.18 20.40 14.24
N ILE A 1144 6.83 21.24 15.05
CA ILE A 1144 8.26 21.46 14.89
C ILE A 1144 9.04 20.22 15.31
N ILE A 1145 8.53 19.49 16.30
CA ILE A 1145 9.18 18.26 16.74
C ILE A 1145 8.83 17.10 15.82
N VAL A 1146 7.58 17.07 15.33
CA VAL A 1146 7.18 16.02 14.40
C VAL A 1146 7.98 16.12 13.11
N LEU A 1147 8.05 17.32 12.52
CA LEU A 1147 8.86 17.51 11.33
C LEU A 1147 10.35 17.40 11.64
N GLY A 1148 10.75 17.76 12.87
CA GLY A 1148 12.14 17.61 13.24
C GLY A 1148 12.55 16.16 13.39
N LYS A 1149 11.59 15.28 13.70
CA LYS A 1149 11.87 13.86 13.79
C LYS A 1149 12.16 13.27 12.43
N ALA A 1150 11.38 13.66 11.41
CA ALA A 1150 11.59 13.14 10.07
C ALA A 1150 12.94 13.55 9.50
N ALA A 1151 13.48 14.68 9.98
CA ALA A 1151 14.79 15.11 9.52
C ALA A 1151 15.88 14.12 9.91
N LEU A 1152 15.75 13.50 11.09
CA LEU A 1152 16.71 12.49 11.52
C LEU A 1152 16.42 11.13 10.89
N VAL A 1153 15.20 10.91 10.41
CA VAL A 1153 14.84 9.62 9.83
C VAL A 1153 15.34 9.50 8.39
N THR A 1154 15.27 10.60 7.64
CA THR A 1154 15.65 10.55 6.23
C THR A 1154 17.15 10.25 6.08
N ASN A 1155 17.47 9.48 5.05
CA ASN A 1155 18.84 9.16 4.70
C ASN A 1155 19.36 9.98 3.53
N GLN A 1156 18.50 10.26 2.55
CA GLN A 1156 18.87 11.02 1.36
C GLN A 1156 18.10 12.34 1.35
N TRP A 1157 18.81 13.44 1.16
CA TRP A 1157 18.22 14.77 1.13
C TRP A 1157 18.12 15.24 -0.32
N THR A 1158 16.96 15.03 -0.93
CA THR A 1158 16.68 15.45 -2.30
C THR A 1158 15.95 16.79 -2.28
N LYS A 1159 15.54 17.23 -3.47
CA LYS A 1159 14.78 18.48 -3.57
C LYS A 1159 13.36 18.30 -3.04
N PHE A 1160 12.81 17.08 -3.15
CA PHE A 1160 11.48 16.83 -2.62
C PHE A 1160 11.48 16.81 -1.09
N THR A 1161 12.63 16.56 -0.47
CA THR A 1161 12.70 16.56 0.98
C THR A 1161 12.64 17.98 1.53
N LEU A 1162 13.36 18.92 0.90
CA LEU A 1162 13.34 20.31 1.35
C LEU A 1162 11.97 20.95 1.20
N ILE A 1163 11.07 20.33 0.45
CA ILE A 1163 9.73 20.90 0.28
C ILE A 1163 8.75 20.30 1.28
N ALA A 1164 9.01 19.08 1.76
CA ALA A 1164 8.06 18.39 2.61
C ALA A 1164 8.35 18.56 4.10
N ILE A 1165 9.62 18.68 4.48
CA ILE A 1165 9.96 18.77 5.90
C ILE A 1165 10.17 20.22 6.31
N PRO A 1166 11.08 21.00 5.68
CA PRO A 1166 11.18 22.41 6.05
C PRO A 1166 10.08 23.24 5.40
N GLY A 1167 9.56 22.76 4.27
CA GLY A 1167 8.52 23.51 3.57
C GLY A 1167 7.18 23.44 4.28
N SER A 1168 6.87 22.30 4.91
CA SER A 1168 5.61 22.18 5.64
C SER A 1168 5.62 23.03 6.90
N LEU A 1169 6.82 23.33 7.42
CA LEU A 1169 6.91 24.22 8.58
C LEU A 1169 6.61 25.65 8.20
N LEU A 1170 7.23 26.15 7.12
CA LEU A 1170 6.95 27.51 6.66
C LEU A 1170 5.52 27.65 6.18
N PHE A 1171 4.89 26.53 5.80
CA PHE A 1171 3.49 26.56 5.43
C PHE A 1171 2.62 26.97 6.63
N TRP A 1172 2.90 26.39 7.79
CA TRP A 1172 2.10 26.71 8.97
C TRP A 1172 2.43 28.09 9.53
N LEU A 1173 3.70 28.49 9.47
CA LEU A 1173 4.08 29.80 9.99
C LEU A 1173 3.47 30.94 9.18
N ILE A 1174 2.95 30.63 7.99
CA ILE A 1174 2.30 31.65 7.17
C ILE A 1174 0.79 31.44 7.11
N PHE A 1175 0.32 30.19 7.13
CA PHE A 1175 -1.10 29.91 7.03
C PHE A 1175 -1.87 30.38 8.26
N PHE A 1176 -1.23 30.40 9.43
CA PHE A 1176 -1.95 30.75 10.65
C PHE A 1176 -2.27 32.25 10.74
N PRO A 1177 -1.34 33.18 10.51
CA PRO A 1177 -1.74 34.60 10.55
C PRO A 1177 -2.79 34.96 9.52
N ILE A 1178 -2.86 34.23 8.41
CA ILE A 1178 -3.87 34.50 7.40
C ILE A 1178 -5.21 33.90 7.81
N TYR A 1179 -5.17 32.68 8.35
CA TYR A 1179 -6.42 31.99 8.72
C TYR A 1179 -7.06 32.64 9.94
N ALA A 1180 -6.26 33.05 10.91
CA ALA A 1180 -6.79 33.59 12.15
C ALA A 1180 -7.23 35.05 12.03
N SER A 1181 -6.93 35.71 10.92
CA SER A 1181 -7.29 37.11 10.74
C SER A 1181 -8.46 37.31 9.79
N ILE A 1182 -8.88 36.28 9.06
CA ILE A 1182 -9.92 36.40 8.06
C ILE A 1182 -11.14 35.55 8.41
N PHE A 1183 -10.91 34.29 8.79
CA PHE A 1183 -12.00 33.34 9.02
C PHE A 1183 -12.83 33.60 10.27
N PRO A 1184 -12.26 34.11 11.37
CA PRO A 1184 -13.11 34.48 12.52
C PRO A 1184 -14.23 35.44 12.16
N HIS A 1185 -14.05 36.26 11.12
CA HIS A 1185 -15.10 37.19 10.71
C HIS A 1185 -16.26 36.49 10.03
N ALA A 1186 -16.07 35.27 9.54
CA ALA A 1186 -17.11 34.52 8.86
C ALA A 1186 -17.80 33.52 9.77
N ASN A 1187 -17.56 33.59 11.08
CA ASN A 1187 -18.15 32.68 12.06
C ASN A 1187 -17.71 31.23 11.81
N ILE A 1188 -16.40 31.04 11.69
CA ILE A 1188 -15.80 29.72 11.49
C ILE A 1188 -14.95 29.31 12.70
N SER A 1189 -14.10 30.22 13.18
CA SER A 1189 -13.23 29.92 14.32
C SER A 1189 -13.06 31.20 15.13
N ARG A 1190 -14.11 31.53 15.89
CA ARG A 1190 -14.11 32.77 16.66
C ARG A 1190 -13.19 32.74 17.87
N GLU A 1191 -12.46 31.64 18.08
CA GLU A 1191 -11.51 31.56 19.19
C GLU A 1191 -10.18 32.23 18.89
N TYR A 1192 -9.91 32.56 17.63
CA TYR A 1192 -8.65 33.16 17.21
C TYR A 1192 -8.80 34.64 16.90
N TYR A 1193 -9.62 35.35 17.67
CA TYR A 1193 -9.90 36.75 17.35
C TYR A 1193 -8.71 37.65 17.69
N GLY A 1194 -8.03 37.38 18.79
CA GLY A 1194 -6.90 38.21 19.18
C GLY A 1194 -5.66 37.43 19.54
N VAL A 1195 -5.51 36.23 18.98
CA VAL A 1195 -4.40 35.36 19.36
C VAL A 1195 -3.15 35.62 18.54
N VAL A 1196 -3.25 36.31 17.41
CA VAL A 1196 -2.08 36.53 16.56
C VAL A 1196 -1.15 37.54 17.21
N LYS A 1197 -1.70 38.57 17.83
CA LYS A 1197 -0.87 39.59 18.48
C LYS A 1197 -0.18 39.02 19.71
N HIS A 1198 -0.91 38.24 20.51
CA HIS A 1198 -0.37 37.75 21.77
C HIS A 1198 0.59 36.58 21.59
N THR A 1199 0.66 36.01 20.38
CA THR A 1199 1.60 34.93 20.10
C THR A 1199 2.78 35.43 19.27
N TYR A 1200 2.52 35.82 18.02
CA TYR A 1200 3.60 36.27 17.14
C TYR A 1200 4.25 37.55 17.68
N GLY A 1201 3.47 38.39 18.36
CA GLY A 1201 4.03 39.60 18.92
C GLY A 1201 4.76 39.43 20.24
N SER A 1202 4.63 38.26 20.87
CA SER A 1202 5.24 38.01 22.17
C SER A 1202 6.62 37.38 21.98
N GLY A 1203 7.62 37.91 22.69
CA GLY A 1203 8.96 37.37 22.62
C GLY A 1203 9.13 36.03 23.30
N VAL A 1204 8.17 35.62 24.13
CA VAL A 1204 8.27 34.33 24.80
C VAL A 1204 7.82 33.20 23.87
N PHE A 1205 6.93 33.51 22.93
CA PHE A 1205 6.46 32.50 21.98
C PHE A 1205 7.58 32.06 21.05
N TRP A 1206 8.49 32.98 20.73
CA TRP A 1206 9.60 32.65 19.84
C TRP A 1206 10.77 32.02 20.56
N LEU A 1207 10.78 32.02 21.90
CA LEU A 1207 11.82 31.37 22.68
C LEU A 1207 11.44 29.95 23.10
N THR A 1208 10.14 29.69 23.28
CA THR A 1208 9.71 28.33 23.59
C THR A 1208 9.79 27.44 22.36
N LEU A 1209 9.78 28.03 21.16
CA LEU A 1209 9.89 27.26 19.94
C LEU A 1209 11.33 26.89 19.61
N ILE A 1210 12.31 27.43 20.35
CA ILE A 1210 13.71 27.17 20.10
C ILE A 1210 14.28 26.15 21.08
N VAL A 1211 13.86 26.19 22.34
CA VAL A 1211 14.44 25.32 23.35
C VAL A 1211 13.65 24.02 23.52
N LEU A 1212 12.33 24.05 23.35
CA LEU A 1212 11.53 22.85 23.56
C LEU A 1212 11.75 21.80 22.48
N PRO A 1213 11.79 22.16 21.18
CA PRO A 1213 12.10 21.13 20.18
C PRO A 1213 13.49 20.53 20.34
N ILE A 1214 14.49 21.35 20.68
CA ILE A 1214 15.83 20.83 20.90
C ILE A 1214 15.87 19.95 22.14
N PHE A 1215 15.12 20.34 23.19
CA PHE A 1215 15.10 19.55 24.42
C PHE A 1215 14.46 18.19 24.21
N ALA A 1216 13.47 18.10 23.32
CA ALA A 1216 12.77 16.84 23.10
C ALA A 1216 13.44 15.96 22.05
N LEU A 1217 14.29 16.54 21.20
CA LEU A 1217 14.99 15.79 20.18
C LEU A 1217 16.47 15.58 20.50
N VAL A 1218 16.91 15.99 21.69
CA VAL A 1218 18.30 15.74 22.08
C VAL A 1218 18.51 14.26 22.39
N ARG A 1219 17.45 13.52 22.67
CA ARG A 1219 17.59 12.08 22.90
C ARG A 1219 17.86 11.34 21.59
N ASP A 1220 17.11 11.66 20.54
CA ASP A 1220 17.27 10.98 19.27
C ASP A 1220 18.60 11.34 18.62
N PHE A 1221 19.05 12.58 18.79
CA PHE A 1221 20.31 13.01 18.18
C PHE A 1221 21.50 12.31 18.84
N LEU A 1222 21.48 12.19 20.16
CA LEU A 1222 22.59 11.57 20.87
C LEU A 1222 22.56 10.05 20.73
N TRP A 1223 21.36 9.46 20.63
CA TRP A 1223 21.26 8.02 20.47
C TRP A 1223 21.65 7.58 19.06
N LYS A 1224 21.28 8.37 18.04
CA LYS A 1224 21.65 8.04 16.68
C LYS A 1224 23.17 8.06 16.50
N TYR A 1225 23.85 9.00 17.16
CA TYR A 1225 25.31 9.05 17.08
C TYR A 1225 25.93 7.84 17.77
N TYR A 1226 25.31 7.37 18.86
CA TYR A 1226 25.89 6.25 19.60
C TYR A 1226 25.73 4.94 18.84
N LYS A 1227 24.51 4.66 18.36
CA LYS A 1227 24.26 3.40 17.66
C LYS A 1227 25.02 3.34 16.34
N ARG A 1228 25.23 4.48 15.69
CA ARG A 1228 25.99 4.50 14.45
C ARG A 1228 27.50 4.33 14.69
N MET A 1229 28.00 4.82 15.82
CA MET A 1229 29.43 4.85 16.08
C MET A 1229 29.92 3.62 16.83
N TYR A 1230 29.33 3.35 18.00
CA TYR A 1230 29.83 2.32 18.90
C TYR A 1230 28.95 1.08 18.95
N GLU A 1231 27.94 0.99 18.10
CA GLU A 1231 27.15 -0.23 18.02
C GLU A 1231 26.56 -0.38 16.61
N PRO A 1232 27.39 -0.42 15.58
CA PRO A 1232 26.86 -0.41 14.21
C PRO A 1232 26.25 -1.74 13.82
N GLU A 1233 25.42 -1.69 12.79
CA GLU A 1233 24.85 -2.88 12.18
C GLU A 1233 25.52 -3.13 10.84
N THR A 1234 24.87 -3.95 10.00
CA THR A 1234 25.43 -4.25 8.69
C THR A 1234 25.44 -3.03 7.79
N TYR A 1235 24.29 -2.37 7.64
CA TYR A 1235 24.21 -1.23 6.74
C TYR A 1235 24.80 0.04 7.35
N HIS A 1236 25.02 0.08 8.67
CA HIS A 1236 25.66 1.24 9.26
C HIS A 1236 27.10 1.38 8.80
N VAL A 1237 27.74 0.26 8.42
CA VAL A 1237 29.11 0.31 7.90
C VAL A 1237 29.12 0.54 6.40
N ILE A 1238 28.11 0.02 5.68
CA ILE A 1238 28.03 0.22 4.24
C ILE A 1238 27.72 1.68 3.92
N GLN A 1239 26.84 2.31 4.71
CA GLN A 1239 26.53 3.71 4.50
C GLN A 1239 27.74 4.60 4.76
N GLU A 1240 28.67 4.14 5.60
CA GLU A 1240 29.89 4.92 5.82
C GLU A 1240 30.84 4.78 4.64
N MET A 1241 30.97 3.57 4.08
CA MET A 1241 31.77 3.41 2.87
C MET A 1241 31.15 4.14 1.70
N GLN A 1242 29.82 4.18 1.63
CA GLN A 1242 29.14 4.93 0.58
C GLN A 1242 29.42 6.42 0.71
N LYS A 1243 29.54 6.92 1.95
CA LYS A 1243 29.76 8.35 2.16
C LYS A 1243 31.19 8.74 1.82
N TYR A 1244 32.16 8.00 2.34
CA TYR A 1244 33.57 8.35 2.19
C TYR A 1244 34.18 7.84 0.88
N ASN A 1245 33.40 7.17 0.04
CA ASN A 1245 33.90 6.71 -1.25
C ASN A 1245 32.89 6.99 -2.36
N THR B 14 -3.05 4.11 -37.37
CA THR B 14 -2.39 3.49 -36.22
C THR B 14 -2.13 2.01 -36.46
N LYS B 15 -1.99 1.64 -37.74
CA LYS B 15 -1.72 0.25 -38.08
C LYS B 15 -0.36 -0.20 -37.57
N GLU B 16 0.67 0.64 -37.76
CA GLU B 16 2.00 0.30 -37.27
C GLU B 16 2.06 0.34 -35.74
N GLY B 17 1.38 1.30 -35.13
CA GLY B 17 1.37 1.43 -33.69
C GLY B 17 2.68 1.90 -33.13
N PRO B 18 2.94 3.21 -33.19
CA PRO B 18 4.19 3.74 -32.63
C PRO B 18 4.20 3.72 -31.11
N THR B 19 4.29 2.52 -30.53
CA THR B 19 4.26 2.38 -29.08
C THR B 19 5.59 2.79 -28.46
N SER B 20 6.62 1.97 -28.66
CA SER B 20 7.95 2.19 -28.08
C SER B 20 7.85 2.36 -26.57
N LYS B 21 7.67 1.25 -25.86
CA LYS B 21 7.48 1.27 -24.41
C LYS B 21 8.76 1.54 -23.63
N LYS B 22 9.80 2.07 -24.24
CA LYS B 22 11.03 2.38 -23.51
C LYS B 22 10.81 3.58 -22.60
N PRO B 23 11.02 3.44 -21.29
CA PRO B 23 10.78 4.56 -20.37
C PRO B 23 11.84 5.65 -20.55
N PRO B 24 11.53 6.88 -20.15
CA PRO B 24 12.50 7.97 -20.32
C PRO B 24 13.72 7.79 -19.44
N ASN B 25 14.81 8.44 -19.84
CA ASN B 25 16.09 8.38 -19.15
C ASN B 25 16.32 9.60 -18.26
N THR B 26 15.24 10.20 -17.74
CA THR B 26 15.38 11.34 -16.87
C THR B 26 15.75 10.90 -15.45
N ALA B 27 16.31 11.84 -14.68
CA ALA B 27 16.75 11.53 -13.33
C ALA B 27 15.60 11.20 -12.40
N PHE B 28 14.38 11.64 -12.71
CA PHE B 28 13.25 11.35 -11.85
C PHE B 28 12.75 9.92 -12.02
N ARG B 29 12.46 9.53 -13.26
CA ARG B 29 11.93 8.18 -13.50
C ARG B 29 12.94 7.10 -13.18
N GLN B 30 14.23 7.40 -13.30
CA GLN B 30 15.28 6.42 -13.06
C GLN B 30 15.83 6.50 -11.64
N GLN B 31 15.32 7.41 -10.81
CA GLN B 31 15.72 7.55 -9.42
C GLN B 31 17.24 7.80 -9.31
N ARG B 32 17.67 8.88 -9.97
CA ARG B 32 19.07 9.27 -9.98
C ARG B 32 19.21 10.75 -9.61
N LEU B 33 18.26 11.28 -8.85
CA LEU B 33 18.32 12.68 -8.44
C LEU B 33 19.50 12.92 -7.52
N LYS B 34 20.18 14.05 -7.74
CA LYS B 34 21.28 14.42 -6.86
C LYS B 34 20.76 14.69 -5.46
N ALA B 35 21.56 14.33 -4.45
CA ALA B 35 21.14 14.44 -3.07
C ALA B 35 22.37 14.57 -2.18
N TRP B 36 22.13 14.76 -0.89
CA TRP B 36 23.17 14.94 0.10
C TRP B 36 22.94 13.94 1.23
N GLN B 37 23.97 13.16 1.55
CA GLN B 37 23.87 12.14 2.59
C GLN B 37 24.49 12.66 3.88
N PRO B 38 23.71 12.90 4.93
CA PRO B 38 24.29 13.39 6.19
C PRO B 38 24.89 12.24 6.98
N ILE B 39 26.12 12.44 7.46
CA ILE B 39 26.82 11.46 8.28
C ILE B 39 27.12 12.09 9.63
N LEU B 40 27.00 11.29 10.69
CA LEU B 40 27.20 11.77 12.06
C LEU B 40 28.64 11.50 12.51
N SER B 41 29.58 12.05 11.75
CA SER B 41 30.98 11.91 12.08
C SER B 41 31.29 12.64 13.39
N PRO B 42 32.26 12.15 14.17
CA PRO B 42 32.64 12.86 15.40
C PRO B 42 33.12 14.29 15.15
N GLN B 43 33.64 14.57 13.95
CA GLN B 43 34.05 15.93 13.63
C GLN B 43 32.87 16.81 13.25
N SER B 44 31.70 16.22 13.02
CA SER B 44 30.49 16.96 12.66
C SER B 44 29.42 16.91 13.75
N VAL B 45 29.74 16.39 14.93
CA VAL B 45 28.81 16.33 16.05
C VAL B 45 29.40 16.98 17.30
N LEU B 46 30.67 16.69 17.59
CA LEU B 46 31.30 17.30 18.77
C LEU B 46 31.41 18.82 18.65
N PRO B 47 31.79 19.40 17.51
CA PRO B 47 31.71 20.87 17.40
C PRO B 47 30.29 21.40 17.50
N LEU B 48 29.29 20.60 17.16
CA LEU B 48 27.91 21.06 17.26
C LEU B 48 27.46 21.12 18.71
N LEU B 49 27.91 20.17 19.54
CA LEU B 49 27.51 20.16 20.94
C LEU B 49 28.16 21.30 21.72
N ILE B 50 29.42 21.61 21.41
CA ILE B 50 30.08 22.72 22.09
C ILE B 50 29.57 24.06 21.57
N PHE B 51 28.96 24.06 20.38
CA PHE B 51 28.39 25.29 19.84
C PHE B 51 27.06 25.62 20.51
N VAL B 52 26.20 24.61 20.71
CA VAL B 52 24.92 24.83 21.36
C VAL B 52 25.13 25.29 22.80
N ALA B 53 26.09 24.67 23.50
CA ALA B 53 26.39 25.09 24.87
C ALA B 53 26.97 26.49 24.90
N CYS B 54 27.66 26.89 23.82
CA CYS B 54 28.27 28.21 23.77
C CYS B 54 27.25 29.32 23.56
N ILE B 55 26.13 29.04 22.91
CA ILE B 55 25.12 30.07 22.64
C ILE B 55 23.94 30.00 23.60
N PHE B 56 23.65 28.83 24.19
CA PHE B 56 22.55 28.71 25.13
C PHE B 56 22.91 29.11 26.55
N THR B 57 24.21 29.28 26.84
CA THR B 57 24.59 29.73 28.19
C THR B 57 24.38 31.23 28.37
N PRO B 58 24.78 32.11 27.43
CA PRO B 58 24.45 33.54 27.62
C PRO B 58 22.96 33.81 27.57
N ILE B 59 22.23 33.10 26.71
CA ILE B 59 20.78 33.26 26.66
C ILE B 59 20.14 32.69 27.93
N GLY B 60 20.73 31.63 28.47
CA GLY B 60 20.18 31.04 29.68
C GLY B 60 20.36 31.93 30.89
N ILE B 61 21.57 32.46 31.08
CA ILE B 61 21.82 33.35 32.21
C ILE B 61 21.16 34.70 31.98
N GLY B 62 20.86 35.03 30.72
CA GLY B 62 20.19 36.29 30.44
C GLY B 62 18.72 36.27 30.81
N LEU B 63 18.09 35.10 30.75
CA LEU B 63 16.67 35.01 31.06
C LEU B 63 16.43 34.86 32.56
N ILE B 64 17.42 34.38 33.29
CA ILE B 64 17.26 34.30 34.75
C ILE B 64 17.53 35.64 35.39
N VAL B 65 18.40 36.47 34.81
CA VAL B 65 18.63 37.80 35.33
C VAL B 65 17.42 38.69 35.06
N SER B 66 16.77 38.51 33.92
CA SER B 66 15.57 39.29 33.62
C SER B 66 14.44 38.94 34.57
N ALA B 67 14.32 37.67 34.96
CA ALA B 67 13.31 37.27 35.94
C ALA B 67 13.72 37.62 37.36
N THR B 68 15.01 37.81 37.61
CA THR B 68 15.47 38.18 38.95
C THR B 68 15.16 39.65 39.25
N LYS B 69 15.28 40.53 38.26
CA LYS B 69 15.06 41.95 38.47
C LYS B 69 13.59 42.30 38.70
N VAL B 70 12.68 41.35 38.56
CA VAL B 70 11.26 41.61 38.78
C VAL B 70 10.99 41.70 40.28
N GLN B 71 10.33 42.77 40.68
CA GLN B 71 9.95 43.00 42.08
C GLN B 71 8.44 42.88 42.21
N ASP B 72 7.99 42.00 43.11
CA ASP B 72 6.58 41.72 43.26
C ASP B 72 6.25 41.58 44.74
N LEU B 73 4.95 41.39 45.02
CA LEU B 73 4.47 41.23 46.38
C LEU B 73 3.08 40.61 46.33
N THR B 74 2.91 39.46 46.97
CA THR B 74 1.64 38.75 46.99
C THR B 74 1.15 38.66 48.42
N ILE B 75 -0.11 39.02 48.65
CA ILE B 75 -0.73 38.97 49.96
C ILE B 75 -2.03 38.19 49.83
N ASP B 76 -2.05 36.96 50.34
CA ASP B 76 -3.24 36.13 50.34
C ASP B 76 -4.23 36.72 51.35
N TYR B 77 -5.17 37.54 50.85
CA TYR B 77 -6.13 38.18 51.73
C TYR B 77 -7.34 37.30 52.04
N SER B 78 -7.31 36.03 51.65
CA SER B 78 -8.36 35.12 52.05
C SER B 78 -8.28 34.85 53.55
N HIS B 79 -9.41 34.43 54.13
CA HIS B 79 -9.55 34.24 55.57
C HIS B 79 -9.27 35.54 56.34
N CYS B 80 -9.62 36.67 55.74
CA CYS B 80 -9.51 37.97 56.41
C CYS B 80 -10.72 38.29 57.26
N ASP B 81 -11.88 37.71 56.95
CA ASP B 81 -13.09 37.88 57.76
C ASP B 81 -13.16 36.90 58.92
N THR B 82 -12.02 36.42 59.40
CA THR B 82 -11.99 35.46 60.49
C THR B 82 -10.70 35.59 61.29
N LYS B 83 -9.56 35.61 60.60
CA LYS B 83 -8.25 35.62 61.26
C LYS B 83 -7.67 37.02 61.41
N ALA B 84 -8.26 38.03 60.78
CA ALA B 84 -7.76 39.39 60.89
C ALA B 84 -8.47 40.13 62.02
N SER B 85 -7.77 41.10 62.59
CA SER B 85 -8.31 41.87 63.70
C SER B 85 -9.36 42.86 63.21
N THR B 86 -10.10 43.42 64.16
CA THR B 86 -11.15 44.39 63.87
C THR B 86 -10.87 45.78 64.42
N THR B 87 -10.09 45.90 65.49
CA THR B 87 -9.84 47.18 66.12
C THR B 87 -8.46 47.76 65.85
N ALA B 88 -7.49 46.94 65.46
CA ALA B 88 -6.14 47.41 65.21
C ALA B 88 -5.53 46.62 64.07
N PHE B 89 -4.36 47.09 63.61
CA PHE B 89 -3.64 46.45 62.51
C PHE B 89 -2.65 45.43 63.09
N GLU B 90 -3.05 44.16 63.07
CA GLU B 90 -2.17 43.08 63.49
C GLU B 90 -1.42 42.51 62.29
N ASP B 91 -0.29 41.87 62.58
CA ASP B 91 0.55 41.33 61.51
C ASP B 91 -0.15 40.18 60.79
N ILE B 92 0.07 40.11 59.48
CA ILE B 92 -0.44 39.02 58.66
C ILE B 92 0.45 37.81 58.89
N PRO B 93 -0.11 36.61 59.04
CA PRO B 93 0.74 35.42 59.19
C PRO B 93 1.69 35.25 58.02
N LYS B 94 2.90 34.77 58.33
CA LYS B 94 3.91 34.55 57.31
C LYS B 94 3.47 33.49 56.30
N LYS B 95 2.47 32.69 56.64
CA LYS B 95 1.99 31.65 55.73
C LYS B 95 1.41 32.25 54.45
N TYR B 96 0.87 33.47 54.51
CA TYR B 96 0.17 34.07 53.39
C TYR B 96 1.03 35.02 52.57
N ILE B 97 1.85 35.85 53.22
CA ILE B 97 2.55 36.92 52.51
C ILE B 97 3.75 36.35 51.76
N LYS B 98 3.95 36.85 50.54
CA LYS B 98 5.12 36.54 49.73
C LYS B 98 5.55 37.80 49.01
N TYR B 99 6.86 38.04 48.95
CA TYR B 99 7.36 39.25 48.32
C TYR B 99 8.80 39.05 47.88
N HIS B 100 9.20 39.82 46.88
CA HIS B 100 10.58 39.84 46.39
C HIS B 100 10.93 41.28 46.03
N PHE B 101 11.90 41.85 46.74
CA PHE B 101 12.32 43.22 46.51
C PHE B 101 13.83 43.29 46.50
N LYS B 102 14.35 44.34 45.84
CA LYS B 102 15.79 44.51 45.76
C LYS B 102 16.42 44.88 47.10
N SER B 103 15.64 45.40 48.03
CA SER B 103 16.12 45.77 49.35
C SER B 103 15.34 45.01 50.42
N LYS B 104 15.86 45.06 51.65
CA LYS B 104 15.25 44.34 52.75
C LYS B 104 14.03 45.07 53.29
N VAL B 105 13.01 44.30 53.65
CA VAL B 105 11.78 44.84 54.20
C VAL B 105 11.88 44.82 55.72
N GLU B 106 11.53 45.95 56.35
CA GLU B 106 11.63 46.09 57.80
C GLU B 106 10.33 45.75 58.50
N ASN B 107 9.21 46.29 58.03
CA ASN B 107 7.91 46.10 58.66
C ASN B 107 7.13 45.01 57.94
N LYS B 108 6.63 44.05 58.70
CA LYS B 108 5.80 42.99 58.13
C LYS B 108 4.43 43.54 57.75
N PRO B 109 3.87 43.13 56.62
CA PRO B 109 2.53 43.60 56.26
C PRO B 109 1.49 43.27 57.31
N GLN B 110 0.54 44.18 57.48
CA GLN B 110 -0.51 44.05 58.49
C GLN B 110 -1.87 44.25 57.85
N TRP B 111 -2.90 43.66 58.46
CA TRP B 111 -4.25 43.75 57.94
C TRP B 111 -5.23 44.00 59.09
N ARG B 112 -6.42 44.45 58.74
CA ARG B 112 -7.46 44.73 59.71
C ARG B 112 -8.82 44.64 59.04
N LEU B 113 -9.75 43.93 59.67
CA LEU B 113 -11.10 43.82 59.14
C LEU B 113 -11.90 45.06 59.50
N THR B 114 -12.83 45.43 58.61
CA THR B 114 -13.68 46.60 58.81
C THR B 114 -15.02 46.35 58.16
N GLU B 115 -16.10 46.62 58.90
CA GLU B 115 -17.45 46.45 58.40
C GLU B 115 -18.13 47.80 58.24
N ASN B 116 -19.15 47.83 57.38
CA ASN B 116 -19.88 49.07 57.11
C ASN B 116 -21.35 48.92 57.47
N GLU B 117 -22.22 49.62 56.75
CA GLU B 117 -23.65 49.57 57.02
C GLU B 117 -24.27 48.34 56.39
N ASN B 118 -25.24 47.74 57.10
CA ASN B 118 -25.99 46.59 56.63
C ASN B 118 -25.09 45.39 56.37
N GLY B 119 -23.97 45.31 57.10
CA GLY B 119 -23.07 44.18 56.97
C GLY B 119 -22.28 44.14 55.69
N GLU B 120 -21.43 45.13 55.48
CA GLU B 120 -20.55 45.20 54.31
C GLU B 120 -19.11 45.20 54.82
N GLN B 121 -18.51 44.01 54.87
CA GLN B 121 -17.16 43.87 55.39
C GLN B 121 -16.13 44.36 54.37
N SER B 122 -14.93 44.62 54.86
CA SER B 122 -13.84 45.08 54.01
C SER B 122 -12.52 44.71 54.67
N CYS B 123 -11.57 44.25 53.88
CA CYS B 123 -10.24 43.87 54.34
C CYS B 123 -9.27 44.98 53.99
N GLU B 124 -8.65 45.58 55.00
CA GLU B 124 -7.76 46.72 54.81
C GLU B 124 -6.32 46.24 54.96
N LEU B 125 -5.73 45.82 53.84
CA LEU B 125 -4.33 45.42 53.85
C LEU B 125 -3.43 46.64 54.02
N GLN B 126 -2.22 46.39 54.51
CA GLN B 126 -1.26 47.47 54.76
C GLN B 126 0.14 46.89 54.66
N PHE B 127 0.90 47.32 53.65
CA PHE B 127 2.21 46.77 53.35
C PHE B 127 3.22 47.91 53.24
N GLU B 128 4.47 47.54 52.96
CA GLU B 128 5.56 48.50 52.83
C GLU B 128 6.34 48.22 51.55
N ILE B 129 6.64 49.28 50.80
CA ILE B 129 7.49 49.18 49.61
C ILE B 129 8.86 49.73 49.99
N PRO B 130 9.90 48.88 50.10
CA PRO B 130 11.18 49.34 50.64
C PRO B 130 12.09 50.03 49.62
N ASN B 131 11.64 50.21 48.38
CA ASN B 131 12.52 50.79 47.37
C ASN B 131 11.67 51.45 46.28
N ASP B 132 12.28 52.42 45.60
CA ASP B 132 11.62 53.12 44.50
C ASP B 132 11.55 52.21 43.28
N ILE B 133 10.35 51.81 42.90
CA ILE B 133 10.14 50.95 41.74
C ILE B 133 9.97 51.84 40.52
N LYS B 134 11.00 51.87 39.66
CA LYS B 134 10.94 52.73 38.48
C LYS B 134 10.02 52.16 37.41
N LYS B 135 9.91 50.84 37.32
CA LYS B 135 9.04 50.23 36.32
C LYS B 135 7.57 50.48 36.65
N SER B 136 6.72 50.27 35.66
CA SER B 136 5.29 50.44 35.86
C SER B 136 4.76 49.36 36.80
N ILE B 137 3.62 49.66 37.44
CA ILE B 137 3.03 48.81 38.46
C ILE B 137 1.75 48.21 37.92
N PHE B 138 1.57 46.90 38.14
CA PHE B 138 0.36 46.21 37.77
C PHE B 138 -0.19 45.46 38.99
N ILE B 139 -1.51 45.36 39.06
CA ILE B 139 -2.18 44.76 40.20
C ILE B 139 -3.20 43.75 39.68
N TYR B 140 -2.98 42.48 39.98
CA TYR B 140 -3.88 41.39 39.61
C TYR B 140 -4.57 40.85 40.87
N TYR B 141 -5.46 39.88 40.66
CA TYR B 141 -5.97 39.07 41.75
C TYR B 141 -5.88 37.61 41.34
N LYS B 142 -5.40 36.77 42.24
CA LYS B 142 -5.10 35.37 41.96
C LYS B 142 -6.21 34.48 42.52
N ILE B 143 -6.81 33.68 41.66
CA ILE B 143 -7.87 32.76 42.05
C ILE B 143 -7.36 31.34 41.82
N THR B 144 -7.39 30.52 42.86
CA THR B 144 -6.89 29.16 42.83
C THR B 144 -8.05 28.18 42.93
N ASN B 145 -7.89 27.02 42.29
CA ASN B 145 -8.85 25.91 42.34
C ASN B 145 -10.18 26.30 41.71
N PHE B 146 -10.16 27.22 40.75
CA PHE B 146 -11.33 27.59 39.98
C PHE B 146 -11.14 27.07 38.56
N TYR B 147 -12.00 26.15 38.13
CA TYR B 147 -11.87 25.51 36.82
C TYR B 147 -12.72 26.27 35.81
N GLN B 148 -12.11 27.28 35.17
CA GLN B 148 -12.74 27.93 34.05
C GLN B 148 -12.57 27.15 32.75
N ASN B 149 -11.66 26.18 32.72
CA ASN B 149 -11.43 25.35 31.55
C ASN B 149 -12.35 24.14 31.49
N HIS B 150 -13.43 24.14 32.26
CA HIS B 150 -14.39 23.04 32.19
C HIS B 150 -15.16 23.10 30.88
N ARG B 151 -15.48 21.92 30.35
CA ARG B 151 -16.15 21.87 29.05
C ARG B 151 -17.55 22.46 29.12
N ARG B 152 -18.29 22.18 30.19
CA ARG B 152 -19.61 22.75 30.37
C ARG B 152 -19.57 24.26 30.63
N TYR B 153 -18.43 24.77 31.11
CA TYR B 153 -18.30 26.17 31.52
C TYR B 153 -17.68 27.05 30.45
N VAL B 154 -16.71 26.53 29.69
CA VAL B 154 -15.97 27.37 28.75
C VAL B 154 -16.81 27.80 27.56
N GLN B 155 -17.90 27.08 27.26
CA GLN B 155 -18.72 27.38 26.10
C GLN B 155 -20.10 27.92 26.47
N SER B 156 -20.32 28.23 27.75
CA SER B 156 -21.66 28.63 28.21
C SER B 156 -21.73 30.15 28.20
N PHE B 157 -22.07 30.71 27.04
CA PHE B 157 -22.35 32.13 26.87
C PHE B 157 -22.90 32.34 25.47
N ASP B 158 -23.88 33.22 25.35
CA ASP B 158 -24.47 33.53 24.05
C ASP B 158 -23.63 34.59 23.35
N THR B 159 -23.02 34.21 22.23
CA THR B 159 -22.11 35.11 21.52
C THR B 159 -22.85 36.25 20.83
N LYS B 160 -24.15 36.10 20.56
CA LYS B 160 -24.89 37.16 19.90
C LYS B 160 -25.37 38.23 20.88
N GLN B 161 -25.69 37.84 22.12
CA GLN B 161 -26.08 38.84 23.12
C GLN B 161 -24.89 39.71 23.53
N ILE B 162 -23.67 39.19 23.42
CA ILE B 162 -22.49 40.00 23.71
C ILE B 162 -22.33 41.12 22.68
N LEU B 163 -22.79 40.88 21.44
CA LEU B 163 -22.74 41.91 20.42
C LEU B 163 -23.78 43.00 20.60
N GLY B 164 -24.85 42.71 21.34
CA GLY B 164 -25.88 43.69 21.62
C GLY B 164 -27.21 43.47 20.93
N GLU B 165 -27.44 42.31 20.36
CA GLU B 165 -28.69 42.13 19.66
C GLU B 165 -29.79 41.68 20.62
N PRO B 166 -31.05 42.02 20.33
CA PRO B 166 -32.17 41.56 21.17
C PRO B 166 -32.70 40.19 20.74
N ILE B 167 -31.91 39.16 21.05
CA ILE B 167 -32.28 37.79 20.68
C ILE B 167 -33.48 37.36 21.51
N LYS B 168 -34.49 36.79 20.84
CA LYS B 168 -35.68 36.33 21.52
C LYS B 168 -35.38 35.06 22.32
N LYS B 169 -36.39 34.54 23.00
CA LYS B 169 -36.19 33.38 23.87
C LYS B 169 -35.86 32.13 23.05
N ASP B 170 -36.70 31.81 22.06
CA ASP B 170 -36.54 30.59 21.29
C ASP B 170 -35.28 30.59 20.43
N ASP B 171 -34.64 31.74 20.25
CA ASP B 171 -33.43 31.84 19.44
C ASP B 171 -32.17 31.93 20.30
N LEU B 172 -32.29 31.72 21.61
CA LEU B 172 -31.13 31.80 22.49
C LEU B 172 -30.20 30.63 22.27
N ASP B 173 -28.92 30.85 22.55
CA ASP B 173 -27.92 29.79 22.46
C ASP B 173 -28.23 28.71 23.51
N THR B 174 -28.24 27.46 23.08
CA THR B 174 -28.56 26.36 23.97
C THR B 174 -27.37 25.93 24.83
N SER B 175 -26.21 26.59 24.68
CA SER B 175 -25.05 26.27 25.50
C SER B 175 -25.14 26.85 26.90
N CYS B 176 -26.16 27.65 27.20
CA CYS B 176 -26.44 28.15 28.54
C CYS B 176 -27.76 27.60 29.06
N SER B 177 -27.99 26.31 28.82
CA SER B 177 -29.29 25.71 29.15
C SER B 177 -29.70 25.84 30.61
N PRO B 178 -28.84 25.60 31.61
CA PRO B 178 -29.32 25.72 32.99
C PRO B 178 -29.72 27.13 33.37
N ILE B 179 -28.96 28.13 32.94
CA ILE B 179 -29.29 29.53 33.22
C ILE B 179 -29.78 30.19 31.94
N ARG B 180 -31.07 30.03 31.65
CA ARG B 180 -31.66 30.55 30.42
C ARG B 180 -33.18 30.56 30.52
N SER B 181 -33.80 31.69 30.20
CA SER B 181 -35.25 31.85 30.20
C SER B 181 -35.84 31.54 31.57
N ARG B 182 -35.50 32.41 32.52
CA ARG B 182 -36.05 32.31 33.87
C ARG B 182 -37.40 33.01 33.91
N GLU B 183 -38.35 32.40 34.65
CA GLU B 183 -39.73 32.86 34.77
C GLU B 183 -40.29 33.42 33.47
N ASP B 184 -40.03 32.73 32.36
CA ASP B 184 -40.52 33.12 31.03
C ASP B 184 -39.99 34.49 30.62
N LYS B 185 -38.74 34.78 30.97
CA LYS B 185 -38.08 36.02 30.58
C LYS B 185 -36.62 35.75 30.26
N ILE B 186 -36.13 36.38 29.18
CA ILE B 186 -34.80 36.11 28.69
C ILE B 186 -33.76 36.69 29.64
N ILE B 187 -32.93 35.83 30.22
CA ILE B 187 -31.81 36.28 31.02
C ILE B 187 -30.79 36.92 30.07
N TYR B 188 -30.51 38.22 30.28
CA TYR B 188 -29.68 38.93 29.30
C TYR B 188 -28.25 38.42 29.28
N PRO B 189 -27.51 38.39 30.40
CA PRO B 189 -26.16 37.77 30.31
C PRO B 189 -26.23 36.26 30.50
N CYS B 190 -26.66 35.56 29.45
CA CYS B 190 -26.81 34.12 29.51
C CYS B 190 -25.46 33.44 29.70
N GLY B 191 -25.46 32.34 30.43
CA GLY B 191 -24.28 31.51 30.59
C GLY B 191 -23.85 31.38 32.04
N LEU B 192 -22.89 30.48 32.24
CA LEU B 192 -22.28 30.26 33.53
C LEU B 192 -21.07 31.15 33.78
N ILE B 193 -20.52 31.77 32.72
CA ILE B 193 -19.33 32.59 32.88
C ILE B 193 -19.69 33.94 33.47
N ALA B 194 -20.81 34.52 33.05
CA ALA B 194 -21.24 35.81 33.60
C ALA B 194 -21.88 35.63 34.98
N ASN B 195 -22.66 34.56 35.15
CA ASN B 195 -23.34 34.32 36.42
C ASN B 195 -22.36 34.02 37.55
N SER B 196 -21.16 33.52 37.24
CA SER B 196 -20.16 33.19 38.24
C SER B 196 -19.04 34.22 38.28
N MET B 197 -19.37 35.50 38.10
CA MET B 197 -18.36 36.53 37.99
C MET B 197 -17.78 36.89 39.37
N PHE B 198 -16.46 37.09 39.39
CA PHE B 198 -15.77 37.53 40.60
C PHE B 198 -16.13 38.99 40.88
N ASN B 199 -16.83 39.23 41.99
CA ASN B 199 -17.41 40.53 42.26
C ASN B 199 -16.83 41.18 43.52
N ASP B 200 -15.52 41.09 43.69
CA ASP B 200 -14.85 41.87 44.71
C ASP B 200 -14.39 43.21 44.15
N THR B 201 -14.37 44.23 45.00
CA THR B 201 -14.03 45.58 44.59
C THR B 201 -12.73 46.00 45.26
N PHE B 202 -11.87 46.68 44.50
CA PHE B 202 -10.58 47.15 44.99
C PHE B 202 -10.60 48.66 45.16
N SER B 203 -9.66 49.16 45.97
CA SER B 203 -9.68 50.55 46.39
C SER B 203 -9.36 51.53 45.27
N GLN B 204 -8.70 51.06 44.21
CA GLN B 204 -8.32 51.89 43.07
C GLN B 204 -7.35 53.01 43.44
N VAL B 205 -6.74 52.91 44.61
CA VAL B 205 -5.75 53.90 45.06
C VAL B 205 -4.98 53.29 46.23
N LEU B 206 -3.66 53.44 46.20
CA LEU B 206 -2.80 53.01 47.30
C LEU B 206 -2.69 54.17 48.29
N SER B 207 -3.52 54.12 49.34
CA SER B 207 -3.57 55.20 50.32
C SER B 207 -2.24 55.28 51.06
N GLY B 208 -1.46 56.31 50.79
CA GLY B 208 -0.20 56.49 51.49
C GLY B 208 -0.42 56.79 52.96
N ILE B 209 0.48 56.28 53.79
CA ILE B 209 0.37 56.40 55.23
C ILE B 209 1.69 56.95 55.78
N ASP B 210 1.59 58.01 56.59
CA ASP B 210 2.74 58.62 57.24
C ASP B 210 3.75 59.18 56.24
N ASP B 211 3.58 60.44 55.86
CA ASP B 211 4.51 61.15 54.99
C ASP B 211 4.65 60.49 53.62
N THR B 212 3.59 59.85 53.15
CA THR B 212 3.55 59.24 51.83
C THR B 212 2.26 59.61 51.14
N GLU B 213 2.36 60.13 49.92
CA GLU B 213 1.18 60.54 49.16
C GLU B 213 0.51 59.31 48.55
N ASP B 214 -0.71 59.51 48.06
CA ASP B 214 -1.44 58.43 47.43
C ASP B 214 -0.80 58.07 46.10
N TYR B 215 -1.26 56.95 45.53
CA TYR B 215 -0.75 56.43 44.26
C TYR B 215 -1.94 55.96 43.45
N ASN B 216 -2.49 56.84 42.63
CA ASN B 216 -3.69 56.52 41.87
C ASN B 216 -3.39 55.45 40.82
N LEU B 217 -4.40 54.63 40.55
CA LEU B 217 -4.30 53.51 39.62
C LEU B 217 -5.36 53.63 38.54
N THR B 218 -5.07 53.08 37.37
CA THR B 218 -5.93 53.17 36.21
C THR B 218 -6.78 51.91 36.08
N ASN B 219 -8.08 52.08 35.87
CA ASN B 219 -9.00 50.97 35.67
C ASN B 219 -9.31 50.71 34.21
N LYS B 220 -9.04 51.66 33.33
CA LYS B 220 -9.38 51.54 31.92
C LYS B 220 -8.23 50.92 31.14
N HIS B 221 -8.58 50.29 30.01
CA HIS B 221 -7.62 49.62 29.13
C HIS B 221 -6.89 48.49 29.86
N ILE B 222 -7.66 47.58 30.43
CA ILE B 222 -7.11 46.39 31.06
C ILE B 222 -7.44 45.11 30.30
N SER B 223 -8.43 45.12 29.43
CA SER B 223 -8.81 43.94 28.66
C SER B 223 -8.19 44.01 27.27
N TRP B 224 -8.47 42.99 26.47
CA TRP B 224 -7.93 42.92 25.11
C TRP B 224 -8.61 43.96 24.22
N SER B 225 -7.87 44.42 23.21
CA SER B 225 -8.40 45.40 22.29
C SER B 225 -9.58 44.84 21.51
N ILE B 226 -9.57 43.53 21.23
CA ILE B 226 -10.68 42.93 20.51
C ILE B 226 -11.91 42.81 21.40
N ASP B 227 -11.71 42.70 22.72
CA ASP B 227 -12.85 42.60 23.63
C ASP B 227 -13.65 43.90 23.66
N ARG B 228 -12.96 45.04 23.73
CA ARG B 228 -13.65 46.31 23.69
C ARG B 228 -14.39 46.52 22.38
N HIS B 229 -13.92 45.88 21.30
CA HIS B 229 -14.54 46.05 20.00
C HIS B 229 -15.79 45.19 19.85
N ARG B 230 -15.78 43.97 20.39
CA ARG B 230 -16.89 43.06 20.23
C ARG B 230 -17.94 43.18 21.32
N PHE B 231 -17.55 43.59 22.53
CA PHE B 231 -18.51 43.83 23.60
C PHE B 231 -19.19 45.17 23.37
N LYS B 232 -20.48 45.14 23.03
CA LYS B 232 -21.21 46.35 22.71
C LYS B 232 -22.46 46.44 23.59
N THR B 233 -22.93 47.67 23.77
CA THR B 233 -24.11 47.92 24.60
C THR B 233 -25.32 47.20 24.02
N THR B 234 -26.12 46.61 24.91
CA THR B 234 -27.27 45.83 24.49
C THR B 234 -28.37 46.74 23.94
N LYS B 235 -29.35 46.11 23.28
CA LYS B 235 -30.51 46.80 22.74
C LYS B 235 -31.81 46.17 23.22
N TYR B 236 -31.78 45.47 24.34
CA TYR B 236 -32.97 44.83 24.90
C TYR B 236 -33.87 45.88 25.56
N ASN B 237 -35.06 45.42 25.94
CA ASN B 237 -35.96 46.19 26.79
C ASN B 237 -35.93 45.65 28.20
N ALA B 238 -35.88 46.56 29.17
CA ALA B 238 -35.78 46.16 30.57
C ALA B 238 -37.05 45.47 31.08
N SER B 239 -38.12 45.47 30.32
CA SER B 239 -39.35 44.79 30.69
C SER B 239 -39.44 43.37 30.14
N ASP B 240 -38.42 42.92 29.41
CA ASP B 240 -38.41 41.57 28.84
C ASP B 240 -37.17 40.78 29.20
N ILE B 241 -36.34 41.29 30.11
CA ILE B 241 -35.13 40.58 30.54
C ILE B 241 -35.07 40.56 32.06
N VAL B 242 -34.29 39.62 32.58
CA VAL B 242 -34.08 39.49 34.02
C VAL B 242 -32.61 39.22 34.28
N PRO B 243 -32.10 39.72 35.41
CA PRO B 243 -30.69 39.50 35.75
C PRO B 243 -30.40 38.04 36.03
N PRO B 244 -29.15 37.61 35.94
CA PRO B 244 -28.81 36.23 36.30
C PRO B 244 -29.01 36.00 37.78
N PRO B 245 -29.17 34.74 38.20
CA PRO B 245 -29.50 34.48 39.62
C PRO B 245 -28.51 35.06 40.61
N ASN B 246 -27.21 34.95 40.33
CA ASN B 246 -26.20 35.46 41.26
C ASN B 246 -26.04 36.97 41.21
N TRP B 247 -26.78 37.66 40.34
CA TRP B 247 -26.74 39.12 40.28
C TRP B 247 -28.00 39.75 40.86
N MET B 248 -28.88 38.95 41.48
CA MET B 248 -30.10 39.49 42.05
C MET B 248 -29.88 40.22 43.38
N LYS B 249 -28.64 40.38 43.81
CA LYS B 249 -28.35 41.19 44.98
C LYS B 249 -27.98 42.63 44.59
N LYS B 250 -27.17 42.80 43.56
CA LYS B 250 -26.82 44.14 43.09
C LYS B 250 -27.96 44.76 42.28
N TYR B 251 -28.75 43.94 41.58
CA TYR B 251 -29.88 44.41 40.79
C TYR B 251 -31.17 43.76 41.30
N PRO B 252 -31.67 44.19 42.45
CA PRO B 252 -32.96 43.67 42.93
C PRO B 252 -34.10 44.28 42.13
N ASP B 253 -35.28 43.68 42.32
CA ASP B 253 -36.51 44.10 41.63
C ASP B 253 -36.38 44.03 40.10
N GLY B 254 -35.42 43.25 39.61
CA GLY B 254 -35.25 43.09 38.18
C GLY B 254 -34.45 44.23 37.55
N TYR B 255 -34.51 44.26 36.23
CA TYR B 255 -33.83 45.28 35.44
C TYR B 255 -34.74 46.48 35.19
N THR B 256 -34.12 47.65 35.13
CA THR B 256 -34.82 48.90 34.83
C THR B 256 -34.05 49.63 33.73
N ASP B 257 -34.57 50.79 33.33
CA ASP B 257 -33.92 51.57 32.29
C ASP B 257 -32.60 52.17 32.76
N GLU B 258 -32.42 52.34 34.06
CA GLU B 258 -31.19 52.89 34.62
C GLU B 258 -30.23 51.83 35.12
N ASN B 259 -30.74 50.72 35.68
CA ASN B 259 -29.88 49.68 36.22
C ASN B 259 -29.18 48.88 35.12
N LEU B 260 -29.66 48.96 33.88
CA LEU B 260 -29.11 48.16 32.79
C LEU B 260 -27.63 48.48 32.59
N PRO B 261 -26.74 47.49 32.70
CA PRO B 261 -25.31 47.78 32.60
C PRO B 261 -24.86 47.97 31.16
N ASP B 262 -23.69 48.57 31.02
CA ASP B 262 -23.05 48.80 29.73
C ASP B 262 -21.79 47.94 29.67
N ILE B 263 -21.86 46.85 28.92
CA ILE B 263 -20.75 45.89 28.87
C ILE B 263 -19.61 46.35 27.98
N HIS B 264 -19.76 47.47 27.28
CA HIS B 264 -18.64 48.01 26.49
C HIS B 264 -17.64 48.75 27.39
N THR B 265 -18.14 49.50 28.37
CA THR B 265 -17.28 50.21 29.30
C THR B 265 -16.85 49.34 30.48
N TRP B 266 -17.69 48.39 30.88
CA TRP B 266 -17.40 47.50 31.99
C TRP B 266 -16.26 46.55 31.64
N GLU B 267 -15.02 46.96 31.87
CA GLU B 267 -13.87 46.14 31.51
C GLU B 267 -13.62 45.01 32.48
N GLU B 268 -14.10 45.11 33.72
CA GLU B 268 -14.01 43.98 34.65
C GLU B 268 -14.83 42.80 34.16
N PHE B 269 -15.91 43.07 33.43
CA PHE B 269 -16.71 41.99 32.86
C PHE B 269 -15.98 41.35 31.68
N GLN B 270 -15.26 42.15 30.90
CA GLN B 270 -14.55 41.62 29.73
C GLN B 270 -13.37 40.75 30.16
N VAL B 271 -12.65 41.16 31.21
CA VAL B 271 -11.50 40.39 31.66
C VAL B 271 -11.93 39.04 32.19
N TRP B 272 -13.09 38.98 32.85
CA TRP B 272 -13.55 37.71 33.42
C TRP B 272 -14.04 36.75 32.35
N MET B 273 -14.62 37.25 31.27
CA MET B 273 -15.17 36.39 30.23
C MET B 273 -14.09 35.65 29.44
N ARG B 274 -12.84 36.08 29.52
CA ARG B 274 -11.73 35.37 28.87
C ARG B 274 -11.31 34.22 29.78
N THR B 275 -11.86 33.04 29.53
CA THR B 275 -11.57 31.88 30.37
C THR B 275 -10.09 31.53 30.29
N ALA B 276 -9.52 31.15 31.44
CA ALA B 276 -8.12 30.79 31.52
C ALA B 276 -7.93 29.31 31.21
N ALA B 277 -6.66 28.90 31.12
CA ALA B 277 -6.33 27.52 30.78
C ALA B 277 -6.13 26.64 32.00
N PHE B 278 -5.72 27.19 33.12
CA PHE B 278 -5.38 26.44 34.32
C PHE B 278 -6.17 26.95 35.51
N PRO B 279 -6.37 26.12 36.54
CA PRO B 279 -7.12 26.58 37.72
C PRO B 279 -6.40 27.66 38.53
N LYS B 280 -5.13 27.94 38.26
CA LYS B 280 -4.39 29.02 38.90
C LYS B 280 -4.14 30.09 37.85
N PHE B 281 -4.77 31.25 38.02
CA PHE B 281 -4.69 32.29 37.00
C PHE B 281 -4.76 33.66 37.64
N TYR B 282 -4.14 34.63 36.99
CA TYR B 282 -4.25 36.04 37.35
C TYR B 282 -5.35 36.71 36.52
N LYS B 283 -5.80 37.86 36.99
CA LYS B 283 -6.74 38.71 36.27
C LYS B 283 -6.38 40.16 36.56
N LEU B 284 -6.15 40.94 35.53
CA LEU B 284 -5.75 42.33 35.70
C LEU B 284 -6.96 43.18 36.09
N THR B 285 -6.74 44.12 36.99
CA THR B 285 -7.79 45.05 37.43
C THR B 285 -7.33 46.50 37.49
N LEU B 286 -6.11 46.75 37.97
CA LEU B 286 -5.60 48.10 38.10
C LEU B 286 -4.16 48.15 37.62
N LYS B 287 -3.71 49.33 37.23
CA LYS B 287 -2.35 49.52 36.76
C LYS B 287 -2.01 51.00 36.79
N ASN B 288 -0.72 51.30 36.69
CA ASN B 288 -0.23 52.67 36.66
C ASN B 288 1.08 52.69 35.91
N GLU B 289 1.13 53.41 34.79
CA GLU B 289 2.31 53.43 33.93
C GLU B 289 2.90 54.82 33.77
N SER B 290 2.41 55.81 34.52
CA SER B 290 2.84 57.20 34.34
C SER B 290 4.13 57.50 35.10
N ALA B 291 4.11 57.31 36.42
CA ALA B 291 5.23 57.70 37.27
C ALA B 291 5.70 56.50 38.08
N SER B 292 6.81 56.70 38.80
CA SER B 292 7.39 55.66 39.63
C SER B 292 6.64 55.55 40.95
N LEU B 293 6.88 54.44 41.65
CA LEU B 293 6.28 54.20 42.96
C LEU B 293 7.33 54.44 44.03
N PRO B 294 7.28 55.56 44.75
CA PRO B 294 8.30 55.81 45.78
C PRO B 294 8.13 54.89 46.98
N LYS B 295 9.18 54.85 47.79
CA LYS B 295 9.18 53.98 48.96
C LYS B 295 8.30 54.56 50.06
N GLY B 296 7.65 53.67 50.81
CA GLY B 296 6.79 54.09 51.89
C GLY B 296 5.80 53.00 52.23
N LYS B 297 4.85 53.36 53.10
CA LYS B 297 3.82 52.44 53.57
C LYS B 297 2.49 52.81 52.93
N TYR B 298 1.77 51.79 52.46
CA TYR B 298 0.53 51.99 51.72
C TYR B 298 -0.57 51.12 52.32
N GLN B 299 -1.79 51.32 51.83
CA GLN B 299 -2.95 50.59 52.31
C GLN B 299 -3.89 50.31 51.14
N MET B 300 -4.49 49.12 51.16
CA MET B 300 -5.42 48.71 50.10
C MET B 300 -6.71 48.25 50.75
N ASN B 301 -7.83 48.84 50.32
CA ASN B 301 -9.15 48.46 50.81
C ASN B 301 -9.79 47.52 49.79
N ILE B 302 -10.29 46.38 50.28
CA ILE B 302 -10.88 45.35 49.45
C ILE B 302 -12.23 44.99 50.03
N GLU B 303 -13.30 45.25 49.27
CA GLU B 303 -14.63 44.83 49.69
C GLU B 303 -14.77 43.33 49.51
N LEU B 304 -15.21 42.64 50.57
CA LEU B 304 -15.31 41.18 50.57
C LEU B 304 -16.73 40.81 50.16
N ASN B 305 -16.90 40.44 48.89
CA ASN B 305 -18.18 39.99 48.36
C ASN B 305 -18.16 38.57 47.83
N TYR B 306 -17.01 38.07 47.38
CA TYR B 306 -16.94 36.76 46.77
C TYR B 306 -16.49 35.73 47.80
N PRO B 307 -17.34 34.78 48.18
CA PRO B 307 -16.94 33.79 49.19
C PRO B 307 -16.10 32.68 48.59
N ILE B 308 -15.06 32.27 49.31
CA ILE B 308 -14.22 31.17 48.86
C ILE B 308 -14.87 29.81 49.04
N SER B 309 -16.04 29.76 49.69
CA SER B 309 -16.77 28.51 49.81
C SER B 309 -17.49 28.13 48.52
N LEU B 310 -17.55 29.04 47.55
CA LEU B 310 -18.21 28.72 46.29
C LEU B 310 -17.35 27.79 45.43
N PHE B 311 -16.04 28.00 45.43
CA PHE B 311 -15.12 27.23 44.62
C PHE B 311 -14.05 26.51 45.42
N GLY B 312 -14.05 26.63 46.74
CA GLY B 312 -13.13 25.90 47.58
C GLY B 312 -11.67 26.26 47.42
N GLY B 313 -11.37 27.38 46.78
CA GLY B 313 -9.99 27.78 46.59
C GLY B 313 -9.57 28.94 47.46
N THR B 314 -8.71 29.80 46.95
CA THR B 314 -8.22 30.96 47.69
C THR B 314 -8.35 32.22 46.84
N LYS B 315 -8.07 33.35 47.47
CA LYS B 315 -8.07 34.65 46.81
C LYS B 315 -6.83 35.40 47.27
N SER B 316 -6.14 36.06 46.33
CA SER B 316 -4.88 36.73 46.63
C SER B 316 -4.88 38.13 46.04
N PHE B 317 -4.00 38.96 46.58
CA PHE B 317 -3.75 40.31 46.09
C PHE B 317 -2.32 40.37 45.59
N VAL B 318 -2.15 40.58 44.29
CA VAL B 318 -0.85 40.54 43.65
C VAL B 318 -0.49 41.94 43.17
N LEU B 319 0.77 42.32 43.38
CA LEU B 319 1.30 43.61 42.94
C LEU B 319 2.67 43.35 42.34
N THR B 320 2.75 43.30 41.02
CA THR B 320 3.96 42.94 40.31
C THR B 320 4.40 44.07 39.39
N THR B 321 5.61 43.91 38.84
CA THR B 321 6.06 44.76 37.74
C THR B 321 5.90 43.98 36.44
N ASN B 322 6.92 44.04 35.57
CA ASN B 322 6.86 43.29 34.33
C ASN B 322 8.27 43.16 33.76
N GLY B 323 8.51 42.06 33.06
CA GLY B 323 9.80 41.82 32.46
C GLY B 323 9.69 41.36 31.01
N ALA B 324 10.81 40.96 30.42
CA ALA B 324 10.79 40.50 29.04
C ALA B 324 10.02 39.18 28.91
N ILE B 325 10.13 38.30 29.90
CA ILE B 325 9.46 37.01 29.86
C ILE B 325 8.41 36.96 30.97
N GLY B 326 7.39 37.79 30.86
CA GLY B 326 6.33 37.82 31.85
C GLY B 326 6.78 38.51 33.12
N GLY B 327 6.61 37.84 34.26
CA GLY B 327 7.00 38.41 35.53
C GLY B 327 7.41 37.37 36.57
N ARG B 328 8.69 37.37 36.92
CA ARG B 328 9.24 36.49 37.95
C ARG B 328 8.95 35.02 37.64
N ASN B 329 9.69 34.45 36.70
CA ASN B 329 9.51 33.04 36.35
C ASN B 329 10.81 32.57 35.71
N MET B 330 11.44 31.56 36.31
CA MET B 330 12.70 31.03 35.82
C MET B 330 12.54 29.68 35.13
N SER B 331 11.33 29.36 34.66
CA SER B 331 11.11 28.11 33.94
C SER B 331 11.84 28.12 32.60
N LEU B 332 11.69 29.21 31.85
CA LEU B 332 12.35 29.30 30.55
C LEU B 332 13.85 29.50 30.71
N GLY B 333 14.27 30.13 31.81
CA GLY B 333 15.68 30.41 32.00
C GLY B 333 16.50 29.16 32.26
N VAL B 334 15.92 28.18 32.95
CA VAL B 334 16.67 26.98 33.28
C VAL B 334 16.68 25.99 32.12
N LEU B 335 15.66 26.01 31.29
CA LEU B 335 15.61 25.09 30.15
C LEU B 335 16.76 25.36 29.18
N TYR B 336 17.12 26.63 29.01
CA TYR B 336 18.29 26.95 28.20
C TYR B 336 19.58 26.49 28.86
N LEU B 337 19.57 26.39 30.19
CA LEU B 337 20.75 25.90 30.90
C LEU B 337 20.74 24.37 31.01
N ILE B 338 19.55 23.77 31.03
CA ILE B 338 19.47 22.31 31.05
C ILE B 338 19.95 21.73 29.74
N VAL B 339 19.49 22.28 28.62
CA VAL B 339 19.92 21.79 27.31
C VAL B 339 21.42 22.05 27.12
N ALA B 340 21.89 23.23 27.51
CA ALA B 340 23.32 23.51 27.45
C ALA B 340 24.09 22.62 28.42
N GLY B 341 23.43 22.13 29.46
CA GLY B 341 24.09 21.23 30.38
C GLY B 341 24.19 19.81 29.84
N LEU B 342 23.12 19.32 29.22
CA LEU B 342 23.16 17.98 28.64
C LEU B 342 24.15 17.90 27.49
N CYS B 343 24.21 18.95 26.66
CA CYS B 343 25.15 18.96 25.55
C CYS B 343 26.59 19.00 26.05
N ALA B 344 26.86 19.82 27.07
CA ALA B 344 28.20 19.87 27.64
C ALA B 344 28.54 18.57 28.36
N LEU B 345 27.54 17.88 28.89
CA LEU B 345 27.78 16.61 29.56
C LEU B 345 28.21 15.54 28.56
N PHE B 346 27.36 15.24 27.58
CA PHE B 346 27.70 14.24 26.57
C PHE B 346 28.80 14.74 25.64
N GLY B 347 29.03 16.05 25.60
CA GLY B 347 30.14 16.56 24.81
C GLY B 347 31.49 16.13 25.35
N ILE B 348 31.57 15.94 26.67
CA ILE B 348 32.81 15.47 27.27
C ILE B 348 32.80 13.96 27.41
N ILE B 349 31.63 13.37 27.62
CA ILE B 349 31.52 11.91 27.69
C ILE B 349 31.95 11.28 26.37
N PHE B 350 31.39 11.77 25.26
CA PHE B 350 31.75 11.22 23.95
C PHE B 350 33.17 11.58 23.56
N LEU B 351 33.73 12.63 24.15
CA LEU B 351 35.08 13.04 23.80
C LEU B 351 36.12 12.11 24.42
N VAL B 352 35.99 11.82 25.71
CA VAL B 352 36.95 10.94 26.36
C VAL B 352 36.77 9.51 25.89
N LYS B 353 35.54 9.13 25.51
CA LYS B 353 35.32 7.80 24.97
C LYS B 353 36.01 7.64 23.62
N LEU B 354 36.15 8.73 22.88
CA LEU B 354 36.86 8.69 21.60
C LEU B 354 38.36 8.67 21.80
N ILE B 355 38.86 9.32 22.86
CA ILE B 355 40.30 9.39 23.08
C ILE B 355 40.81 8.10 23.71
N PHE B 356 40.07 7.56 24.69
CA PHE B 356 40.56 6.40 25.45
C PHE B 356 40.25 5.09 24.73
N GLN B 357 38.97 4.82 24.46
CA GLN B 357 38.53 3.56 23.87
C GLN B 357 37.85 3.83 22.53
N PRO B 358 38.61 4.01 21.46
CA PRO B 358 38.00 4.19 20.14
C PRO B 358 37.32 2.91 19.67
N ARG B 359 36.56 3.04 18.58
CA ARG B 359 35.81 1.91 18.05
C ARG B 359 36.76 0.86 17.46
N ALA B 360 37.65 1.27 16.57
CA ALA B 360 38.62 0.39 15.94
C ALA B 360 37.95 -0.81 15.29
N MET B 361 36.75 -0.59 14.75
CA MET B 361 35.98 -1.65 14.11
C MET B 361 36.24 -1.74 12.62
N GLY B 362 37.53 -1.77 12.26
CA GLY B 362 37.89 -1.84 10.85
C GLY B 362 37.56 -0.56 10.11
N ASP B 363 37.36 -0.70 8.80
CA ASP B 363 37.03 0.45 7.96
C ASP B 363 36.20 -0.02 6.77
N HIS B 364 36.71 -1.02 6.03
CA HIS B 364 36.01 -1.57 4.89
C HIS B 364 35.46 -2.97 5.12
N THR B 365 35.81 -3.60 6.25
CA THR B 365 35.36 -4.96 6.54
C THR B 365 33.98 -4.91 7.17
N TYR B 366 32.98 -5.42 6.45
CA TYR B 366 31.62 -5.46 6.97
C TYR B 366 31.50 -6.53 8.05
N LEU B 367 30.34 -6.54 8.72
CA LEU B 367 30.15 -7.45 9.84
C LEU B 367 30.02 -8.90 9.37
N ASN B 368 29.36 -9.13 8.24
CA ASN B 368 29.18 -10.47 7.71
C ASN B 368 30.52 -11.04 7.22
#